data_1YZZ
# 
_entry.id   1YZZ 
# 
_audit_conform.dict_name       mmcif_pdbx.dic 
_audit_conform.dict_version    5.398 
_audit_conform.dict_location   http://mmcif.pdb.org/dictionaries/ascii/mmcif_pdbx.dic 
# 
loop_
_database_2.database_id 
_database_2.database_code 
_database_2.pdbx_database_accession 
_database_2.pdbx_DOI 
PDB   1YZZ         pdb_00001yzz 10.2210/pdb1yzz/pdb 
RCSB  RCSB032124   ?            ?                   
WWPDB D_1000032124 ?            ?                   
# 
loop_
_pdbx_audit_revision_history.ordinal 
_pdbx_audit_revision_history.data_content_type 
_pdbx_audit_revision_history.major_revision 
_pdbx_audit_revision_history.minor_revision 
_pdbx_audit_revision_history.revision_date 
1 'Structure model' 1 0 2005-06-14 
2 'Structure model' 1 1 2008-04-30 
3 'Structure model' 1 2 2011-07-13 
4 'Structure model' 1 3 2023-08-23 
5 'Structure model' 1 4 2024-11-13 
# 
_pdbx_audit_revision_details.ordinal             1 
_pdbx_audit_revision_details.revision_ordinal    1 
_pdbx_audit_revision_details.data_content_type   'Structure model' 
_pdbx_audit_revision_details.provider            repository 
_pdbx_audit_revision_details.type                'Initial release' 
_pdbx_audit_revision_details.description         ? 
_pdbx_audit_revision_details.details             ? 
# 
loop_
_pdbx_audit_revision_group.ordinal 
_pdbx_audit_revision_group.revision_ordinal 
_pdbx_audit_revision_group.data_content_type 
_pdbx_audit_revision_group.group 
1 2 'Structure model' 'Version format compliance' 
2 3 'Structure model' 'Version format compliance' 
3 4 'Structure model' 'Data collection'           
4 4 'Structure model' 'Database references'       
5 4 'Structure model' 'Refinement description'    
6 5 'Structure model' 'Structure summary'         
# 
loop_
_pdbx_audit_revision_category.ordinal 
_pdbx_audit_revision_category.revision_ordinal 
_pdbx_audit_revision_category.data_content_type 
_pdbx_audit_revision_category.category 
1 4 'Structure model' chem_comp_atom                
2 4 'Structure model' chem_comp_bond                
3 4 'Structure model' database_2                    
4 4 'Structure model' diffrn_source                 
5 4 'Structure model' pdbx_initial_refinement_model 
6 4 'Structure model' struct_ref_seq_dif            
7 5 'Structure model' pdbx_entry_details            
8 5 'Structure model' pdbx_modification_feature     
# 
loop_
_pdbx_audit_revision_item.ordinal 
_pdbx_audit_revision_item.revision_ordinal 
_pdbx_audit_revision_item.data_content_type 
_pdbx_audit_revision_item.item 
1 4 'Structure model' '_database_2.pdbx_DOI'                 
2 4 'Structure model' '_database_2.pdbx_database_accession'  
3 4 'Structure model' '_diffrn_source.pdbx_synchrotron_site' 
4 4 'Structure model' '_struct_ref_seq_dif.details'          
# 
_pdbx_database_status.status_code                     REL 
_pdbx_database_status.entry_id                        1YZZ 
_pdbx_database_status.recvd_initial_deposition_date   2005-03-01 
_pdbx_database_status.deposit_site                    RCSB 
_pdbx_database_status.process_site                    RCSB 
_pdbx_database_status.status_code_sf                  REL 
_pdbx_database_status.status_code_mr                  ? 
_pdbx_database_status.SG_entry                        ? 
_pdbx_database_status.pdb_format_compatible           Y 
_pdbx_database_status.status_code_cs                  ? 
_pdbx_database_status.status_code_nmr_data            ? 
_pdbx_database_status.methods_development_category    ? 
# 
loop_
_pdbx_database_related.db_name 
_pdbx_database_related.db_id 
_pdbx_database_related.details 
_pdbx_database_related.content_type 
PDB 1YC8 'humanized caban33 (100K)' unspecified 
PDB 1YC7 'caban33 (wild-type)'      unspecified 
# 
loop_
_audit_author.name 
_audit_author.pdbx_ordinal 
'Conrath, K.'     1 
'Vincke, C.'      2 
'Stijlemans, B.'  3 
'Schymkowitz, J.' 4 
'Decanniere, K.'  5 
'Muyldermans, S.' 6 
'Loris, R.'       7 
# 
_citation.id                        primary 
_citation.title                     
'Antigen binding and solubility effects upon the veneering of a camel VHH in framework-2 to mimic a VH.' 
_citation.journal_abbrev            J.Mol.Biol. 
_citation.journal_volume            350 
_citation.page_first                112 
_citation.page_last                 125 
_citation.year                      2005 
_citation.journal_id_ASTM           JMOBAK 
_citation.country                   UK 
_citation.journal_id_ISSN           0022-2836 
_citation.journal_id_CSD            0070 
_citation.book_publisher            ? 
_citation.pdbx_database_id_PubMed   15913651 
_citation.pdbx_database_id_DOI      10.1016/j.jmb.2005.04.050 
# 
loop_
_citation_author.citation_id 
_citation_author.name 
_citation_author.ordinal 
_citation_author.identifier_ORCID 
primary 'Conrath, K.'     1 ? 
primary 'Vincke, C.'      2 ? 
primary 'Stijlemans, B.'  3 ? 
primary 'Schymkowitz, J.' 4 ? 
primary 'Decanniere, K.'  5 ? 
primary 'Wyns, L.'        6 ? 
primary 'Muyldermans, S.' 7 ? 
primary 'Loris, R.'       8 ? 
# 
loop_
_entity.id 
_entity.type 
_entity.src_method 
_entity.pdbx_description 
_entity.formula_weight 
_entity.pdbx_number_of_molecules 
_entity.pdbx_ec 
_entity.pdbx_mutation 
_entity.pdbx_fragment 
_entity.details 
1 polymer man 'anti-VSG immunoglobulin heavy chain variable domain cAbAn33' 13615.040 2  ? ? ? ? 
2 water   nat water                                                         18.015    17 ? ? ? ? 
# 
_entity_poly.entity_id                      1 
_entity_poly.type                           'polypeptide(L)' 
_entity_poly.nstd_linkage                   no 
_entity_poly.nstd_monomer                   no 
_entity_poly.pdbx_seq_one_letter_code       
;DVQLVESGGGSVQAGGSLRLSCAVSGSTYSPCTTGWVRQAPGKGLEWVSSISSPGTIYYQDSVKGRFTISRDNAKNTVYL
QMNSLQREDTGMYYCQIQCGVRSIREYWGQGTQVTVSSHHHHHH
;
_entity_poly.pdbx_seq_one_letter_code_can   
;DVQLVESGGGSVQAGGSLRLSCAVSGSTYSPCTTGWVRQAPGKGLEWVSSISSPGTIYYQDSVKGRFTISRDNAKNTVYL
QMNSLQREDTGMYYCQIQCGVRSIREYWGQGTQVTVSSHHHHHH
;
_entity_poly.pdbx_strand_id                 A,B 
_entity_poly.pdbx_target_identifier         ? 
# 
_pdbx_entity_nonpoly.entity_id   2 
_pdbx_entity_nonpoly.name        water 
_pdbx_entity_nonpoly.comp_id     HOH 
# 
loop_
_entity_poly_seq.entity_id 
_entity_poly_seq.num 
_entity_poly_seq.mon_id 
_entity_poly_seq.hetero 
1 1   ASP n 
1 2   VAL n 
1 3   GLN n 
1 4   LEU n 
1 5   VAL n 
1 6   GLU n 
1 7   SER n 
1 8   GLY n 
1 9   GLY n 
1 10  GLY n 
1 11  SER n 
1 12  VAL n 
1 13  GLN n 
1 14  ALA n 
1 15  GLY n 
1 16  GLY n 
1 17  SER n 
1 18  LEU n 
1 19  ARG n 
1 20  LEU n 
1 21  SER n 
1 22  CYS n 
1 23  ALA n 
1 24  VAL n 
1 25  SER n 
1 26  GLY n 
1 27  SER n 
1 28  THR n 
1 29  TYR n 
1 30  SER n 
1 31  PRO n 
1 32  CYS n 
1 33  THR n 
1 34  THR n 
1 35  GLY n 
1 36  TRP n 
1 37  VAL n 
1 38  ARG n 
1 39  GLN n 
1 40  ALA n 
1 41  PRO n 
1 42  GLY n 
1 43  LYS n 
1 44  GLY n 
1 45  LEU n 
1 46  GLU n 
1 47  TRP n 
1 48  VAL n 
1 49  SER n 
1 50  SER n 
1 51  ILE n 
1 52  SER n 
1 53  SER n 
1 54  PRO n 
1 55  GLY n 
1 56  THR n 
1 57  ILE n 
1 58  TYR n 
1 59  TYR n 
1 60  GLN n 
1 61  ASP n 
1 62  SER n 
1 63  VAL n 
1 64  LYS n 
1 65  GLY n 
1 66  ARG n 
1 67  PHE n 
1 68  THR n 
1 69  ILE n 
1 70  SER n 
1 71  ARG n 
1 72  ASP n 
1 73  ASN n 
1 74  ALA n 
1 75  LYS n 
1 76  ASN n 
1 77  THR n 
1 78  VAL n 
1 79  TYR n 
1 80  LEU n 
1 81  GLN n 
1 82  MET n 
1 83  ASN n 
1 84  SER n 
1 85  LEU n 
1 86  GLN n 
1 87  ARG n 
1 88  GLU n 
1 89  ASP n 
1 90  THR n 
1 91  GLY n 
1 92  MET n 
1 93  TYR n 
1 94  TYR n 
1 95  CYS n 
1 96  GLN n 
1 97  ILE n 
1 98  GLN n 
1 99  CYS n 
1 100 GLY n 
1 101 VAL n 
1 102 ARG n 
1 103 SER n 
1 104 ILE n 
1 105 ARG n 
1 106 GLU n 
1 107 TYR n 
1 108 TRP n 
1 109 GLY n 
1 110 GLN n 
1 111 GLY n 
1 112 THR n 
1 113 GLN n 
1 114 VAL n 
1 115 THR n 
1 116 VAL n 
1 117 SER n 
1 118 SER n 
1 119 HIS n 
1 120 HIS n 
1 121 HIS n 
1 122 HIS n 
1 123 HIS n 
1 124 HIS n 
# 
_entity_src_gen.entity_id                          1 
_entity_src_gen.pdbx_src_id                        1 
_entity_src_gen.pdbx_alt_source_flag               sample 
_entity_src_gen.pdbx_seq_type                      ? 
_entity_src_gen.pdbx_beg_seq_num                   ? 
_entity_src_gen.pdbx_end_seq_num                   ? 
_entity_src_gen.gene_src_common_name               'Arabian camel' 
_entity_src_gen.gene_src_genus                     Camelus 
_entity_src_gen.pdbx_gene_src_gene                 ? 
_entity_src_gen.gene_src_species                   ? 
_entity_src_gen.gene_src_strain                    ? 
_entity_src_gen.gene_src_tissue                    ? 
_entity_src_gen.gene_src_tissue_fraction           ? 
_entity_src_gen.gene_src_details                   ? 
_entity_src_gen.pdbx_gene_src_fragment             ? 
_entity_src_gen.pdbx_gene_src_scientific_name      'Camelus dromedarius' 
_entity_src_gen.pdbx_gene_src_ncbi_taxonomy_id     9838 
_entity_src_gen.pdbx_gene_src_variant              ? 
_entity_src_gen.pdbx_gene_src_cell_line            ? 
_entity_src_gen.pdbx_gene_src_atcc                 ? 
_entity_src_gen.pdbx_gene_src_organ                ? 
_entity_src_gen.pdbx_gene_src_organelle            ? 
_entity_src_gen.pdbx_gene_src_cell                 ? 
_entity_src_gen.pdbx_gene_src_cellular_location    ? 
_entity_src_gen.host_org_common_name               ? 
_entity_src_gen.pdbx_host_org_scientific_name      'Escherichia coli' 
_entity_src_gen.pdbx_host_org_ncbi_taxonomy_id     562 
_entity_src_gen.host_org_genus                     Escherichia 
_entity_src_gen.pdbx_host_org_gene                 ? 
_entity_src_gen.pdbx_host_org_organ                ? 
_entity_src_gen.host_org_species                   ? 
_entity_src_gen.pdbx_host_org_tissue               ? 
_entity_src_gen.pdbx_host_org_tissue_fraction      ? 
_entity_src_gen.pdbx_host_org_strain               ? 
_entity_src_gen.pdbx_host_org_variant              ? 
_entity_src_gen.pdbx_host_org_cell_line            ? 
_entity_src_gen.pdbx_host_org_atcc                 ? 
_entity_src_gen.pdbx_host_org_culture_collection   ? 
_entity_src_gen.pdbx_host_org_cell                 ? 
_entity_src_gen.pdbx_host_org_organelle            ? 
_entity_src_gen.pdbx_host_org_cellular_location    ? 
_entity_src_gen.pdbx_host_org_vector_type          ? 
_entity_src_gen.pdbx_host_org_vector               ? 
_entity_src_gen.host_org_details                   ? 
_entity_src_gen.expression_system_id               ? 
_entity_src_gen.plasmid_name                       ? 
_entity_src_gen.plasmid_details                    ? 
_entity_src_gen.pdbx_description                   ? 
# 
loop_
_chem_comp.id 
_chem_comp.type 
_chem_comp.mon_nstd_flag 
_chem_comp.name 
_chem_comp.pdbx_synonyms 
_chem_comp.formula 
_chem_comp.formula_weight 
ALA 'L-peptide linking' y ALANINE         ? 'C3 H7 N O2'     89.093  
ARG 'L-peptide linking' y ARGININE        ? 'C6 H15 N4 O2 1' 175.209 
ASN 'L-peptide linking' y ASPARAGINE      ? 'C4 H8 N2 O3'    132.118 
ASP 'L-peptide linking' y 'ASPARTIC ACID' ? 'C4 H7 N O4'     133.103 
CYS 'L-peptide linking' y CYSTEINE        ? 'C3 H7 N O2 S'   121.158 
GLN 'L-peptide linking' y GLUTAMINE       ? 'C5 H10 N2 O3'   146.144 
GLU 'L-peptide linking' y 'GLUTAMIC ACID' ? 'C5 H9 N O4'     147.129 
GLY 'peptide linking'   y GLYCINE         ? 'C2 H5 N O2'     75.067  
HIS 'L-peptide linking' y HISTIDINE       ? 'C6 H10 N3 O2 1' 156.162 
HOH non-polymer         . WATER           ? 'H2 O'           18.015  
ILE 'L-peptide linking' y ISOLEUCINE      ? 'C6 H13 N O2'    131.173 
LEU 'L-peptide linking' y LEUCINE         ? 'C6 H13 N O2'    131.173 
LYS 'L-peptide linking' y LYSINE          ? 'C6 H15 N2 O2 1' 147.195 
MET 'L-peptide linking' y METHIONINE      ? 'C5 H11 N O2 S'  149.211 
PHE 'L-peptide linking' y PHENYLALANINE   ? 'C9 H11 N O2'    165.189 
PRO 'L-peptide linking' y PROLINE         ? 'C5 H9 N O2'     115.130 
SER 'L-peptide linking' y SERINE          ? 'C3 H7 N O3'     105.093 
THR 'L-peptide linking' y THREONINE       ? 'C4 H9 N O3'     119.119 
TRP 'L-peptide linking' y TRYPTOPHAN      ? 'C11 H12 N2 O2'  204.225 
TYR 'L-peptide linking' y TYROSINE        ? 'C9 H11 N O3'    181.189 
VAL 'L-peptide linking' y VALINE          ? 'C5 H11 N O2'    117.146 
# 
loop_
_pdbx_poly_seq_scheme.asym_id 
_pdbx_poly_seq_scheme.entity_id 
_pdbx_poly_seq_scheme.seq_id 
_pdbx_poly_seq_scheme.mon_id 
_pdbx_poly_seq_scheme.ndb_seq_num 
_pdbx_poly_seq_scheme.pdb_seq_num 
_pdbx_poly_seq_scheme.auth_seq_num 
_pdbx_poly_seq_scheme.pdb_mon_id 
_pdbx_poly_seq_scheme.auth_mon_id 
_pdbx_poly_seq_scheme.pdb_strand_id 
_pdbx_poly_seq_scheme.pdb_ins_code 
_pdbx_poly_seq_scheme.hetero 
A 1 1   ASP 1   1   1   ASP ASP A . n 
A 1 2   VAL 2   2   2   VAL VAL A . n 
A 1 3   GLN 3   3   3   GLN GLN A . n 
A 1 4   LEU 4   4   4   LEU LEU A . n 
A 1 5   VAL 5   5   5   VAL VAL A . n 
A 1 6   GLU 6   6   6   GLU GLU A . n 
A 1 7   SER 7   7   7   SER SER A . n 
A 1 8   GLY 8   8   8   GLY GLY A . n 
A 1 9   GLY 9   9   9   GLY GLY A . n 
A 1 10  GLY 10  10  10  GLY GLY A . n 
A 1 11  SER 11  11  11  SER SER A . n 
A 1 12  VAL 12  12  12  VAL VAL A . n 
A 1 13  GLN 13  13  13  GLN GLN A . n 
A 1 14  ALA 14  14  14  ALA ALA A . n 
A 1 15  GLY 15  15  15  GLY GLY A . n 
A 1 16  GLY 16  16  16  GLY GLY A . n 
A 1 17  SER 17  17  17  SER SER A . n 
A 1 18  LEU 18  18  18  LEU LEU A . n 
A 1 19  ARG 19  19  19  ARG ARG A . n 
A 1 20  LEU 20  20  20  LEU LEU A . n 
A 1 21  SER 21  21  21  SER SER A . n 
A 1 22  CYS 22  22  22  CYS CYS A . n 
A 1 23  ALA 23  23  23  ALA ALA A . n 
A 1 24  VAL 24  24  24  VAL VAL A . n 
A 1 25  SER 25  25  25  SER SER A . n 
A 1 26  GLY 26  26  26  GLY GLY A . n 
A 1 27  SER 27  27  27  SER SER A . n 
A 1 28  THR 28  28  28  THR THR A . n 
A 1 29  TYR 29  29  29  TYR TYR A . n 
A 1 30  SER 30  30  30  SER SER A . n 
A 1 31  PRO 31  31  31  PRO PRO A . n 
A 1 32  CYS 32  32  32  CYS CYS A . n 
A 1 33  THR 33  33  33  THR THR A . n 
A 1 34  THR 34  34  34  THR THR A . n 
A 1 35  GLY 35  35  35  GLY GLY A . n 
A 1 36  TRP 36  36  36  TRP TRP A . n 
A 1 37  VAL 37  37  37  VAL VAL A . n 
A 1 38  ARG 38  38  38  ARG ARG A . n 
A 1 39  GLN 39  39  39  GLN GLN A . n 
A 1 40  ALA 40  40  40  ALA ALA A . n 
A 1 41  PRO 41  41  41  PRO PRO A . n 
A 1 42  GLY 42  42  42  GLY GLY A . n 
A 1 43  LYS 43  43  43  LYS LYS A . n 
A 1 44  GLY 44  44  44  GLY GLY A . n 
A 1 45  LEU 45  45  45  LEU LEU A . n 
A 1 46  GLU 46  46  46  GLU GLU A . n 
A 1 47  TRP 47  47  47  TRP TRP A . n 
A 1 48  VAL 48  48  48  VAL VAL A . n 
A 1 49  SER 49  49  49  SER SER A . n 
A 1 50  SER 50  50  50  SER SER A . n 
A 1 51  ILE 51  51  51  ILE ILE A . n 
A 1 52  SER 52  52  52  SER SER A . n 
A 1 53  SER 53  53  53  SER SER A . n 
A 1 54  PRO 54  54  54  PRO PRO A . n 
A 1 55  GLY 55  55  55  GLY GLY A . n 
A 1 56  THR 56  56  56  THR THR A . n 
A 1 57  ILE 57  57  57  ILE ILE A . n 
A 1 58  TYR 58  58  58  TYR TYR A . n 
A 1 59  TYR 59  59  59  TYR TYR A . n 
A 1 60  GLN 60  60  60  GLN GLN A . n 
A 1 61  ASP 61  61  61  ASP ASP A . n 
A 1 62  SER 62  62  62  SER SER A . n 
A 1 63  VAL 63  63  63  VAL VAL A . n 
A 1 64  LYS 64  64  64  LYS LYS A . n 
A 1 65  GLY 65  65  65  GLY GLY A . n 
A 1 66  ARG 66  66  66  ARG ARG A . n 
A 1 67  PHE 67  67  67  PHE PHE A . n 
A 1 68  THR 68  68  68  THR THR A . n 
A 1 69  ILE 69  69  69  ILE ILE A . n 
A 1 70  SER 70  70  70  SER SER A . n 
A 1 71  ARG 71  71  71  ARG ARG A . n 
A 1 72  ASP 72  72  72  ASP ASP A . n 
A 1 73  ASN 73  73  73  ASN ASN A . n 
A 1 74  ALA 74  74  74  ALA ALA A . n 
A 1 75  LYS 75  75  75  LYS LYS A . n 
A 1 76  ASN 76  76  76  ASN ASN A . n 
A 1 77  THR 77  77  77  THR THR A . n 
A 1 78  VAL 78  78  78  VAL VAL A . n 
A 1 79  TYR 79  79  79  TYR TYR A . n 
A 1 80  LEU 80  80  80  LEU LEU A . n 
A 1 81  GLN 81  81  81  GLN GLN A . n 
A 1 82  MET 82  82  82  MET MET A . n 
A 1 83  ASN 83  83  83  ASN ASN A . n 
A 1 84  SER 84  84  84  SER SER A . n 
A 1 85  LEU 85  85  85  LEU LEU A . n 
A 1 86  GLN 86  86  86  GLN GLN A . n 
A 1 87  ARG 87  87  87  ARG ARG A . n 
A 1 88  GLU 88  88  88  GLU GLU A . n 
A 1 89  ASP 89  89  89  ASP ASP A . n 
A 1 90  THR 90  90  90  THR THR A . n 
A 1 91  GLY 91  91  91  GLY GLY A . n 
A 1 92  MET 92  92  92  MET MET A . n 
A 1 93  TYR 93  93  93  TYR TYR A . n 
A 1 94  TYR 94  94  94  TYR TYR A . n 
A 1 95  CYS 95  95  95  CYS CYS A . n 
A 1 96  GLN 96  96  96  GLN GLN A . n 
A 1 97  ILE 97  97  97  ILE ILE A . n 
A 1 98  GLN 98  98  98  GLN GLN A . n 
A 1 99  CYS 99  99  99  CYS CYS A . n 
A 1 100 GLY 100 100 100 GLY GLY A . n 
A 1 101 VAL 101 101 ?   ?   ?   A . n 
A 1 102 ARG 102 102 ?   ?   ?   A . n 
A 1 103 SER 103 103 103 SER SER A . n 
A 1 104 ILE 104 104 104 ILE ILE A . n 
A 1 105 ARG 105 105 105 ARG ARG A . n 
A 1 106 GLU 106 106 106 GLU GLU A . n 
A 1 107 TYR 107 107 107 TYR TYR A . n 
A 1 108 TRP 108 108 108 TRP TRP A . n 
A 1 109 GLY 109 109 109 GLY GLY A . n 
A 1 110 GLN 110 110 110 GLN GLN A . n 
A 1 111 GLY 111 111 111 GLY GLY A . n 
A 1 112 THR 112 112 112 THR THR A . n 
A 1 113 GLN 113 113 113 GLN GLN A . n 
A 1 114 VAL 114 114 114 VAL VAL A . n 
A 1 115 THR 115 115 115 THR THR A . n 
A 1 116 VAL 116 116 116 VAL VAL A . n 
A 1 117 SER 117 117 117 SER SER A . n 
A 1 118 SER 118 118 ?   ?   ?   A . n 
A 1 119 HIS 119 119 ?   ?   ?   A . n 
A 1 120 HIS 120 120 ?   ?   ?   A . n 
A 1 121 HIS 121 121 ?   ?   ?   A . n 
A 1 122 HIS 122 122 ?   ?   ?   A . n 
A 1 123 HIS 123 123 ?   ?   ?   A . n 
A 1 124 HIS 124 124 ?   ?   ?   A . n 
B 1 1   ASP 1   1   1   ASP ASP B . n 
B 1 2   VAL 2   2   2   VAL VAL B . n 
B 1 3   GLN 3   3   3   GLN GLN B . n 
B 1 4   LEU 4   4   4   LEU LEU B . n 
B 1 5   VAL 5   5   5   VAL VAL B . n 
B 1 6   GLU 6   6   6   GLU GLU B . n 
B 1 7   SER 7   7   7   SER SER B . n 
B 1 8   GLY 8   8   8   GLY GLY B . n 
B 1 9   GLY 9   9   9   GLY GLY B . n 
B 1 10  GLY 10  10  10  GLY GLY B . n 
B 1 11  SER 11  11  11  SER SER B . n 
B 1 12  VAL 12  12  12  VAL VAL B . n 
B 1 13  GLN 13  13  13  GLN GLN B . n 
B 1 14  ALA 14  14  14  ALA ALA B . n 
B 1 15  GLY 15  15  15  GLY GLY B . n 
B 1 16  GLY 16  16  16  GLY GLY B . n 
B 1 17  SER 17  17  17  SER SER B . n 
B 1 18  LEU 18  18  18  LEU LEU B . n 
B 1 19  ARG 19  19  19  ARG ARG B . n 
B 1 20  LEU 20  20  20  LEU LEU B . n 
B 1 21  SER 21  21  21  SER SER B . n 
B 1 22  CYS 22  22  22  CYS CYS B . n 
B 1 23  ALA 23  23  23  ALA ALA B . n 
B 1 24  VAL 24  24  24  VAL VAL B . n 
B 1 25  SER 25  25  25  SER SER B . n 
B 1 26  GLY 26  26  26  GLY GLY B . n 
B 1 27  SER 27  27  27  SER SER B . n 
B 1 28  THR 28  28  28  THR THR B . n 
B 1 29  TYR 29  29  29  TYR TYR B . n 
B 1 30  SER 30  30  30  SER SER B . n 
B 1 31  PRO 31  31  31  PRO PRO B . n 
B 1 32  CYS 32  32  32  CYS CYS B . n 
B 1 33  THR 33  33  33  THR THR B . n 
B 1 34  THR 34  34  34  THR THR B . n 
B 1 35  GLY 35  35  35  GLY GLY B . n 
B 1 36  TRP 36  36  36  TRP TRP B . n 
B 1 37  VAL 37  37  37  VAL VAL B . n 
B 1 38  ARG 38  38  38  ARG ARG B . n 
B 1 39  GLN 39  39  39  GLN GLN B . n 
B 1 40  ALA 40  40  40  ALA ALA B . n 
B 1 41  PRO 41  41  41  PRO PRO B . n 
B 1 42  GLY 42  42  42  GLY GLY B . n 
B 1 43  LYS 43  43  43  LYS LYS B . n 
B 1 44  GLY 44  44  44  GLY GLY B . n 
B 1 45  LEU 45  45  45  LEU LEU B . n 
B 1 46  GLU 46  46  46  GLU GLU B . n 
B 1 47  TRP 47  47  47  TRP TRP B . n 
B 1 48  VAL 48  48  48  VAL VAL B . n 
B 1 49  SER 49  49  49  SER SER B . n 
B 1 50  SER 50  50  50  SER SER B . n 
B 1 51  ILE 51  51  51  ILE ILE B . n 
B 1 52  SER 52  52  52  SER SER B . n 
B 1 53  SER 53  53  53  SER SER B . n 
B 1 54  PRO 54  54  54  PRO PRO B . n 
B 1 55  GLY 55  55  55  GLY GLY B . n 
B 1 56  THR 56  56  56  THR THR B . n 
B 1 57  ILE 57  57  57  ILE ILE B . n 
B 1 58  TYR 58  58  58  TYR TYR B . n 
B 1 59  TYR 59  59  59  TYR TYR B . n 
B 1 60  GLN 60  60  60  GLN GLN B . n 
B 1 61  ASP 61  61  61  ASP ASP B . n 
B 1 62  SER 62  62  62  SER SER B . n 
B 1 63  VAL 63  63  63  VAL VAL B . n 
B 1 64  LYS 64  64  64  LYS LYS B . n 
B 1 65  GLY 65  65  65  GLY GLY B . n 
B 1 66  ARG 66  66  66  ARG ARG B . n 
B 1 67  PHE 67  67  67  PHE PHE B . n 
B 1 68  THR 68  68  68  THR THR B . n 
B 1 69  ILE 69  69  69  ILE ILE B . n 
B 1 70  SER 70  70  70  SER SER B . n 
B 1 71  ARG 71  71  71  ARG ARG B . n 
B 1 72  ASP 72  72  72  ASP ASP B . n 
B 1 73  ASN 73  73  73  ASN ASN B . n 
B 1 74  ALA 74  74  74  ALA ALA B . n 
B 1 75  LYS 75  75  75  LYS LYS B . n 
B 1 76  ASN 76  76  76  ASN ASN B . n 
B 1 77  THR 77  77  77  THR THR B . n 
B 1 78  VAL 78  78  78  VAL VAL B . n 
B 1 79  TYR 79  79  79  TYR TYR B . n 
B 1 80  LEU 80  80  80  LEU LEU B . n 
B 1 81  GLN 81  81  81  GLN GLN B . n 
B 1 82  MET 82  82  82  MET MET B . n 
B 1 83  ASN 83  83  83  ASN ASN B . n 
B 1 84  SER 84  84  84  SER SER B . n 
B 1 85  LEU 85  85  85  LEU LEU B . n 
B 1 86  GLN 86  86  86  GLN GLN B . n 
B 1 87  ARG 87  87  87  ARG ARG B . n 
B 1 88  GLU 88  88  88  GLU GLU B . n 
B 1 89  ASP 89  89  89  ASP ASP B . n 
B 1 90  THR 90  90  90  THR THR B . n 
B 1 91  GLY 91  91  91  GLY GLY B . n 
B 1 92  MET 92  92  92  MET MET B . n 
B 1 93  TYR 93  93  93  TYR TYR B . n 
B 1 94  TYR 94  94  94  TYR TYR B . n 
B 1 95  CYS 95  95  95  CYS CYS B . n 
B 1 96  GLN 96  96  96  GLN GLN B . n 
B 1 97  ILE 97  97  97  ILE ILE B . n 
B 1 98  GLN 98  98  98  GLN GLN B . n 
B 1 99  CYS 99  99  99  CYS CYS B . n 
B 1 100 GLY 100 100 100 GLY GLY B . n 
B 1 101 VAL 101 101 101 VAL VAL B . n 
B 1 102 ARG 102 102 ?   ?   ?   B . n 
B 1 103 SER 103 103 ?   ?   ?   B . n 
B 1 104 ILE 104 104 104 ILE ILE B . n 
B 1 105 ARG 105 105 105 ARG ARG B . n 
B 1 106 GLU 106 106 106 GLU GLU B . n 
B 1 107 TYR 107 107 107 TYR TYR B . n 
B 1 108 TRP 108 108 108 TRP TRP B . n 
B 1 109 GLY 109 109 109 GLY GLY B . n 
B 1 110 GLN 110 110 110 GLN GLN B . n 
B 1 111 GLY 111 111 111 GLY GLY B . n 
B 1 112 THR 112 112 112 THR THR B . n 
B 1 113 GLN 113 113 113 GLN GLN B . n 
B 1 114 VAL 114 114 114 VAL VAL B . n 
B 1 115 THR 115 115 115 THR THR B . n 
B 1 116 VAL 116 116 116 VAL VAL B . n 
B 1 117 SER 117 117 117 SER SER B . n 
B 1 118 SER 118 118 ?   ?   ?   B . n 
B 1 119 HIS 119 119 ?   ?   ?   B . n 
B 1 120 HIS 120 120 ?   ?   ?   B . n 
B 1 121 HIS 121 121 ?   ?   ?   B . n 
B 1 122 HIS 122 122 ?   ?   ?   B . n 
B 1 123 HIS 123 123 ?   ?   ?   B . n 
B 1 124 HIS 124 124 ?   ?   ?   B . n 
# 
loop_
_pdbx_nonpoly_scheme.asym_id 
_pdbx_nonpoly_scheme.entity_id 
_pdbx_nonpoly_scheme.mon_id 
_pdbx_nonpoly_scheme.ndb_seq_num 
_pdbx_nonpoly_scheme.pdb_seq_num 
_pdbx_nonpoly_scheme.auth_seq_num 
_pdbx_nonpoly_scheme.pdb_mon_id 
_pdbx_nonpoly_scheme.auth_mon_id 
_pdbx_nonpoly_scheme.pdb_strand_id 
_pdbx_nonpoly_scheme.pdb_ins_code 
C 2 HOH 1  125 1  HOH HOH A . 
C 2 HOH 2  126 2  HOH HOH A . 
C 2 HOH 3  127 3  HOH HOH A . 
C 2 HOH 4  128 5  HOH HOH A . 
C 2 HOH 5  129 6  HOH HOH A . 
C 2 HOH 6  130 7  HOH HOH A . 
C 2 HOH 7  131 15 HOH HOH A . 
D 2 HOH 1  125 4  HOH HOH B . 
D 2 HOH 2  126 8  HOH HOH B . 
D 2 HOH 3  127 9  HOH HOH B . 
D 2 HOH 4  128 10 HOH HOH B . 
D 2 HOH 5  129 11 HOH HOH B . 
D 2 HOH 6  130 12 HOH HOH B . 
D 2 HOH 7  131 13 HOH HOH B . 
D 2 HOH 8  132 14 HOH HOH B . 
D 2 HOH 9  133 16 HOH HOH B . 
D 2 HOH 10 134 17 HOH HOH B . 
# 
loop_
_pdbx_unobs_or_zero_occ_atoms.id 
_pdbx_unobs_or_zero_occ_atoms.PDB_model_num 
_pdbx_unobs_or_zero_occ_atoms.polymer_flag 
_pdbx_unobs_or_zero_occ_atoms.occupancy_flag 
_pdbx_unobs_or_zero_occ_atoms.auth_asym_id 
_pdbx_unobs_or_zero_occ_atoms.auth_comp_id 
_pdbx_unobs_or_zero_occ_atoms.auth_seq_id 
_pdbx_unobs_or_zero_occ_atoms.PDB_ins_code 
_pdbx_unobs_or_zero_occ_atoms.auth_atom_id 
_pdbx_unobs_or_zero_occ_atoms.label_alt_id 
_pdbx_unobs_or_zero_occ_atoms.label_asym_id 
_pdbx_unobs_or_zero_occ_atoms.label_comp_id 
_pdbx_unobs_or_zero_occ_atoms.label_seq_id 
_pdbx_unobs_or_zero_occ_atoms.label_atom_id 
1   1 Y 1 A GLN 3   ? CG  ? A GLN 3   CG  
2   1 Y 1 A GLN 3   ? CD  ? A GLN 3   CD  
3   1 Y 1 A GLN 3   ? OE1 ? A GLN 3   OE1 
4   1 Y 1 A GLN 3   ? NE2 ? A GLN 3   NE2 
5   1 Y 1 A GLU 6   ? CD  ? A GLU 6   CD  
6   1 Y 1 A GLN 13  ? CD  ? A GLN 13  CD  
7   1 Y 1 A GLN 13  ? OE1 ? A GLN 13  OE1 
8   1 Y 1 A GLN 13  ? NE2 ? A GLN 13  NE2 
9   1 Y 1 A SER 27  ? OG  ? A SER 27  OG  
10  1 Y 1 A PRO 31  ? CD  ? A PRO 31  CD  
11  1 Y 1 A ARG 38  ? CD  ? A ARG 38  CD  
12  1 Y 1 A LYS 43  ? CE  ? A LYS 43  CE  
13  1 Y 1 A LYS 43  ? NZ  ? A LYS 43  NZ  
14  1 Y 1 A GLU 46  ? CD  ? A GLU 46  CD  
15  1 Y 1 A PRO 54  ? CD  ? A PRO 54  CD  
16  1 Y 1 A TYR 58  ? CG  ? A TYR 58  CG  
17  1 Y 1 A TYR 58  ? CD1 ? A TYR 58  CD1 
18  1 Y 1 A TYR 58  ? CD2 ? A TYR 58  CD2 
19  1 Y 1 A TYR 58  ? CE1 ? A TYR 58  CE1 
20  1 Y 1 A TYR 58  ? CE2 ? A TYR 58  CE2 
21  1 Y 1 A TYR 58  ? CZ  ? A TYR 58  CZ  
22  1 Y 1 A TYR 58  ? OH  ? A TYR 58  OH  
23  1 Y 1 A GLN 60  ? CD  ? A GLN 60  CD  
24  1 Y 1 A LYS 64  ? CD  ? A LYS 64  CD  
25  1 Y 1 A ARG 66  ? CD  ? A ARG 66  CD  
26  1 Y 1 A LYS 75  ? CE  ? A LYS 75  CE  
27  1 Y 1 A LYS 75  ? NZ  ? A LYS 75  NZ  
28  1 Y 1 A GLN 86  ? CD  ? A GLN 86  CD  
29  1 Y 1 A GLN 86  ? OE1 ? A GLN 86  OE1 
30  1 Y 1 A GLN 86  ? NE2 ? A GLN 86  NE2 
31  1 Y 1 A ARG 87  ? CG  ? A ARG 87  CG  
32  1 Y 1 A ARG 87  ? CD  ? A ARG 87  CD  
33  1 Y 1 A ARG 87  ? NE  ? A ARG 87  NE  
34  1 Y 1 A ARG 87  ? CZ  ? A ARG 87  CZ  
35  1 Y 1 A ARG 87  ? NH1 ? A ARG 87  NH1 
36  1 Y 1 A ARG 87  ? NH2 ? A ARG 87  NH2 
37  1 Y 1 A GLU 88  ? CG  ? A GLU 88  CG  
38  1 Y 1 A GLU 88  ? CD  ? A GLU 88  CD  
39  1 Y 1 A GLU 88  ? OE1 ? A GLU 88  OE1 
40  1 Y 1 A GLU 88  ? OE2 ? A GLU 88  OE2 
41  1 Y 1 A ILE 97  ? CD1 ? A ILE 97  CD1 
42  1 Y 1 A GLY 100 ? CA  ? A GLY 100 CA  
43  1 Y 1 A GLY 100 ? C   ? A GLY 100 C   
44  1 Y 1 A GLY 100 ? O   ? A GLY 100 O   
45  1 Y 1 A ILE 104 ? CG1 ? A ILE 104 CG1 
46  1 Y 1 A ILE 104 ? CG2 ? A ILE 104 CG2 
47  1 Y 1 A ILE 104 ? CD1 ? A ILE 104 CD1 
48  1 Y 1 A ARG 105 ? CD  ? A ARG 105 CD  
49  1 Y 1 A ARG 105 ? NE  ? A ARG 105 NE  
50  1 Y 1 A ARG 105 ? CZ  ? A ARG 105 CZ  
51  1 Y 1 A ARG 105 ? NH1 ? A ARG 105 NH1 
52  1 Y 1 A ARG 105 ? NH2 ? A ARG 105 NH2 
53  1 Y 1 A GLU 106 ? CD  ? A GLU 106 CD  
54  1 Y 1 A GLN 110 ? CG  ? A GLN 110 CG  
55  1 Y 1 A GLN 110 ? CD  ? A GLN 110 CD  
56  1 Y 1 A GLN 110 ? OE1 ? A GLN 110 OE1 
57  1 Y 1 A GLN 110 ? NE2 ? A GLN 110 NE2 
58  1 Y 1 B GLN 3   ? CG  ? B GLN 3   CG  
59  1 Y 1 B GLN 3   ? CD  ? B GLN 3   CD  
60  1 Y 1 B GLN 3   ? OE1 ? B GLN 3   OE1 
61  1 Y 1 B GLN 3   ? NE2 ? B GLN 3   NE2 
62  1 Y 1 B GLU 6   ? CD  ? B GLU 6   CD  
63  1 Y 1 B GLN 13  ? CD  ? B GLN 13  CD  
64  1 Y 1 B GLN 13  ? OE1 ? B GLN 13  OE1 
65  1 Y 1 B GLN 13  ? NE2 ? B GLN 13  NE2 
66  1 Y 1 B SER 27  ? OG  ? B SER 27  OG  
67  1 Y 1 B PRO 31  ? CD  ? B PRO 31  CD  
68  1 Y 1 B ARG 38  ? CD  ? B ARG 38  CD  
69  1 Y 1 B LYS 43  ? CG  ? B LYS 43  CG  
70  1 Y 1 B LYS 43  ? CD  ? B LYS 43  CD  
71  1 Y 1 B LYS 43  ? CE  ? B LYS 43  CE  
72  1 Y 1 B LYS 43  ? NZ  ? B LYS 43  NZ  
73  1 Y 1 B GLU 46  ? CD  ? B GLU 46  CD  
74  1 Y 1 B SER 53  ? CB  ? B SER 53  CB  
75  1 Y 1 B SER 53  ? OG  ? B SER 53  OG  
76  1 Y 1 B PRO 54  ? CD  ? B PRO 54  CD  
77  1 Y 1 B TYR 58  ? CG  ? B TYR 58  CG  
78  1 Y 1 B TYR 58  ? CD1 ? B TYR 58  CD1 
79  1 Y 1 B TYR 58  ? CD2 ? B TYR 58  CD2 
80  1 Y 1 B TYR 58  ? CE1 ? B TYR 58  CE1 
81  1 Y 1 B TYR 58  ? CE2 ? B TYR 58  CE2 
82  1 Y 1 B TYR 58  ? CZ  ? B TYR 58  CZ  
83  1 Y 1 B TYR 58  ? OH  ? B TYR 58  OH  
84  1 Y 1 B GLN 60  ? CD  ? B GLN 60  CD  
85  1 Y 1 B LYS 64  ? CD  ? B LYS 64  CD  
86  1 Y 1 B ARG 66  ? CD  ? B ARG 66  CD  
87  1 Y 1 B ASN 76  ? OD1 ? B ASN 76  OD1 
88  1 Y 1 B ASN 76  ? ND2 ? B ASN 76  ND2 
89  1 Y 1 B GLN 86  ? CD  ? B GLN 86  CD  
90  1 Y 1 B GLU 88  ? CD  ? B GLU 88  CD  
91  1 Y 1 B GLU 88  ? OE1 ? B GLU 88  OE1 
92  1 Y 1 B GLU 88  ? OE2 ? B GLU 88  OE2 
93  1 Y 1 B ILE 97  ? CD1 ? B ILE 97  CD1 
94  1 Y 1 B ILE 104 ? CG1 ? B ILE 104 CG1 
95  1 Y 1 B ILE 104 ? CG2 ? B ILE 104 CG2 
96  1 Y 1 B ILE 104 ? CD1 ? B ILE 104 CD1 
97  1 Y 1 B ARG 105 ? CD  ? B ARG 105 CD  
98  1 Y 1 B ARG 105 ? NE  ? B ARG 105 NE  
99  1 Y 1 B ARG 105 ? CZ  ? B ARG 105 CZ  
100 1 Y 1 B ARG 105 ? NH1 ? B ARG 105 NH1 
101 1 Y 1 B ARG 105 ? NH2 ? B ARG 105 NH2 
102 1 Y 1 B GLU 106 ? CD  ? B GLU 106 CD  
103 1 Y 1 B GLN 110 ? CD  ? B GLN 110 CD  
# 
loop_
_software.name 
_software.classification 
_software.version 
_software.citation_id 
_software.pdbx_ordinal 
DENZO     'data reduction' .   ? 1 
SCALEPACK 'data scaling'   .   ? 2 
AMoRE     phasing          .   ? 3 
CNS       refinement       1.0 ? 4 
# 
_cell.entry_id           1YZZ 
_cell.length_a           52.473 
_cell.length_b           52.473 
_cell.length_c           165.365 
_cell.angle_alpha        90.000 
_cell.angle_beta         90.000 
_cell.angle_gamma        90.000 
_cell.pdbx_unique_axis   ? 
_cell.Z_PDB              16 
# 
_symmetry.entry_id                         1YZZ 
_symmetry.space_group_name_H-M             'P 43 21 2' 
_symmetry.pdbx_full_space_group_name_H-M   ? 
_symmetry.Int_Tables_number                96 
_symmetry.cell_setting                     ? 
_symmetry.space_group_name_Hall            ? 
# 
_exptl.entry_id          1YZZ 
_exptl.method            'X-RAY DIFFRACTION' 
_exptl.crystals_number   1 
# 
_exptl_crystal.id                    1 
_exptl_crystal.density_meas          ? 
_exptl_crystal.density_Matthews      1.96 
_exptl_crystal.density_percent_sol   36.84 
_exptl_crystal.description           ? 
_exptl_crystal.F_000                 ? 
_exptl_crystal.preparation           ? 
# 
_exptl_crystal_grow.crystal_id      1 
_exptl_crystal_grow.method          'VAPOR DIFFUSION, HANGING DROP' 
_exptl_crystal_grow.temp            293 
_exptl_crystal_grow.temp_details    ? 
_exptl_crystal_grow.pH              7.5 
_exptl_crystal_grow.pdbx_details    
'PEG4000, ammonium sulphate, TRIS, NaCl, pH 7.5, VAPOR DIFFUSION, HANGING DROP, temperature 293K' 
_exptl_crystal_grow.pdbx_pH_range   . 
# 
_diffrn.id                     1 
_diffrn.ambient_temp           293 
_diffrn.ambient_temp_details   ? 
_diffrn.crystal_id             1 
# 
_diffrn_detector.diffrn_id              1 
_diffrn_detector.detector               CCD 
_diffrn_detector.type                   MARRESEARCH 
_diffrn_detector.pdbx_collection_date   2005-02-15 
_diffrn_detector.details                ? 
# 
_diffrn_radiation.diffrn_id                        1 
_diffrn_radiation.wavelength_id                    1 
_diffrn_radiation.pdbx_monochromatic_or_laue_m_l   M 
_diffrn_radiation.monochromator                    'SAGITALLY FOCUSED Si(111)' 
_diffrn_radiation.pdbx_diffrn_protocol             'SINGLE WAVELENGTH' 
_diffrn_radiation.pdbx_scattering_type             x-ray 
# 
_diffrn_radiation_wavelength.id           1 
_diffrn_radiation_wavelength.wavelength   0.8123 
_diffrn_radiation_wavelength.wt           1.0 
# 
_diffrn_source.diffrn_id                   1 
_diffrn_source.source                      SYNCHROTRON 
_diffrn_source.type                        'EMBL/DESY, HAMBURG BEAMLINE X11' 
_diffrn_source.pdbx_synchrotron_site       'EMBL/DESY, HAMBURG' 
_diffrn_source.pdbx_synchrotron_beamline   X11 
_diffrn_source.pdbx_wavelength             ? 
_diffrn_source.pdbx_wavelength_list        0.8123 
# 
_reflns.entry_id                     1YZZ 
_reflns.observed_criterion_sigma_F   0 
_reflns.observed_criterion_sigma_I   0 
_reflns.d_resolution_high            2.7 
_reflns.d_resolution_low             20.0 
_reflns.number_all                   9871 
_reflns.number_obs                   9871 
_reflns.percent_possible_obs         99.9 
_reflns.pdbx_Rmerge_I_obs            0.108 
_reflns.pdbx_Rsym_value              ? 
_reflns.pdbx_netI_over_sigmaI        24.6 
_reflns.B_iso_Wilson_estimate        ? 
_reflns.pdbx_redundancy              14.46 
_reflns.R_free_details               ? 
_reflns.limit_h_max                  ? 
_reflns.limit_h_min                  ? 
_reflns.limit_k_max                  ? 
_reflns.limit_k_min                  ? 
_reflns.limit_l_max                  ? 
_reflns.limit_l_min                  ? 
_reflns.observed_criterion_F_max     ? 
_reflns.observed_criterion_F_min     ? 
_reflns.pdbx_chi_squared             ? 
_reflns.pdbx_scaling_rejects         ? 
_reflns.pdbx_diffrn_id               1 
_reflns.pdbx_ordinal                 1 
# 
_reflns_shell.d_res_high             2.7 
_reflns_shell.d_res_low              2.8 
_reflns_shell.percent_possible_all   100.0 
_reflns_shell.Rmerge_I_obs           0.558 
_reflns_shell.pdbx_Rsym_value        ? 
_reflns_shell.meanI_over_sigI_obs    3.8 
_reflns_shell.pdbx_redundancy        14.63 
_reflns_shell.percent_possible_obs   ? 
_reflns_shell.number_unique_all      672 
_reflns_shell.number_measured_all    ? 
_reflns_shell.number_measured_obs    ? 
_reflns_shell.number_unique_obs      ? 
_reflns_shell.pdbx_chi_squared       ? 
_reflns_shell.pdbx_diffrn_id         ? 
_reflns_shell.pdbx_ordinal           1 
# 
_refine.entry_id                                 1YZZ 
_refine.ls_d_res_high                            2.7 
_refine.ls_d_res_low                             20.0 
_refine.pdbx_ls_sigma_F                          0 
_refine.pdbx_ls_sigma_I                          ? 
_refine.ls_number_reflns_all                     6871 
_refine.ls_number_reflns_obs                     6871 
_refine.ls_number_reflns_R_free                  593 
_refine.ls_percent_reflns_obs                    99.9 
_refine.ls_R_factor_all                          0.238 
_refine.ls_R_factor_obs                          0.238 
_refine.ls_R_factor_R_work                       0.233 
_refine.ls_R_factor_R_free                       0.293 
_refine.ls_redundancy_reflns_obs                 ? 
_refine.pdbx_data_cutoff_high_absF               ? 
_refine.pdbx_data_cutoff_low_absF                ? 
_refine.ls_number_parameters                     ? 
_refine.ls_number_restraints                     ? 
_refine.ls_percent_reflns_R_free                 ? 
_refine.ls_R_factor_R_free_error                 ? 
_refine.ls_R_factor_R_free_error_details         ? 
_refine.pdbx_method_to_determine_struct          'MOLECULAR REPLACEMENT' 
_refine.pdbx_starting_model                      1YC8 
_refine.pdbx_ls_cross_valid_method               THROUGHOUT 
_refine.pdbx_R_Free_selection_details            random 
_refine.pdbx_stereochem_target_val_spec_case     ? 
_refine.pdbx_stereochemistry_target_values       'Engh & Huber' 
_refine.solvent_model_details                    ? 
_refine.solvent_model_param_bsol                 ? 
_refine.solvent_model_param_ksol                 ? 
_refine.occupancy_max                            ? 
_refine.occupancy_min                            ? 
_refine.pdbx_isotropic_thermal_model             ? 
_refine.B_iso_mean                               ? 
_refine.aniso_B[1][1]                            ? 
_refine.aniso_B[1][2]                            ? 
_refine.aniso_B[1][3]                            ? 
_refine.aniso_B[2][2]                            ? 
_refine.aniso_B[2][3]                            ? 
_refine.aniso_B[3][3]                            ? 
_refine.details                                  ? 
_refine.B_iso_min                                ? 
_refine.B_iso_max                                ? 
_refine.correlation_coeff_Fo_to_Fc               ? 
_refine.correlation_coeff_Fo_to_Fc_free          ? 
_refine.pdbx_solvent_vdw_probe_radii             ? 
_refine.pdbx_solvent_ion_probe_radii             ? 
_refine.pdbx_solvent_shrinkage_radii             ? 
_refine.overall_SU_R_Cruickshank_DPI             ? 
_refine.overall_SU_R_free                        ? 
_refine.overall_SU_B                             ? 
_refine.overall_SU_ML                            ? 
_refine.pdbx_overall_ESU_R                       ? 
_refine.pdbx_overall_ESU_R_Free                  ? 
_refine.pdbx_data_cutoff_high_rms_absF           ? 
_refine.ls_wR_factor_R_free                      ? 
_refine.ls_wR_factor_R_work                      ? 
_refine.overall_FOM_free_R_set                   ? 
_refine.overall_FOM_work_R_set                   ? 
_refine.pdbx_refine_id                           'X-RAY DIFFRACTION' 
_refine.pdbx_diffrn_id                           1 
_refine.pdbx_TLS_residual_ADP_flag               ? 
_refine.pdbx_overall_phase_error                 ? 
_refine.pdbx_overall_SU_R_free_Cruickshank_DPI   ? 
_refine.pdbx_overall_SU_R_Blow_DPI               ? 
_refine.pdbx_overall_SU_R_free_Blow_DPI          ? 
# 
_refine_hist.pdbx_refine_id                   'X-RAY DIFFRACTION' 
_refine_hist.cycle_id                         LAST 
_refine_hist.pdbx_number_atoms_protein        1638 
_refine_hist.pdbx_number_atoms_nucleic_acid   0 
_refine_hist.pdbx_number_atoms_ligand         0 
_refine_hist.number_atoms_solvent             17 
_refine_hist.number_atoms_total               1655 
_refine_hist.d_res_high                       2.7 
_refine_hist.d_res_low                        20.0 
# 
loop_
_refine_ls_restr.type 
_refine_ls_restr.dev_ideal 
_refine_ls_restr.dev_ideal_target 
_refine_ls_restr.weight 
_refine_ls_restr.number 
_refine_ls_restr.pdbx_refine_id 
_refine_ls_restr.pdbx_restraint_function 
c_angle_deg 1.42091  ? ? ? 'X-RAY DIFFRACTION' ? 
c_bond_d    0.007954 ? ? ? 'X-RAY DIFFRACTION' ? 
# 
_struct.entry_id                  1YZZ 
_struct.title                     'Humanized caban33 at room temperature' 
_struct.pdbx_model_details        ? 
_struct.pdbx_CASP_flag            ? 
_struct.pdbx_model_type_details   ? 
# 
_struct_keywords.entry_id        1YZZ 
_struct_keywords.pdbx_keywords   'UNKNOWN FUNCTION' 
_struct_keywords.text            'antibody, camel antibody, humanization, UNKNOWN FUNCTION' 
# 
loop_
_struct_asym.id 
_struct_asym.pdbx_blank_PDB_chainid_flag 
_struct_asym.pdbx_modified 
_struct_asym.entity_id 
_struct_asym.details 
A N N 1 ? 
B N N 1 ? 
C N N 2 ? 
D N N 2 ? 
# 
_struct_ref.id                         1 
_struct_ref.db_name                    GB 
_struct_ref.db_code                    AAP22644 
_struct_ref.pdbx_db_accession          30350899 
_struct_ref.entity_id                  1 
_struct_ref.pdbx_seq_one_letter_code   
;DVQLVESGGGSVQAGGSLRLSCAVSGSTYSPCTTGWYRQAPGKEREWVSSISSPGTIYYQDSVKGRFTISRDNAKNTVYL
QMNSLQREDTGMYYCQIQCGVRSIREYWGQGTQVTVSS
;
_struct_ref.pdbx_align_begin           1 
_struct_ref.pdbx_db_isoform            ? 
# 
loop_
_struct_ref_seq.align_id 
_struct_ref_seq.ref_id 
_struct_ref_seq.pdbx_PDB_id_code 
_struct_ref_seq.pdbx_strand_id 
_struct_ref_seq.seq_align_beg 
_struct_ref_seq.pdbx_seq_align_beg_ins_code 
_struct_ref_seq.seq_align_end 
_struct_ref_seq.pdbx_seq_align_end_ins_code 
_struct_ref_seq.pdbx_db_accession 
_struct_ref_seq.db_align_beg 
_struct_ref_seq.pdbx_db_align_beg_ins_code 
_struct_ref_seq.db_align_end 
_struct_ref_seq.pdbx_db_align_end_ins_code 
_struct_ref_seq.pdbx_auth_seq_align_beg 
_struct_ref_seq.pdbx_auth_seq_align_end 
1 1 1YZZ A 1 ? 118 ? 30350899 1 ? 118 ? 1 118 
2 1 1YZZ B 1 ? 118 ? 30350899 1 ? 118 ? 1 118 
# 
loop_
_struct_ref_seq_dif.align_id 
_struct_ref_seq_dif.pdbx_pdb_id_code 
_struct_ref_seq_dif.mon_id 
_struct_ref_seq_dif.pdbx_pdb_strand_id 
_struct_ref_seq_dif.seq_num 
_struct_ref_seq_dif.pdbx_pdb_ins_code 
_struct_ref_seq_dif.pdbx_seq_db_name 
_struct_ref_seq_dif.pdbx_seq_db_accession_code 
_struct_ref_seq_dif.db_mon_id 
_struct_ref_seq_dif.pdbx_seq_db_seq_num 
_struct_ref_seq_dif.details 
_struct_ref_seq_dif.pdbx_auth_seq_num 
_struct_ref_seq_dif.pdbx_ordinal 
1 1YZZ VAL A 37  ? GB 30350899 TYR 37 conflict         37  1  
1 1YZZ GLY A 44  ? GB 30350899 GLU 44 conflict         44  2  
1 1YZZ LEU A 45  ? GB 30350899 ARG 45 conflict         45  3  
1 1YZZ HIS A 119 ? GB 30350899 ?   ?  'expression tag' 119 4  
1 1YZZ HIS A 120 ? GB 30350899 ?   ?  'expression tag' 120 5  
1 1YZZ HIS A 121 ? GB 30350899 ?   ?  'expression tag' 121 6  
1 1YZZ HIS A 122 ? GB 30350899 ?   ?  'expression tag' 122 7  
1 1YZZ HIS A 123 ? GB 30350899 ?   ?  'expression tag' 123 8  
1 1YZZ HIS A 124 ? GB 30350899 ?   ?  'expression tag' 124 9  
2 1YZZ VAL B 37  ? GB 30350899 TYR 37 conflict         37  10 
2 1YZZ GLY B 44  ? GB 30350899 GLU 44 conflict         44  11 
2 1YZZ LEU B 45  ? GB 30350899 ARG 45 conflict         45  12 
2 1YZZ HIS B 119 ? GB 30350899 ?   ?  'expression tag' 119 13 
2 1YZZ HIS B 120 ? GB 30350899 ?   ?  'expression tag' 120 14 
2 1YZZ HIS B 121 ? GB 30350899 ?   ?  'expression tag' 121 15 
2 1YZZ HIS B 122 ? GB 30350899 ?   ?  'expression tag' 122 16 
2 1YZZ HIS B 123 ? GB 30350899 ?   ?  'expression tag' 123 17 
2 1YZZ HIS B 124 ? GB 30350899 ?   ?  'expression tag' 124 18 
# 
_pdbx_struct_assembly.id                   1 
_pdbx_struct_assembly.details              author_defined_assembly 
_pdbx_struct_assembly.method_details       ? 
_pdbx_struct_assembly.oligomeric_details   dimeric 
_pdbx_struct_assembly.oligomeric_count     2 
# 
_pdbx_struct_assembly_gen.assembly_id       1 
_pdbx_struct_assembly_gen.oper_expression   1 
_pdbx_struct_assembly_gen.asym_id_list      A,B,C,D 
# 
_pdbx_struct_oper_list.id                   1 
_pdbx_struct_oper_list.type                 'identity operation' 
_pdbx_struct_oper_list.name                 1_555 
_pdbx_struct_oper_list.symmetry_operation   x,y,z 
_pdbx_struct_oper_list.matrix[1][1]         1.0000000000 
_pdbx_struct_oper_list.matrix[1][2]         0.0000000000 
_pdbx_struct_oper_list.matrix[1][3]         0.0000000000 
_pdbx_struct_oper_list.vector[1]            0.0000000000 
_pdbx_struct_oper_list.matrix[2][1]         0.0000000000 
_pdbx_struct_oper_list.matrix[2][2]         1.0000000000 
_pdbx_struct_oper_list.matrix[2][3]         0.0000000000 
_pdbx_struct_oper_list.vector[2]            0.0000000000 
_pdbx_struct_oper_list.matrix[3][1]         0.0000000000 
_pdbx_struct_oper_list.matrix[3][2]         0.0000000000 
_pdbx_struct_oper_list.matrix[3][3]         1.0000000000 
_pdbx_struct_oper_list.vector[3]            0.0000000000 
# 
loop_
_struct_conf.conf_type_id 
_struct_conf.id 
_struct_conf.pdbx_PDB_helix_id 
_struct_conf.beg_label_comp_id 
_struct_conf.beg_label_asym_id 
_struct_conf.beg_label_seq_id 
_struct_conf.pdbx_beg_PDB_ins_code 
_struct_conf.end_label_comp_id 
_struct_conf.end_label_asym_id 
_struct_conf.end_label_seq_id 
_struct_conf.pdbx_end_PDB_ins_code 
_struct_conf.beg_auth_comp_id 
_struct_conf.beg_auth_asym_id 
_struct_conf.beg_auth_seq_id 
_struct_conf.end_auth_comp_id 
_struct_conf.end_auth_asym_id 
_struct_conf.end_auth_seq_id 
_struct_conf.pdbx_PDB_helix_class 
_struct_conf.details 
_struct_conf.pdbx_PDB_helix_length 
HELX_P HELX_P1 1 ASP A 61 ? LYS A 64 ? ASP A 61 LYS A 64 5 ? 4 
HELX_P HELX_P2 2 GLN A 86 ? THR A 90 ? GLN A 86 THR A 90 5 ? 5 
HELX_P HELX_P3 3 ASP B 61 ? LYS B 64 ? ASP B 61 LYS B 64 5 ? 4 
HELX_P HELX_P4 4 GLN B 86 ? THR B 90 ? GLN B 86 THR B 90 5 ? 5 
# 
_struct_conf_type.id          HELX_P 
_struct_conf_type.criteria    ? 
_struct_conf_type.reference   ? 
# 
loop_
_struct_conn.id 
_struct_conn.conn_type_id 
_struct_conn.pdbx_leaving_atom_flag 
_struct_conn.pdbx_PDB_id 
_struct_conn.ptnr1_label_asym_id 
_struct_conn.ptnr1_label_comp_id 
_struct_conn.ptnr1_label_seq_id 
_struct_conn.ptnr1_label_atom_id 
_struct_conn.pdbx_ptnr1_label_alt_id 
_struct_conn.pdbx_ptnr1_PDB_ins_code 
_struct_conn.pdbx_ptnr1_standard_comp_id 
_struct_conn.ptnr1_symmetry 
_struct_conn.ptnr2_label_asym_id 
_struct_conn.ptnr2_label_comp_id 
_struct_conn.ptnr2_label_seq_id 
_struct_conn.ptnr2_label_atom_id 
_struct_conn.pdbx_ptnr2_label_alt_id 
_struct_conn.pdbx_ptnr2_PDB_ins_code 
_struct_conn.ptnr1_auth_asym_id 
_struct_conn.ptnr1_auth_comp_id 
_struct_conn.ptnr1_auth_seq_id 
_struct_conn.ptnr2_auth_asym_id 
_struct_conn.ptnr2_auth_comp_id 
_struct_conn.ptnr2_auth_seq_id 
_struct_conn.ptnr2_symmetry 
_struct_conn.pdbx_ptnr3_label_atom_id 
_struct_conn.pdbx_ptnr3_label_seq_id 
_struct_conn.pdbx_ptnr3_label_comp_id 
_struct_conn.pdbx_ptnr3_label_asym_id 
_struct_conn.pdbx_ptnr3_label_alt_id 
_struct_conn.pdbx_ptnr3_PDB_ins_code 
_struct_conn.details 
_struct_conn.pdbx_dist_value 
_struct_conn.pdbx_value_order 
_struct_conn.pdbx_role 
disulf1 disulf ? ? A CYS 22 SG ? ? ? 1_555 A CYS 95 SG ? ? A CYS 22 A CYS 95 1_555 ? ? ? ? ? ? ? 2.030 ? ? 
disulf2 disulf ? ? A CYS 32 SG ? ? ? 1_555 A CYS 99 SG ? ? A CYS 32 A CYS 99 1_555 ? ? ? ? ? ? ? 2.027 ? ? 
disulf3 disulf ? ? B CYS 22 SG ? ? ? 1_555 B CYS 95 SG ? ? B CYS 22 B CYS 95 1_555 ? ? ? ? ? ? ? 2.023 ? ? 
disulf4 disulf ? ? B CYS 32 SG ? ? ? 1_555 B CYS 99 SG ? ? B CYS 32 B CYS 99 1_555 ? ? ? ? ? ? ? 2.031 ? ? 
# 
_struct_conn_type.id          disulf 
_struct_conn_type.criteria    ? 
_struct_conn_type.reference   ? 
# 
loop_
_pdbx_modification_feature.ordinal 
_pdbx_modification_feature.label_comp_id 
_pdbx_modification_feature.label_asym_id 
_pdbx_modification_feature.label_seq_id 
_pdbx_modification_feature.label_alt_id 
_pdbx_modification_feature.modified_residue_label_comp_id 
_pdbx_modification_feature.modified_residue_label_asym_id 
_pdbx_modification_feature.modified_residue_label_seq_id 
_pdbx_modification_feature.modified_residue_label_alt_id 
_pdbx_modification_feature.auth_comp_id 
_pdbx_modification_feature.auth_asym_id 
_pdbx_modification_feature.auth_seq_id 
_pdbx_modification_feature.PDB_ins_code 
_pdbx_modification_feature.symmetry 
_pdbx_modification_feature.modified_residue_auth_comp_id 
_pdbx_modification_feature.modified_residue_auth_asym_id 
_pdbx_modification_feature.modified_residue_auth_seq_id 
_pdbx_modification_feature.modified_residue_PDB_ins_code 
_pdbx_modification_feature.modified_residue_symmetry 
_pdbx_modification_feature.comp_id_linking_atom 
_pdbx_modification_feature.modified_residue_id_linking_atom 
_pdbx_modification_feature.modified_residue_id 
_pdbx_modification_feature.ref_pcm_id 
_pdbx_modification_feature.ref_comp_id 
_pdbx_modification_feature.type 
_pdbx_modification_feature.category 
1 CYS A 22 ? CYS A 95 ? CYS A 22 ? 1_555 CYS A 95 ? 1_555 SG SG . . . None 'Disulfide bridge' 
2 CYS A 32 ? CYS A 99 ? CYS A 32 ? 1_555 CYS A 99 ? 1_555 SG SG . . . None 'Disulfide bridge' 
3 CYS B 22 ? CYS B 95 ? CYS B 22 ? 1_555 CYS B 95 ? 1_555 SG SG . . . None 'Disulfide bridge' 
4 CYS B 32 ? CYS B 99 ? CYS B 32 ? 1_555 CYS B 99 ? 1_555 SG SG . . . None 'Disulfide bridge' 
# 
loop_
_struct_sheet.id 
_struct_sheet.type 
_struct_sheet.number_strands 
_struct_sheet.details 
A ? 4 ? 
B ? 6 ? 
C ? 4 ? 
D ? 4 ? 
E ? 6 ? 
F ? 4 ? 
# 
loop_
_struct_sheet_order.sheet_id 
_struct_sheet_order.range_id_1 
_struct_sheet_order.range_id_2 
_struct_sheet_order.offset 
_struct_sheet_order.sense 
A 1 2 ? anti-parallel 
A 2 3 ? anti-parallel 
A 3 4 ? anti-parallel 
B 1 2 ? parallel      
B 2 3 ? anti-parallel 
B 3 4 ? anti-parallel 
B 4 5 ? anti-parallel 
B 5 6 ? anti-parallel 
C 1 2 ? parallel      
C 2 3 ? anti-parallel 
C 3 4 ? anti-parallel 
D 1 2 ? anti-parallel 
D 2 3 ? anti-parallel 
D 3 4 ? anti-parallel 
E 1 2 ? parallel      
E 2 3 ? anti-parallel 
E 3 4 ? anti-parallel 
E 4 5 ? anti-parallel 
E 5 6 ? anti-parallel 
F 1 2 ? parallel      
F 2 3 ? anti-parallel 
F 3 4 ? anti-parallel 
# 
loop_
_struct_sheet_range.sheet_id 
_struct_sheet_range.id 
_struct_sheet_range.beg_label_comp_id 
_struct_sheet_range.beg_label_asym_id 
_struct_sheet_range.beg_label_seq_id 
_struct_sheet_range.pdbx_beg_PDB_ins_code 
_struct_sheet_range.end_label_comp_id 
_struct_sheet_range.end_label_asym_id 
_struct_sheet_range.end_label_seq_id 
_struct_sheet_range.pdbx_end_PDB_ins_code 
_struct_sheet_range.beg_auth_comp_id 
_struct_sheet_range.beg_auth_asym_id 
_struct_sheet_range.beg_auth_seq_id 
_struct_sheet_range.end_auth_comp_id 
_struct_sheet_range.end_auth_asym_id 
_struct_sheet_range.end_auth_seq_id 
A 1 GLN A 3   ? SER A 7   ? GLN A 3   SER A 7   
A 2 LEU A 18  ? SER A 25  ? LEU A 18  SER A 25  
A 3 THR A 77  ? MET A 82  ? THR A 77  MET A 82  
A 4 PHE A 67  ? ASP A 72  ? PHE A 67  ASP A 72  
B 1 GLY A 10  ? VAL A 12  ? GLY A 10  VAL A 12  
B 2 THR A 112 ? VAL A 116 ? THR A 112 VAL A 116 
B 3 GLY A 91  ? CYS A 99  ? GLY A 91  CYS A 99  
B 4 THR A 33  ? GLN A 39  ? THR A 33  GLN A 39  
B 5 LEU A 45  ? ILE A 51  ? LEU A 45  ILE A 51  
B 6 ILE A 57  ? TYR A 59  ? ILE A 57  TYR A 59  
C 1 GLY A 10  ? VAL A 12  ? GLY A 10  VAL A 12  
C 2 THR A 112 ? VAL A 116 ? THR A 112 VAL A 116 
C 3 GLY A 91  ? CYS A 99  ? GLY A 91  CYS A 99  
C 4 ARG A 105 ? TRP A 108 ? ARG A 105 TRP A 108 
D 1 GLN B 3   ? SER B 7   ? GLN B 3   SER B 7   
D 2 LEU B 18  ? SER B 25  ? LEU B 18  SER B 25  
D 3 THR B 77  ? MET B 82  ? THR B 77  MET B 82  
D 4 PHE B 67  ? ASP B 72  ? PHE B 67  ASP B 72  
E 1 GLY B 10  ? VAL B 12  ? GLY B 10  VAL B 12  
E 2 THR B 112 ? VAL B 116 ? THR B 112 VAL B 116 
E 3 GLY B 91  ? CYS B 99  ? GLY B 91  CYS B 99  
E 4 THR B 33  ? ALA B 40  ? THR B 33  ALA B 40  
E 5 GLY B 44  ? ILE B 51  ? GLY B 44  ILE B 51  
E 6 ILE B 57  ? TYR B 59  ? ILE B 57  TYR B 59  
F 1 GLY B 10  ? VAL B 12  ? GLY B 10  VAL B 12  
F 2 THR B 112 ? VAL B 116 ? THR B 112 VAL B 116 
F 3 GLY B 91  ? CYS B 99  ? GLY B 91  CYS B 99  
F 4 ARG B 105 ? TRP B 108 ? ARG B 105 TRP B 108 
# 
loop_
_pdbx_struct_sheet_hbond.sheet_id 
_pdbx_struct_sheet_hbond.range_id_1 
_pdbx_struct_sheet_hbond.range_id_2 
_pdbx_struct_sheet_hbond.range_1_label_atom_id 
_pdbx_struct_sheet_hbond.range_1_label_comp_id 
_pdbx_struct_sheet_hbond.range_1_label_asym_id 
_pdbx_struct_sheet_hbond.range_1_label_seq_id 
_pdbx_struct_sheet_hbond.range_1_PDB_ins_code 
_pdbx_struct_sheet_hbond.range_1_auth_atom_id 
_pdbx_struct_sheet_hbond.range_1_auth_comp_id 
_pdbx_struct_sheet_hbond.range_1_auth_asym_id 
_pdbx_struct_sheet_hbond.range_1_auth_seq_id 
_pdbx_struct_sheet_hbond.range_2_label_atom_id 
_pdbx_struct_sheet_hbond.range_2_label_comp_id 
_pdbx_struct_sheet_hbond.range_2_label_asym_id 
_pdbx_struct_sheet_hbond.range_2_label_seq_id 
_pdbx_struct_sheet_hbond.range_2_PDB_ins_code 
_pdbx_struct_sheet_hbond.range_2_auth_atom_id 
_pdbx_struct_sheet_hbond.range_2_auth_comp_id 
_pdbx_struct_sheet_hbond.range_2_auth_asym_id 
_pdbx_struct_sheet_hbond.range_2_auth_seq_id 
A 1 2 N VAL A 5   ? N VAL A 5   O ALA A 23  ? O ALA A 23  
A 2 3 N LEU A 18  ? N LEU A 18  O MET A 82  ? O MET A 82  
A 3 4 O GLN A 81  ? O GLN A 81  N THR A 68  ? N THR A 68  
B 1 2 N VAL A 12  ? N VAL A 12  O THR A 115 ? O THR A 115 
B 2 3 O THR A 112 ? O THR A 112 N TYR A 93  ? N TYR A 93  
B 3 4 O TYR A 94  ? O TYR A 94  N VAL A 37  ? N VAL A 37  
B 4 5 N TRP A 36  ? N TRP A 36  O VAL A 48  ? O VAL A 48  
B 5 6 N SER A 50  ? N SER A 50  O TYR A 58  ? O TYR A 58  
C 1 2 N VAL A 12  ? N VAL A 12  O THR A 115 ? O THR A 115 
C 2 3 O THR A 112 ? O THR A 112 N TYR A 93  ? N TYR A 93  
C 3 4 N CYS A 99  ? N CYS A 99  O ARG A 105 ? O ARG A 105 
D 1 2 N VAL B 5   ? N VAL B 5   O ALA B 23  ? O ALA B 23  
D 2 3 N LEU B 18  ? N LEU B 18  O MET B 82  ? O MET B 82  
D 3 4 O GLN B 81  ? O GLN B 81  N THR B 68  ? N THR B 68  
E 1 2 N GLY B 10  ? N GLY B 10  O GLN B 113 ? O GLN B 113 
E 2 3 O VAL B 114 ? O VAL B 114 N GLY B 91  ? N GLY B 91  
E 3 4 O TYR B 94  ? O TYR B 94  N VAL B 37  ? N VAL B 37  
E 4 5 N TRP B 36  ? N TRP B 36  O VAL B 48  ? O VAL B 48  
E 5 6 N SER B 50  ? N SER B 50  O TYR B 58  ? O TYR B 58  
F 1 2 N GLY B 10  ? N GLY B 10  O GLN B 113 ? O GLN B 113 
F 2 3 O VAL B 114 ? O VAL B 114 N GLY B 91  ? N GLY B 91  
F 3 4 N ILE B 97  ? N ILE B 97  O TYR B 107 ? O TYR B 107 
# 
_pdbx_entry_details.entry_id                   1YZZ 
_pdbx_entry_details.compound_details           ? 
_pdbx_entry_details.source_details             ? 
_pdbx_entry_details.nonpolymer_details         ? 
_pdbx_entry_details.sequence_details           ? 
_pdbx_entry_details.has_ligand_of_interest     ? 
_pdbx_entry_details.has_protein_modification   Y 
# 
_pdbx_validate_symm_contact.id                1 
_pdbx_validate_symm_contact.PDB_model_num     1 
_pdbx_validate_symm_contact.auth_atom_id_1    CG 
_pdbx_validate_symm_contact.auth_asym_id_1    A 
_pdbx_validate_symm_contact.auth_comp_id_1    GLN 
_pdbx_validate_symm_contact.auth_seq_id_1     13 
_pdbx_validate_symm_contact.PDB_ins_code_1    ? 
_pdbx_validate_symm_contact.label_alt_id_1    ? 
_pdbx_validate_symm_contact.site_symmetry_1   1_555 
_pdbx_validate_symm_contact.auth_atom_id_2    NZ 
_pdbx_validate_symm_contact.auth_asym_id_2    B 
_pdbx_validate_symm_contact.auth_comp_id_2    LYS 
_pdbx_validate_symm_contact.auth_seq_id_2     75 
_pdbx_validate_symm_contact.PDB_ins_code_2    ? 
_pdbx_validate_symm_contact.label_alt_id_2    ? 
_pdbx_validate_symm_contact.site_symmetry_2   1_455 
_pdbx_validate_symm_contact.dist              2.19 
# 
loop_
_pdbx_validate_torsion.id 
_pdbx_validate_torsion.PDB_model_num 
_pdbx_validate_torsion.auth_comp_id 
_pdbx_validate_torsion.auth_asym_id 
_pdbx_validate_torsion.auth_seq_id 
_pdbx_validate_torsion.PDB_ins_code 
_pdbx_validate_torsion.label_alt_id 
_pdbx_validate_torsion.phi 
_pdbx_validate_torsion.psi 
1 1 ALA A 14 ? ? -43.93  101.40  
2 1 TYR A 29 ? ? 56.30   6.73    
3 1 SER A 30 ? ? 177.01  149.00  
4 1 ASP A 61 ? ? -36.95  -35.74  
5 1 SER B 30 ? ? -40.01  -177.02 
6 1 LYS B 43 ? ? -145.06 -17.94  
7 1 SER B 53 ? ? 105.26  -56.98  
# 
loop_
_pdbx_unobs_or_zero_occ_residues.id 
_pdbx_unobs_or_zero_occ_residues.PDB_model_num 
_pdbx_unobs_or_zero_occ_residues.polymer_flag 
_pdbx_unobs_or_zero_occ_residues.occupancy_flag 
_pdbx_unobs_or_zero_occ_residues.auth_asym_id 
_pdbx_unobs_or_zero_occ_residues.auth_comp_id 
_pdbx_unobs_or_zero_occ_residues.auth_seq_id 
_pdbx_unobs_or_zero_occ_residues.PDB_ins_code 
_pdbx_unobs_or_zero_occ_residues.label_asym_id 
_pdbx_unobs_or_zero_occ_residues.label_comp_id 
_pdbx_unobs_or_zero_occ_residues.label_seq_id 
1  1 Y 1 A VAL 101 ? A VAL 101 
2  1 Y 1 A ARG 102 ? A ARG 102 
3  1 Y 1 A SER 118 ? A SER 118 
4  1 Y 1 A HIS 119 ? A HIS 119 
5  1 Y 1 A HIS 120 ? A HIS 120 
6  1 Y 1 A HIS 121 ? A HIS 121 
7  1 Y 1 A HIS 122 ? A HIS 122 
8  1 Y 1 A HIS 123 ? A HIS 123 
9  1 Y 1 A HIS 124 ? A HIS 124 
10 1 Y 1 B ARG 102 ? B ARG 102 
11 1 Y 1 B SER 103 ? B SER 103 
12 1 Y 1 B SER 118 ? B SER 118 
13 1 Y 1 B HIS 119 ? B HIS 119 
14 1 Y 1 B HIS 120 ? B HIS 120 
15 1 Y 1 B HIS 121 ? B HIS 121 
16 1 Y 1 B HIS 122 ? B HIS 122 
17 1 Y 1 B HIS 123 ? B HIS 123 
18 1 Y 1 B HIS 124 ? B HIS 124 
# 
loop_
_chem_comp_atom.comp_id 
_chem_comp_atom.atom_id 
_chem_comp_atom.type_symbol 
_chem_comp_atom.pdbx_aromatic_flag 
_chem_comp_atom.pdbx_stereo_config 
_chem_comp_atom.pdbx_ordinal 
ALA N    N N N 1   
ALA CA   C N S 2   
ALA C    C N N 3   
ALA O    O N N 4   
ALA CB   C N N 5   
ALA OXT  O N N 6   
ALA H    H N N 7   
ALA H2   H N N 8   
ALA HA   H N N 9   
ALA HB1  H N N 10  
ALA HB2  H N N 11  
ALA HB3  H N N 12  
ALA HXT  H N N 13  
ARG N    N N N 14  
ARG CA   C N S 15  
ARG C    C N N 16  
ARG O    O N N 17  
ARG CB   C N N 18  
ARG CG   C N N 19  
ARG CD   C N N 20  
ARG NE   N N N 21  
ARG CZ   C N N 22  
ARG NH1  N N N 23  
ARG NH2  N N N 24  
ARG OXT  O N N 25  
ARG H    H N N 26  
ARG H2   H N N 27  
ARG HA   H N N 28  
ARG HB2  H N N 29  
ARG HB3  H N N 30  
ARG HG2  H N N 31  
ARG HG3  H N N 32  
ARG HD2  H N N 33  
ARG HD3  H N N 34  
ARG HE   H N N 35  
ARG HH11 H N N 36  
ARG HH12 H N N 37  
ARG HH21 H N N 38  
ARG HH22 H N N 39  
ARG HXT  H N N 40  
ASN N    N N N 41  
ASN CA   C N S 42  
ASN C    C N N 43  
ASN O    O N N 44  
ASN CB   C N N 45  
ASN CG   C N N 46  
ASN OD1  O N N 47  
ASN ND2  N N N 48  
ASN OXT  O N N 49  
ASN H    H N N 50  
ASN H2   H N N 51  
ASN HA   H N N 52  
ASN HB2  H N N 53  
ASN HB3  H N N 54  
ASN HD21 H N N 55  
ASN HD22 H N N 56  
ASN HXT  H N N 57  
ASP N    N N N 58  
ASP CA   C N S 59  
ASP C    C N N 60  
ASP O    O N N 61  
ASP CB   C N N 62  
ASP CG   C N N 63  
ASP OD1  O N N 64  
ASP OD2  O N N 65  
ASP OXT  O N N 66  
ASP H    H N N 67  
ASP H2   H N N 68  
ASP HA   H N N 69  
ASP HB2  H N N 70  
ASP HB3  H N N 71  
ASP HD2  H N N 72  
ASP HXT  H N N 73  
CYS N    N N N 74  
CYS CA   C N R 75  
CYS C    C N N 76  
CYS O    O N N 77  
CYS CB   C N N 78  
CYS SG   S N N 79  
CYS OXT  O N N 80  
CYS H    H N N 81  
CYS H2   H N N 82  
CYS HA   H N N 83  
CYS HB2  H N N 84  
CYS HB3  H N N 85  
CYS HG   H N N 86  
CYS HXT  H N N 87  
GLN N    N N N 88  
GLN CA   C N S 89  
GLN C    C N N 90  
GLN O    O N N 91  
GLN CB   C N N 92  
GLN CG   C N N 93  
GLN CD   C N N 94  
GLN OE1  O N N 95  
GLN NE2  N N N 96  
GLN OXT  O N N 97  
GLN H    H N N 98  
GLN H2   H N N 99  
GLN HA   H N N 100 
GLN HB2  H N N 101 
GLN HB3  H N N 102 
GLN HG2  H N N 103 
GLN HG3  H N N 104 
GLN HE21 H N N 105 
GLN HE22 H N N 106 
GLN HXT  H N N 107 
GLU N    N N N 108 
GLU CA   C N S 109 
GLU C    C N N 110 
GLU O    O N N 111 
GLU CB   C N N 112 
GLU CG   C N N 113 
GLU CD   C N N 114 
GLU OE1  O N N 115 
GLU OE2  O N N 116 
GLU OXT  O N N 117 
GLU H    H N N 118 
GLU H2   H N N 119 
GLU HA   H N N 120 
GLU HB2  H N N 121 
GLU HB3  H N N 122 
GLU HG2  H N N 123 
GLU HG3  H N N 124 
GLU HE2  H N N 125 
GLU HXT  H N N 126 
GLY N    N N N 127 
GLY CA   C N N 128 
GLY C    C N N 129 
GLY O    O N N 130 
GLY OXT  O N N 131 
GLY H    H N N 132 
GLY H2   H N N 133 
GLY HA2  H N N 134 
GLY HA3  H N N 135 
GLY HXT  H N N 136 
HIS N    N N N 137 
HIS CA   C N S 138 
HIS C    C N N 139 
HIS O    O N N 140 
HIS CB   C N N 141 
HIS CG   C Y N 142 
HIS ND1  N Y N 143 
HIS CD2  C Y N 144 
HIS CE1  C Y N 145 
HIS NE2  N Y N 146 
HIS OXT  O N N 147 
HIS H    H N N 148 
HIS H2   H N N 149 
HIS HA   H N N 150 
HIS HB2  H N N 151 
HIS HB3  H N N 152 
HIS HD1  H N N 153 
HIS HD2  H N N 154 
HIS HE1  H N N 155 
HIS HE2  H N N 156 
HIS HXT  H N N 157 
HOH O    O N N 158 
HOH H1   H N N 159 
HOH H2   H N N 160 
ILE N    N N N 161 
ILE CA   C N S 162 
ILE C    C N N 163 
ILE O    O N N 164 
ILE CB   C N S 165 
ILE CG1  C N N 166 
ILE CG2  C N N 167 
ILE CD1  C N N 168 
ILE OXT  O N N 169 
ILE H    H N N 170 
ILE H2   H N N 171 
ILE HA   H N N 172 
ILE HB   H N N 173 
ILE HG12 H N N 174 
ILE HG13 H N N 175 
ILE HG21 H N N 176 
ILE HG22 H N N 177 
ILE HG23 H N N 178 
ILE HD11 H N N 179 
ILE HD12 H N N 180 
ILE HD13 H N N 181 
ILE HXT  H N N 182 
LEU N    N N N 183 
LEU CA   C N S 184 
LEU C    C N N 185 
LEU O    O N N 186 
LEU CB   C N N 187 
LEU CG   C N N 188 
LEU CD1  C N N 189 
LEU CD2  C N N 190 
LEU OXT  O N N 191 
LEU H    H N N 192 
LEU H2   H N N 193 
LEU HA   H N N 194 
LEU HB2  H N N 195 
LEU HB3  H N N 196 
LEU HG   H N N 197 
LEU HD11 H N N 198 
LEU HD12 H N N 199 
LEU HD13 H N N 200 
LEU HD21 H N N 201 
LEU HD22 H N N 202 
LEU HD23 H N N 203 
LEU HXT  H N N 204 
LYS N    N N N 205 
LYS CA   C N S 206 
LYS C    C N N 207 
LYS O    O N N 208 
LYS CB   C N N 209 
LYS CG   C N N 210 
LYS CD   C N N 211 
LYS CE   C N N 212 
LYS NZ   N N N 213 
LYS OXT  O N N 214 
LYS H    H N N 215 
LYS H2   H N N 216 
LYS HA   H N N 217 
LYS HB2  H N N 218 
LYS HB3  H N N 219 
LYS HG2  H N N 220 
LYS HG3  H N N 221 
LYS HD2  H N N 222 
LYS HD3  H N N 223 
LYS HE2  H N N 224 
LYS HE3  H N N 225 
LYS HZ1  H N N 226 
LYS HZ2  H N N 227 
LYS HZ3  H N N 228 
LYS HXT  H N N 229 
MET N    N N N 230 
MET CA   C N S 231 
MET C    C N N 232 
MET O    O N N 233 
MET CB   C N N 234 
MET CG   C N N 235 
MET SD   S N N 236 
MET CE   C N N 237 
MET OXT  O N N 238 
MET H    H N N 239 
MET H2   H N N 240 
MET HA   H N N 241 
MET HB2  H N N 242 
MET HB3  H N N 243 
MET HG2  H N N 244 
MET HG3  H N N 245 
MET HE1  H N N 246 
MET HE2  H N N 247 
MET HE3  H N N 248 
MET HXT  H N N 249 
PHE N    N N N 250 
PHE CA   C N S 251 
PHE C    C N N 252 
PHE O    O N N 253 
PHE CB   C N N 254 
PHE CG   C Y N 255 
PHE CD1  C Y N 256 
PHE CD2  C Y N 257 
PHE CE1  C Y N 258 
PHE CE2  C Y N 259 
PHE CZ   C Y N 260 
PHE OXT  O N N 261 
PHE H    H N N 262 
PHE H2   H N N 263 
PHE HA   H N N 264 
PHE HB2  H N N 265 
PHE HB3  H N N 266 
PHE HD1  H N N 267 
PHE HD2  H N N 268 
PHE HE1  H N N 269 
PHE HE2  H N N 270 
PHE HZ   H N N 271 
PHE HXT  H N N 272 
PRO N    N N N 273 
PRO CA   C N S 274 
PRO C    C N N 275 
PRO O    O N N 276 
PRO CB   C N N 277 
PRO CG   C N N 278 
PRO CD   C N N 279 
PRO OXT  O N N 280 
PRO H    H N N 281 
PRO HA   H N N 282 
PRO HB2  H N N 283 
PRO HB3  H N N 284 
PRO HG2  H N N 285 
PRO HG3  H N N 286 
PRO HD2  H N N 287 
PRO HD3  H N N 288 
PRO HXT  H N N 289 
SER N    N N N 290 
SER CA   C N S 291 
SER C    C N N 292 
SER O    O N N 293 
SER CB   C N N 294 
SER OG   O N N 295 
SER OXT  O N N 296 
SER H    H N N 297 
SER H2   H N N 298 
SER HA   H N N 299 
SER HB2  H N N 300 
SER HB3  H N N 301 
SER HG   H N N 302 
SER HXT  H N N 303 
THR N    N N N 304 
THR CA   C N S 305 
THR C    C N N 306 
THR O    O N N 307 
THR CB   C N R 308 
THR OG1  O N N 309 
THR CG2  C N N 310 
THR OXT  O N N 311 
THR H    H N N 312 
THR H2   H N N 313 
THR HA   H N N 314 
THR HB   H N N 315 
THR HG1  H N N 316 
THR HG21 H N N 317 
THR HG22 H N N 318 
THR HG23 H N N 319 
THR HXT  H N N 320 
TRP N    N N N 321 
TRP CA   C N S 322 
TRP C    C N N 323 
TRP O    O N N 324 
TRP CB   C N N 325 
TRP CG   C Y N 326 
TRP CD1  C Y N 327 
TRP CD2  C Y N 328 
TRP NE1  N Y N 329 
TRP CE2  C Y N 330 
TRP CE3  C Y N 331 
TRP CZ2  C Y N 332 
TRP CZ3  C Y N 333 
TRP CH2  C Y N 334 
TRP OXT  O N N 335 
TRP H    H N N 336 
TRP H2   H N N 337 
TRP HA   H N N 338 
TRP HB2  H N N 339 
TRP HB3  H N N 340 
TRP HD1  H N N 341 
TRP HE1  H N N 342 
TRP HE3  H N N 343 
TRP HZ2  H N N 344 
TRP HZ3  H N N 345 
TRP HH2  H N N 346 
TRP HXT  H N N 347 
TYR N    N N N 348 
TYR CA   C N S 349 
TYR C    C N N 350 
TYR O    O N N 351 
TYR CB   C N N 352 
TYR CG   C Y N 353 
TYR CD1  C Y N 354 
TYR CD2  C Y N 355 
TYR CE1  C Y N 356 
TYR CE2  C Y N 357 
TYR CZ   C Y N 358 
TYR OH   O N N 359 
TYR OXT  O N N 360 
TYR H    H N N 361 
TYR H2   H N N 362 
TYR HA   H N N 363 
TYR HB2  H N N 364 
TYR HB3  H N N 365 
TYR HD1  H N N 366 
TYR HD2  H N N 367 
TYR HE1  H N N 368 
TYR HE2  H N N 369 
TYR HH   H N N 370 
TYR HXT  H N N 371 
VAL N    N N N 372 
VAL CA   C N S 373 
VAL C    C N N 374 
VAL O    O N N 375 
VAL CB   C N N 376 
VAL CG1  C N N 377 
VAL CG2  C N N 378 
VAL OXT  O N N 379 
VAL H    H N N 380 
VAL H2   H N N 381 
VAL HA   H N N 382 
VAL HB   H N N 383 
VAL HG11 H N N 384 
VAL HG12 H N N 385 
VAL HG13 H N N 386 
VAL HG21 H N N 387 
VAL HG22 H N N 388 
VAL HG23 H N N 389 
VAL HXT  H N N 390 
# 
loop_
_chem_comp_bond.comp_id 
_chem_comp_bond.atom_id_1 
_chem_comp_bond.atom_id_2 
_chem_comp_bond.value_order 
_chem_comp_bond.pdbx_aromatic_flag 
_chem_comp_bond.pdbx_stereo_config 
_chem_comp_bond.pdbx_ordinal 
ALA N   CA   sing N N 1   
ALA N   H    sing N N 2   
ALA N   H2   sing N N 3   
ALA CA  C    sing N N 4   
ALA CA  CB   sing N N 5   
ALA CA  HA   sing N N 6   
ALA C   O    doub N N 7   
ALA C   OXT  sing N N 8   
ALA CB  HB1  sing N N 9   
ALA CB  HB2  sing N N 10  
ALA CB  HB3  sing N N 11  
ALA OXT HXT  sing N N 12  
ARG N   CA   sing N N 13  
ARG N   H    sing N N 14  
ARG N   H2   sing N N 15  
ARG CA  C    sing N N 16  
ARG CA  CB   sing N N 17  
ARG CA  HA   sing N N 18  
ARG C   O    doub N N 19  
ARG C   OXT  sing N N 20  
ARG CB  CG   sing N N 21  
ARG CB  HB2  sing N N 22  
ARG CB  HB3  sing N N 23  
ARG CG  CD   sing N N 24  
ARG CG  HG2  sing N N 25  
ARG CG  HG3  sing N N 26  
ARG CD  NE   sing N N 27  
ARG CD  HD2  sing N N 28  
ARG CD  HD3  sing N N 29  
ARG NE  CZ   sing N N 30  
ARG NE  HE   sing N N 31  
ARG CZ  NH1  sing N N 32  
ARG CZ  NH2  doub N N 33  
ARG NH1 HH11 sing N N 34  
ARG NH1 HH12 sing N N 35  
ARG NH2 HH21 sing N N 36  
ARG NH2 HH22 sing N N 37  
ARG OXT HXT  sing N N 38  
ASN N   CA   sing N N 39  
ASN N   H    sing N N 40  
ASN N   H2   sing N N 41  
ASN CA  C    sing N N 42  
ASN CA  CB   sing N N 43  
ASN CA  HA   sing N N 44  
ASN C   O    doub N N 45  
ASN C   OXT  sing N N 46  
ASN CB  CG   sing N N 47  
ASN CB  HB2  sing N N 48  
ASN CB  HB3  sing N N 49  
ASN CG  OD1  doub N N 50  
ASN CG  ND2  sing N N 51  
ASN ND2 HD21 sing N N 52  
ASN ND2 HD22 sing N N 53  
ASN OXT HXT  sing N N 54  
ASP N   CA   sing N N 55  
ASP N   H    sing N N 56  
ASP N   H2   sing N N 57  
ASP CA  C    sing N N 58  
ASP CA  CB   sing N N 59  
ASP CA  HA   sing N N 60  
ASP C   O    doub N N 61  
ASP C   OXT  sing N N 62  
ASP CB  CG   sing N N 63  
ASP CB  HB2  sing N N 64  
ASP CB  HB3  sing N N 65  
ASP CG  OD1  doub N N 66  
ASP CG  OD2  sing N N 67  
ASP OD2 HD2  sing N N 68  
ASP OXT HXT  sing N N 69  
CYS N   CA   sing N N 70  
CYS N   H    sing N N 71  
CYS N   H2   sing N N 72  
CYS CA  C    sing N N 73  
CYS CA  CB   sing N N 74  
CYS CA  HA   sing N N 75  
CYS C   O    doub N N 76  
CYS C   OXT  sing N N 77  
CYS CB  SG   sing N N 78  
CYS CB  HB2  sing N N 79  
CYS CB  HB3  sing N N 80  
CYS SG  HG   sing N N 81  
CYS OXT HXT  sing N N 82  
GLN N   CA   sing N N 83  
GLN N   H    sing N N 84  
GLN N   H2   sing N N 85  
GLN CA  C    sing N N 86  
GLN CA  CB   sing N N 87  
GLN CA  HA   sing N N 88  
GLN C   O    doub N N 89  
GLN C   OXT  sing N N 90  
GLN CB  CG   sing N N 91  
GLN CB  HB2  sing N N 92  
GLN CB  HB3  sing N N 93  
GLN CG  CD   sing N N 94  
GLN CG  HG2  sing N N 95  
GLN CG  HG3  sing N N 96  
GLN CD  OE1  doub N N 97  
GLN CD  NE2  sing N N 98  
GLN NE2 HE21 sing N N 99  
GLN NE2 HE22 sing N N 100 
GLN OXT HXT  sing N N 101 
GLU N   CA   sing N N 102 
GLU N   H    sing N N 103 
GLU N   H2   sing N N 104 
GLU CA  C    sing N N 105 
GLU CA  CB   sing N N 106 
GLU CA  HA   sing N N 107 
GLU C   O    doub N N 108 
GLU C   OXT  sing N N 109 
GLU CB  CG   sing N N 110 
GLU CB  HB2  sing N N 111 
GLU CB  HB3  sing N N 112 
GLU CG  CD   sing N N 113 
GLU CG  HG2  sing N N 114 
GLU CG  HG3  sing N N 115 
GLU CD  OE1  doub N N 116 
GLU CD  OE2  sing N N 117 
GLU OE2 HE2  sing N N 118 
GLU OXT HXT  sing N N 119 
GLY N   CA   sing N N 120 
GLY N   H    sing N N 121 
GLY N   H2   sing N N 122 
GLY CA  C    sing N N 123 
GLY CA  HA2  sing N N 124 
GLY CA  HA3  sing N N 125 
GLY C   O    doub N N 126 
GLY C   OXT  sing N N 127 
GLY OXT HXT  sing N N 128 
HIS N   CA   sing N N 129 
HIS N   H    sing N N 130 
HIS N   H2   sing N N 131 
HIS CA  C    sing N N 132 
HIS CA  CB   sing N N 133 
HIS CA  HA   sing N N 134 
HIS C   O    doub N N 135 
HIS C   OXT  sing N N 136 
HIS CB  CG   sing N N 137 
HIS CB  HB2  sing N N 138 
HIS CB  HB3  sing N N 139 
HIS CG  ND1  sing Y N 140 
HIS CG  CD2  doub Y N 141 
HIS ND1 CE1  doub Y N 142 
HIS ND1 HD1  sing N N 143 
HIS CD2 NE2  sing Y N 144 
HIS CD2 HD2  sing N N 145 
HIS CE1 NE2  sing Y N 146 
HIS CE1 HE1  sing N N 147 
HIS NE2 HE2  sing N N 148 
HIS OXT HXT  sing N N 149 
HOH O   H1   sing N N 150 
HOH O   H2   sing N N 151 
ILE N   CA   sing N N 152 
ILE N   H    sing N N 153 
ILE N   H2   sing N N 154 
ILE CA  C    sing N N 155 
ILE CA  CB   sing N N 156 
ILE CA  HA   sing N N 157 
ILE C   O    doub N N 158 
ILE C   OXT  sing N N 159 
ILE CB  CG1  sing N N 160 
ILE CB  CG2  sing N N 161 
ILE CB  HB   sing N N 162 
ILE CG1 CD1  sing N N 163 
ILE CG1 HG12 sing N N 164 
ILE CG1 HG13 sing N N 165 
ILE CG2 HG21 sing N N 166 
ILE CG2 HG22 sing N N 167 
ILE CG2 HG23 sing N N 168 
ILE CD1 HD11 sing N N 169 
ILE CD1 HD12 sing N N 170 
ILE CD1 HD13 sing N N 171 
ILE OXT HXT  sing N N 172 
LEU N   CA   sing N N 173 
LEU N   H    sing N N 174 
LEU N   H2   sing N N 175 
LEU CA  C    sing N N 176 
LEU CA  CB   sing N N 177 
LEU CA  HA   sing N N 178 
LEU C   O    doub N N 179 
LEU C   OXT  sing N N 180 
LEU CB  CG   sing N N 181 
LEU CB  HB2  sing N N 182 
LEU CB  HB3  sing N N 183 
LEU CG  CD1  sing N N 184 
LEU CG  CD2  sing N N 185 
LEU CG  HG   sing N N 186 
LEU CD1 HD11 sing N N 187 
LEU CD1 HD12 sing N N 188 
LEU CD1 HD13 sing N N 189 
LEU CD2 HD21 sing N N 190 
LEU CD2 HD22 sing N N 191 
LEU CD2 HD23 sing N N 192 
LEU OXT HXT  sing N N 193 
LYS N   CA   sing N N 194 
LYS N   H    sing N N 195 
LYS N   H2   sing N N 196 
LYS CA  C    sing N N 197 
LYS CA  CB   sing N N 198 
LYS CA  HA   sing N N 199 
LYS C   O    doub N N 200 
LYS C   OXT  sing N N 201 
LYS CB  CG   sing N N 202 
LYS CB  HB2  sing N N 203 
LYS CB  HB3  sing N N 204 
LYS CG  CD   sing N N 205 
LYS CG  HG2  sing N N 206 
LYS CG  HG3  sing N N 207 
LYS CD  CE   sing N N 208 
LYS CD  HD2  sing N N 209 
LYS CD  HD3  sing N N 210 
LYS CE  NZ   sing N N 211 
LYS CE  HE2  sing N N 212 
LYS CE  HE3  sing N N 213 
LYS NZ  HZ1  sing N N 214 
LYS NZ  HZ2  sing N N 215 
LYS NZ  HZ3  sing N N 216 
LYS OXT HXT  sing N N 217 
MET N   CA   sing N N 218 
MET N   H    sing N N 219 
MET N   H2   sing N N 220 
MET CA  C    sing N N 221 
MET CA  CB   sing N N 222 
MET CA  HA   sing N N 223 
MET C   O    doub N N 224 
MET C   OXT  sing N N 225 
MET CB  CG   sing N N 226 
MET CB  HB2  sing N N 227 
MET CB  HB3  sing N N 228 
MET CG  SD   sing N N 229 
MET CG  HG2  sing N N 230 
MET CG  HG3  sing N N 231 
MET SD  CE   sing N N 232 
MET CE  HE1  sing N N 233 
MET CE  HE2  sing N N 234 
MET CE  HE3  sing N N 235 
MET OXT HXT  sing N N 236 
PHE N   CA   sing N N 237 
PHE N   H    sing N N 238 
PHE N   H2   sing N N 239 
PHE CA  C    sing N N 240 
PHE CA  CB   sing N N 241 
PHE CA  HA   sing N N 242 
PHE C   O    doub N N 243 
PHE C   OXT  sing N N 244 
PHE CB  CG   sing N N 245 
PHE CB  HB2  sing N N 246 
PHE CB  HB3  sing N N 247 
PHE CG  CD1  doub Y N 248 
PHE CG  CD2  sing Y N 249 
PHE CD1 CE1  sing Y N 250 
PHE CD1 HD1  sing N N 251 
PHE CD2 CE2  doub Y N 252 
PHE CD2 HD2  sing N N 253 
PHE CE1 CZ   doub Y N 254 
PHE CE1 HE1  sing N N 255 
PHE CE2 CZ   sing Y N 256 
PHE CE2 HE2  sing N N 257 
PHE CZ  HZ   sing N N 258 
PHE OXT HXT  sing N N 259 
PRO N   CA   sing N N 260 
PRO N   CD   sing N N 261 
PRO N   H    sing N N 262 
PRO CA  C    sing N N 263 
PRO CA  CB   sing N N 264 
PRO CA  HA   sing N N 265 
PRO C   O    doub N N 266 
PRO C   OXT  sing N N 267 
PRO CB  CG   sing N N 268 
PRO CB  HB2  sing N N 269 
PRO CB  HB3  sing N N 270 
PRO CG  CD   sing N N 271 
PRO CG  HG2  sing N N 272 
PRO CG  HG3  sing N N 273 
PRO CD  HD2  sing N N 274 
PRO CD  HD3  sing N N 275 
PRO OXT HXT  sing N N 276 
SER N   CA   sing N N 277 
SER N   H    sing N N 278 
SER N   H2   sing N N 279 
SER CA  C    sing N N 280 
SER CA  CB   sing N N 281 
SER CA  HA   sing N N 282 
SER C   O    doub N N 283 
SER C   OXT  sing N N 284 
SER CB  OG   sing N N 285 
SER CB  HB2  sing N N 286 
SER CB  HB3  sing N N 287 
SER OG  HG   sing N N 288 
SER OXT HXT  sing N N 289 
THR N   CA   sing N N 290 
THR N   H    sing N N 291 
THR N   H2   sing N N 292 
THR CA  C    sing N N 293 
THR CA  CB   sing N N 294 
THR CA  HA   sing N N 295 
THR C   O    doub N N 296 
THR C   OXT  sing N N 297 
THR CB  OG1  sing N N 298 
THR CB  CG2  sing N N 299 
THR CB  HB   sing N N 300 
THR OG1 HG1  sing N N 301 
THR CG2 HG21 sing N N 302 
THR CG2 HG22 sing N N 303 
THR CG2 HG23 sing N N 304 
THR OXT HXT  sing N N 305 
TRP N   CA   sing N N 306 
TRP N   H    sing N N 307 
TRP N   H2   sing N N 308 
TRP CA  C    sing N N 309 
TRP CA  CB   sing N N 310 
TRP CA  HA   sing N N 311 
TRP C   O    doub N N 312 
TRP C   OXT  sing N N 313 
TRP CB  CG   sing N N 314 
TRP CB  HB2  sing N N 315 
TRP CB  HB3  sing N N 316 
TRP CG  CD1  doub Y N 317 
TRP CG  CD2  sing Y N 318 
TRP CD1 NE1  sing Y N 319 
TRP CD1 HD1  sing N N 320 
TRP CD2 CE2  doub Y N 321 
TRP CD2 CE3  sing Y N 322 
TRP NE1 CE2  sing Y N 323 
TRP NE1 HE1  sing N N 324 
TRP CE2 CZ2  sing Y N 325 
TRP CE3 CZ3  doub Y N 326 
TRP CE3 HE3  sing N N 327 
TRP CZ2 CH2  doub Y N 328 
TRP CZ2 HZ2  sing N N 329 
TRP CZ3 CH2  sing Y N 330 
TRP CZ3 HZ3  sing N N 331 
TRP CH2 HH2  sing N N 332 
TRP OXT HXT  sing N N 333 
TYR N   CA   sing N N 334 
TYR N   H    sing N N 335 
TYR N   H2   sing N N 336 
TYR CA  C    sing N N 337 
TYR CA  CB   sing N N 338 
TYR CA  HA   sing N N 339 
TYR C   O    doub N N 340 
TYR C   OXT  sing N N 341 
TYR CB  CG   sing N N 342 
TYR CB  HB2  sing N N 343 
TYR CB  HB3  sing N N 344 
TYR CG  CD1  doub Y N 345 
TYR CG  CD2  sing Y N 346 
TYR CD1 CE1  sing Y N 347 
TYR CD1 HD1  sing N N 348 
TYR CD2 CE2  doub Y N 349 
TYR CD2 HD2  sing N N 350 
TYR CE1 CZ   doub Y N 351 
TYR CE1 HE1  sing N N 352 
TYR CE2 CZ   sing Y N 353 
TYR CE2 HE2  sing N N 354 
TYR CZ  OH   sing N N 355 
TYR OH  HH   sing N N 356 
TYR OXT HXT  sing N N 357 
VAL N   CA   sing N N 358 
VAL N   H    sing N N 359 
VAL N   H2   sing N N 360 
VAL CA  C    sing N N 361 
VAL CA  CB   sing N N 362 
VAL CA  HA   sing N N 363 
VAL C   O    doub N N 364 
VAL C   OXT  sing N N 365 
VAL CB  CG1  sing N N 366 
VAL CB  CG2  sing N N 367 
VAL CB  HB   sing N N 368 
VAL CG1 HG11 sing N N 369 
VAL CG1 HG12 sing N N 370 
VAL CG1 HG13 sing N N 371 
VAL CG2 HG21 sing N N 372 
VAL CG2 HG22 sing N N 373 
VAL CG2 HG23 sing N N 374 
VAL OXT HXT  sing N N 375 
# 
_pdbx_initial_refinement_model.id               1 
_pdbx_initial_refinement_model.entity_id_list   ? 
_pdbx_initial_refinement_model.type             'experimental model' 
_pdbx_initial_refinement_model.source_name      PDB 
_pdbx_initial_refinement_model.accession_code   1YC8 
_pdbx_initial_refinement_model.details          ? 
# 
_atom_sites.entry_id                    1YZZ 
_atom_sites.fract_transf_matrix[1][1]   -0.01196495 
_atom_sites.fract_transf_matrix[1][2]   0.00486813 
_atom_sites.fract_transf_matrix[1][3]   -0.01401108 
_atom_sites.fract_transf_matrix[2][1]   0.01334963 
_atom_sites.fract_transf_matrix[2][2]   0.01138041 
_atom_sites.fract_transf_matrix[2][3]   -0.00744599 
_atom_sites.fract_transf_matrix[3][1]   0.00205142 
_atom_sites.fract_transf_matrix[3][2]   -0.00459780 
_atom_sites.fract_transf_matrix[3][3]   -0.00334934 
_atom_sites.fract_transf_vector[1]      0.223902 
_atom_sites.fract_transf_vector[2]      0.953450 
_atom_sites.fract_transf_vector[3]      0.055248 
# 
loop_
_atom_type.symbol 
C 
N 
O 
S 
# 
loop_
_atom_site.group_PDB 
_atom_site.id 
_atom_site.type_symbol 
_atom_site.label_atom_id 
_atom_site.label_alt_id 
_atom_site.label_comp_id 
_atom_site.label_asym_id 
_atom_site.label_entity_id 
_atom_site.label_seq_id 
_atom_site.pdbx_PDB_ins_code 
_atom_site.Cartn_x 
_atom_site.Cartn_y 
_atom_site.Cartn_z 
_atom_site.occupancy 
_atom_site.B_iso_or_equiv 
_atom_site.pdbx_formal_charge 
_atom_site.auth_seq_id 
_atom_site.auth_comp_id 
_atom_site.auth_asym_id 
_atom_site.auth_atom_id 
_atom_site.pdbx_PDB_model_num 
ATOM   1    N N   . ASP A 1 1   ? -12.243 2.050   13.061  1.00 68.27  ? 1   ASP A N   1 
ATOM   2    C CA  . ASP A 1 1   ? -12.180 1.000   14.115  1.00 66.67  ? 1   ASP A CA  1 
ATOM   3    C C   . ASP A 1 1   ? -10.832 0.281   14.006  1.00 64.72  ? 1   ASP A C   1 
ATOM   4    O O   . ASP A 1 1   ? -10.031 0.339   14.942  1.00 67.34  ? 1   ASP A O   1 
ATOM   5    C CB  . ASP A 1 1   ? -13.343 0.001   13.941  1.00 71.54  ? 1   ASP A CB  1 
ATOM   6    C CG  . ASP A 1 1   ? -13.577 -0.874  15.179  1.00 73.18  ? 1   ASP A CG  1 
ATOM   7    O OD1 . ASP A 1 1   ? -14.520 -1.695  15.165  1.00 73.65  ? 1   ASP A OD1 1 
ATOM   8    O OD2 . ASP A 1 1   ? -12.831 -0.741  16.172  1.00 76.80  ? 1   ASP A OD2 1 
ATOM   9    N N   . VAL A 1 2   ? -10.565 -0.370  12.867  1.00 57.96  ? 2   VAL A N   1 
ATOM   10   C CA  . VAL A 1 2   ? -9.302  -1.100  12.681  1.00 48.70  ? 2   VAL A CA  1 
ATOM   11   C C   . VAL A 1 2   ? -8.056  -0.248  12.900  1.00 47.78  ? 2   VAL A C   1 
ATOM   12   O O   . VAL A 1 2   ? -7.986  0.896   12.464  1.00 47.82  ? 2   VAL A O   1 
ATOM   13   C CB  . VAL A 1 2   ? -9.198  -1.738  11.283  1.00 41.88  ? 2   VAL A CB  1 
ATOM   14   C CG1 . VAL A 1 2   ? -7.839  -2.407  11.118  1.00 28.05  ? 2   VAL A CG1 1 
ATOM   15   C CG2 . VAL A 1 2   ? -10.300 -2.749  11.096  1.00 40.37  ? 2   VAL A CG2 1 
ATOM   16   N N   . GLN A 1 3   ? -7.066  -0.832  13.566  1.00 45.67  ? 3   GLN A N   1 
ATOM   17   C CA  . GLN A 1 3   ? -5.826  -0.139  13.860  1.00 45.49  ? 3   GLN A CA  1 
ATOM   18   C C   . GLN A 1 3   ? -4.641  -1.092  13.809  1.00 44.89  ? 3   GLN A C   1 
ATOM   19   O O   . GLN A 1 3   ? -4.672  -2.141  14.437  1.00 51.49  ? 3   GLN A O   1 
ATOM   20   C CB  . GLN A 1 3   ? -5.920  0.493   15.251  1.00 47.08  ? 3   GLN A CB  1 
ATOM   21   N N   . LEU A 1 4   ? -3.599  -0.730  13.066  1.00 42.32  ? 4   LEU A N   1 
ATOM   22   C CA  . LEU A 1 4   ? -2.403  -1.560  12.942  1.00 42.73  ? 4   LEU A CA  1 
ATOM   23   C C   . LEU A 1 4   ? -1.185  -0.887  13.566  1.00 46.79  ? 4   LEU A C   1 
ATOM   24   O O   . LEU A 1 4   ? -0.696  0.124   13.057  1.00 50.89  ? 4   LEU A O   1 
ATOM   25   C CB  . LEU A 1 4   ? -2.078  -1.859  11.473  1.00 38.06  ? 4   LEU A CB  1 
ATOM   26   C CG  . LEU A 1 4   ? -3.074  -2.631  10.613  1.00 38.93  ? 4   LEU A CG  1 
ATOM   27   C CD1 . LEU A 1 4   ? -4.312  -1.795  10.406  1.00 40.53  ? 4   LEU A CD1 1 
ATOM   28   C CD2 . LEU A 1 4   ? -2.446  -2.963  9.269   1.00 37.56  ? 4   LEU A CD2 1 
ATOM   29   N N   . VAL A 1 5   ? -0.685  -1.465  14.651  1.00 47.86  ? 5   VAL A N   1 
ATOM   30   C CA  . VAL A 1 5   ? 0.479   -0.931  15.348  1.00 46.45  ? 5   VAL A CA  1 
ATOM   31   C C   . VAL A 1 5   ? 1.712   -1.759  14.995  1.00 47.88  ? 5   VAL A C   1 
ATOM   32   O O   . VAL A 1 5   ? 1.711   -2.984  15.147  1.00 50.10  ? 5   VAL A O   1 
ATOM   33   C CB  . VAL A 1 5   ? 0.271   -0.985  16.880  1.00 46.09  ? 5   VAL A CB  1 
ATOM   34   C CG1 . VAL A 1 5   ? 1.493   -0.435  17.593  1.00 39.41  ? 5   VAL A CG1 1 
ATOM   35   C CG2 . VAL A 1 5   ? -0.990  -0.223  17.261  1.00 43.65  ? 5   VAL A CG2 1 
ATOM   36   N N   . GLU A 1 6   ? 2.771   -1.090  14.556  1.00 45.91  ? 6   GLU A N   1 
ATOM   37   C CA  . GLU A 1 6   ? 3.999   -1.778  14.179  1.00 44.19  ? 6   GLU A CA  1 
ATOM   38   C C   . GLU A 1 6   ? 5.122   -1.480  15.156  1.00 45.81  ? 6   GLU A C   1 
ATOM   39   O O   . GLU A 1 6   ? 5.125   -0.443  15.809  1.00 49.74  ? 6   GLU A O   1 
ATOM   40   C CB  . GLU A 1 6   ? 4.443   -1.313  12.807  1.00 42.70  ? 6   GLU A CB  1 
ATOM   41   C CG  . GLU A 1 6   ? 3.288   -0.898  11.938  1.00 45.58  ? 6   GLU A CG  1 
ATOM   42   O OE1 . GLU A 1 6   ? 2.943   -0.179  9.673   1.00 44.60  ? 6   GLU A OE1 1 
ATOM   43   O OE2 . GLU A 1 6   ? 4.904   -1.150  10.119  1.00 38.33  ? 6   GLU A OE2 1 
ATOM   44   N N   . SER A 1 7   ? 6.088   -2.386  15.232  1.00 47.12  ? 7   SER A N   1 
ATOM   45   C CA  . SER A 1 7   ? 7.241   -2.217  16.106  1.00 49.09  ? 7   SER A CA  1 
ATOM   46   C C   . SER A 1 7   ? 8.376   -3.157  15.729  1.00 49.57  ? 7   SER A C   1 
ATOM   47   O O   . SER A 1 7   ? 8.267   -3.916  14.767  1.00 50.10  ? 7   SER A O   1 
ATOM   48   C CB  . SER A 1 7   ? 6.834   -2.421  17.568  1.00 50.41  ? 7   SER A CB  1 
ATOM   49   O OG  . SER A 1 7   ? 6.019   -3.564  17.714  1.00 60.98  ? 7   SER A OG  1 
ATOM   50   N N   . GLY A 1 8   ? 9.474   -3.075  16.470  1.00 52.29  ? 8   GLY A N   1 
ATOM   51   C CA  . GLY A 1 8   ? 10.617  -3.935  16.214  1.00 55.18  ? 8   GLY A CA  1 
ATOM   52   C C   . GLY A 1 8   ? 11.734  -3.330  15.382  1.00 57.45  ? 8   GLY A C   1 
ATOM   53   O O   . GLY A 1 8   ? 12.866  -3.810  15.425  1.00 58.43  ? 8   GLY A O   1 
ATOM   54   N N   . GLY A 1 9   ? 11.432  -2.277  14.626  1.00 59.54  ? 9   GLY A N   1 
ATOM   55   C CA  . GLY A 1 9   ? 12.446  -1.653  13.789  1.00 61.53  ? 9   GLY A CA  1 
ATOM   56   C C   . GLY A 1 9   ? 13.624  -1.025  14.512  1.00 63.74  ? 9   GLY A C   1 
ATOM   57   O O   . GLY A 1 9   ? 13.588  -0.828  15.729  1.00 64.50  ? 9   GLY A O   1 
ATOM   58   N N   . GLY A 1 10  ? 14.675  -0.705  13.758  1.00 65.91  ? 10  GLY A N   1 
ATOM   59   C CA  . GLY A 1 10  ? 15.859  -0.096  14.343  1.00 66.63  ? 10  GLY A CA  1 
ATOM   60   C C   . GLY A 1 10  ? 17.116  -0.249  13.498  1.00 70.37  ? 10  GLY A C   1 
ATOM   61   O O   . GLY A 1 10  ? 17.100  -0.914  12.457  1.00 69.29  ? 10  GLY A O   1 
ATOM   62   N N   . SER A 1 11  ? 18.213  0.364   13.934  1.00 74.14  ? 11  SER A N   1 
ATOM   63   C CA  . SER A 1 11  ? 19.465  0.260   13.187  1.00 76.73  ? 11  SER A CA  1 
ATOM   64   C C   . SER A 1 11  ? 20.219  -1.045  13.489  1.00 77.05  ? 11  SER A C   1 
ATOM   65   O O   . SER A 1 11  ? 20.194  -1.540  14.628  1.00 74.11  ? 11  SER A O   1 
ATOM   66   C CB  . SER A 1 11  ? 20.338  1.498   13.445  1.00 77.33  ? 11  SER A CB  1 
ATOM   67   O OG  . SER A 1 11  ? 20.402  1.847   14.822  1.00 80.07  ? 11  SER A OG  1 
ATOM   68   N N   . VAL A 1 12  ? 20.866  -1.616  12.466  1.00 78.55  ? 12  VAL A N   1 
ATOM   69   C CA  . VAL A 1 12  ? 21.582  -2.891  12.626  1.00 79.90  ? 12  VAL A CA  1 
ATOM   70   C C   . VAL A 1 12  ? 22.901  -2.982  11.837  1.00 81.51  ? 12  VAL A C   1 
ATOM   71   O O   . VAL A 1 12  ? 23.104  -2.279  10.842  1.00 81.95  ? 12  VAL A O   1 
ATOM   72   C CB  . VAL A 1 12  ? 20.651  -4.068  12.203  1.00 80.46  ? 12  VAL A CB  1 
ATOM   73   C CG1 . VAL A 1 12  ? 21.406  -5.390  12.151  1.00 81.97  ? 12  VAL A CG1 1 
ATOM   74   C CG2 . VAL A 1 12  ? 19.495  -4.189  13.187  1.00 78.87  ? 12  VAL A CG2 1 
ATOM   75   N N   . GLN A 1 13  ? 23.810  -3.834  12.308  1.00 82.49  ? 13  GLN A N   1 
ATOM   76   C CA  . GLN A 1 13  ? 25.092  -4.029  11.631  1.00 83.02  ? 13  GLN A CA  1 
ATOM   77   C C   . GLN A 1 13  ? 24.738  -4.924  10.444  1.00 82.20  ? 13  GLN A C   1 
ATOM   78   O O   . GLN A 1 13  ? 24.110  -5.974  10.613  1.00 81.52  ? 13  GLN A O   1 
ATOM   79   C CB  . GLN A 1 13  ? 26.113  -4.777  12.500  1.00 84.04  ? 13  GLN A CB  1 
ATOM   80   C CG  . GLN A 1 13  ? 25.967  -4.673  13.933  1.00 83.22  ? 13  GLN A CG  1 
ATOM   81   N N   . ALA A 1 14  ? 25.126  -4.499  9.248   1.00 80.72  ? 14  ALA A N   1 
ATOM   82   C CA  . ALA A 1 14  ? 24.827  -5.245  8.031   1.00 82.20  ? 14  ALA A CA  1 
ATOM   83   C C   . ALA A 1 14  ? 25.047  -6.756  8.123   1.00 82.80  ? 14  ALA A C   1 
ATOM   84   O O   . ALA A 1 14  ? 26.176  -7.236  8.023   1.00 83.57  ? 14  ALA A O   1 
ATOM   85   C CB  . ALA A 1 14  ? 25.629  -4.674  6.874   1.00 83.44  ? 14  ALA A CB  1 
ATOM   86   N N   . GLY A 1 15  ? 23.957  -7.500  8.291   1.00 82.63  ? 15  GLY A N   1 
ATOM   87   C CA  . GLY A 1 15  ? 24.049  -8.946  8.393   1.00 80.16  ? 15  GLY A CA  1 
ATOM   88   C C   . GLY A 1 15  ? 23.407  -9.421  9.678   1.00 78.90  ? 15  GLY A C   1 
ATOM   89   O O   . GLY A 1 15  ? 23.372  -10.620 9.961   1.00 76.98  ? 15  GLY A O   1 
ATOM   90   N N   . GLY A 1 16  ? 22.896  -8.464  10.451  1.00 78.11  ? 16  GLY A N   1 
ATOM   91   C CA  . GLY A 1 16  ? 22.255  -8.768  11.718  1.00 77.24  ? 16  GLY A CA  1 
ATOM   92   C C   . GLY A 1 16  ? 20.820  -9.244  11.579  1.00 76.21  ? 16  GLY A C   1 
ATOM   93   O O   . GLY A 1 16  ? 20.350  -9.542  10.477  1.00 75.13  ? 16  GLY A O   1 
ATOM   94   N N   . SER A 1 17  ? 20.115  -9.303  12.703  1.00 74.98  ? 17  SER A N   1 
ATOM   95   C CA  . SER A 1 17  ? 18.732  -9.768  12.709  1.00 72.51  ? 17  SER A CA  1 
ATOM   96   C C   . SER A 1 17  ? 17.741  -8.776  13.305  1.00 71.46  ? 17  SER A C   1 
ATOM   97   O O   . SER A 1 17  ? 18.111  -7.909  14.103  1.00 72.82  ? 17  SER A O   1 
ATOM   98   C CB  . SER A 1 17  ? 18.636  -11.088 13.472  1.00 71.12  ? 17  SER A CB  1 
ATOM   99   O OG  . SER A 1 17  ? 17.297  -11.523 13.567  1.00 69.67  ? 17  SER A OG  1 
ATOM   100  N N   . LEU A 1 18  ? 16.479  -8.929  12.903  1.00 68.76  ? 18  LEU A N   1 
ATOM   101  C CA  . LEU A 1 18  ? 15.363  -8.100  13.362  1.00 64.05  ? 18  LEU A CA  1 
ATOM   102  C C   . LEU A 1 18  ? 14.039  -8.814  13.156  1.00 61.84  ? 18  LEU A C   1 
ATOM   103  O O   . LEU A 1 18  ? 13.922  -9.694  12.305  1.00 60.74  ? 18  LEU A O   1 
ATOM   104  C CB  . LEU A 1 18  ? 15.304  -6.777  12.598  1.00 60.99  ? 18  LEU A CB  1 
ATOM   105  C CG  . LEU A 1 18  ? 16.150  -5.591  13.048  1.00 60.19  ? 18  LEU A CG  1 
ATOM   106  C CD1 . LEU A 1 18  ? 15.991  -4.457  12.057  1.00 56.37  ? 18  LEU A CD1 1 
ATOM   107  C CD2 . LEU A 1 18  ? 15.711  -5.154  14.441  1.00 58.97  ? 18  LEU A CD2 1 
ATOM   108  N N   . ARG A 1 19  ? 13.043  -8.434  13.944  1.00 60.87  ? 19  ARG A N   1 
ATOM   109  C CA  . ARG A 1 19  ? 11.717  -9.013  13.808  1.00 60.71  ? 19  ARG A CA  1 
ATOM   110  C C   . ARG A 1 19  ? 10.672  -7.915  14.010  1.00 58.67  ? 19  ARG A C   1 
ATOM   111  O O   . ARG A 1 19  ? 10.581  -7.301  15.082  1.00 56.77  ? 19  ARG A O   1 
ATOM   112  C CB  . ARG A 1 19  ? 11.483  -10.137 14.821  1.00 62.83  ? 19  ARG A CB  1 
ATOM   113  C CG  . ARG A 1 19  ? 10.231  -10.962 14.499  1.00 69.60  ? 19  ARG A CG  1 
ATOM   114  C CD  . ARG A 1 19  ? 9.956   -12.036 15.533  1.00 72.26  ? 19  ARG A CD  1 
ATOM   115  N NE  . ARG A 1 19  ? 9.501   -11.463 16.794  1.00 78.91  ? 19  ARG A NE  1 
ATOM   116  C CZ  . ARG A 1 19  ? 9.251   -12.170 17.891  1.00 83.33  ? 19  ARG A CZ  1 
ATOM   117  N NH1 . ARG A 1 19  ? 9.417   -13.490 17.886  1.00 86.14  ? 19  ARG A NH1 1 
ATOM   118  N NH2 . ARG A 1 19  ? 8.835   -11.560 18.993  1.00 87.02  ? 19  ARG A NH2 1 
ATOM   119  N N   . LEU A 1 20  ? 9.896   -7.663  12.964  1.00 55.86  ? 20  LEU A N   1 
ATOM   120  C CA  . LEU A 1 20  ? 8.861   -6.651  13.020  1.00 53.17  ? 20  LEU A CA  1 
ATOM   121  C C   . LEU A 1 20  ? 7.533   -7.334  13.299  1.00 51.66  ? 20  LEU A C   1 
ATOM   122  O O   . LEU A 1 20  ? 7.296   -8.464  12.868  1.00 53.12  ? 20  LEU A O   1 
ATOM   123  C CB  . LEU A 1 20  ? 8.773   -5.924  11.685  1.00 52.93  ? 20  LEU A CB  1 
ATOM   124  C CG  . LEU A 1 20  ? 10.111  -5.537  11.060  1.00 55.83  ? 20  LEU A CG  1 
ATOM   125  C CD1 . LEU A 1 20  ? 9.845   -4.885  9.712   1.00 53.21  ? 20  LEU A CD1 1 
ATOM   126  C CD2 . LEU A 1 20  ? 10.891  -4.614  11.998  1.00 54.55  ? 20  LEU A CD2 1 
ATOM   127  N N   . SER A 1 21  ? 6.668   -6.644  14.024  1.00 50.00  ? 21  SER A N   1 
ATOM   128  C CA  . SER A 1 21  ? 5.357   -7.174  14.336  1.00 49.03  ? 21  SER A CA  1 
ATOM   129  C C   . SER A 1 21  ? 4.318   -6.138  13.937  1.00 48.68  ? 21  SER A C   1 
ATOM   130  O O   . SER A 1 21  ? 4.567   -4.944  14.023  1.00 49.78  ? 21  SER A O   1 
ATOM   131  C CB  . SER A 1 21  ? 5.261   -7.475  15.822  1.00 48.51  ? 21  SER A CB  1 
ATOM   132  O OG  . SER A 1 21  ? 5.622   -6.334  16.570  1.00 53.15  ? 21  SER A OG  1 
ATOM   133  N N   . CYS A 1 22  ? 3.162   -6.615  13.494  1.00 49.19  ? 22  CYS A N   1 
ATOM   134  C CA  . CYS A 1 22  ? 2.052   -5.774  13.059  1.00 49.11  ? 22  CYS A CA  1 
ATOM   135  C C   . CYS A 1 22  ? 0.829   -6.203  13.876  1.00 49.07  ? 22  CYS A C   1 
ATOM   136  O O   . CYS A 1 22  ? 0.151   -7.171  13.541  1.00 47.80  ? 22  CYS A O   1 
ATOM   137  C CB  . CYS A 1 22  ? 1.815   -6.008  11.562  1.00 50.31  ? 22  CYS A CB  1 
ATOM   138  S SG  . CYS A 1 22  ? 0.356   -5.244  10.790  1.00 55.49  ? 22  CYS A SG  1 
ATOM   139  N N   . ALA A 1 23  ? 0.570   -5.492  14.970  1.00 49.40  ? 23  ALA A N   1 
ATOM   140  C CA  . ALA A 1 23  ? -0.560  -5.795  15.841  1.00 47.04  ? 23  ALA A CA  1 
ATOM   141  C C   . ALA A 1 23  ? -1.831  -5.269  15.195  1.00 45.00  ? 23  ALA A C   1 
ATOM   142  O O   . ALA A 1 23  ? -1.836  -4.187  14.626  1.00 46.97  ? 23  ALA A O   1 
ATOM   143  C CB  . ALA A 1 23  ? -0.354  -5.150  17.202  1.00 45.29  ? 23  ALA A CB  1 
ATOM   144  N N   . VAL A 1 24  ? -2.909  -6.033  15.291  1.00 41.45  ? 24  VAL A N   1 
ATOM   145  C CA  . VAL A 1 24  ? -4.166  -5.630  14.687  1.00 39.61  ? 24  VAL A CA  1 
ATOM   146  C C   . VAL A 1 24  ? -5.308  -5.615  15.699  1.00 43.04  ? 24  VAL A C   1 
ATOM   147  O O   . VAL A 1 24  ? -5.662  -6.655  16.255  1.00 45.25  ? 24  VAL A O   1 
ATOM   148  C CB  . VAL A 1 24  ? -4.541  -6.589  13.561  1.00 36.82  ? 24  VAL A CB  1 
ATOM   149  C CG1 . VAL A 1 24  ? -5.797  -6.098  12.855  1.00 26.94  ? 24  VAL A CG1 1 
ATOM   150  C CG2 . VAL A 1 24  ? -3.365  -6.746  12.606  1.00 31.21  ? 24  VAL A CG2 1 
ATOM   151  N N   . SER A 1 25  ? -5.889  -4.440  15.931  1.00 41.66  ? 25  SER A N   1 
ATOM   152  C CA  . SER A 1 25  ? -6.996  -4.315  16.870  1.00 40.31  ? 25  SER A CA  1 
ATOM   153  C C   . SER A 1 25  ? -8.212  -3.683  16.210  1.00 41.56  ? 25  SER A C   1 
ATOM   154  O O   . SER A 1 25  ? -8.082  -2.855  15.310  1.00 45.55  ? 25  SER A O   1 
ATOM   155  C CB  . SER A 1 25  ? -6.558  -3.501  18.081  1.00 38.42  ? 25  SER A CB  1 
ATOM   156  O OG  . SER A 1 25  ? -5.901  -2.328  17.666  1.00 39.56  ? 25  SER A OG  1 
ATOM   157  N N   . GLY A 1 26  ? -9.393  -4.083  16.662  1.00 39.86  ? 26  GLY A N   1 
ATOM   158  C CA  . GLY A 1 26  ? -10.623 -3.576  16.089  1.00 40.09  ? 26  GLY A CA  1 
ATOM   159  C C   . GLY A 1 26  ? -11.379 -4.715  15.422  1.00 42.13  ? 26  GLY A C   1 
ATOM   160  O O   . GLY A 1 26  ? -10.932 -5.869  15.437  1.00 40.13  ? 26  GLY A O   1 
ATOM   161  N N   . SER A 1 27  ? -12.521 -4.393  14.822  1.00 42.93  ? 27  SER A N   1 
ATOM   162  C CA  . SER A 1 27  ? -13.352 -5.392  14.163  1.00 45.91  ? 27  SER A CA  1 
ATOM   163  C C   . SER A 1 27  ? -13.034 -5.580  12.675  1.00 47.48  ? 27  SER A C   1 
ATOM   164  O O   . SER A 1 27  ? -13.324 -4.713  11.860  1.00 49.53  ? 27  SER A O   1 
ATOM   165  C CB  . SER A 1 27  ? -14.828 -5.021  14.333  1.00 36.77  ? 27  SER A CB  1 
ATOM   166  N N   . THR A 1 28  ? -12.434 -6.714  12.326  1.00 50.87  ? 28  THR A N   1 
ATOM   167  C CA  . THR A 1 28  ? -12.121 -6.999  10.933  1.00 53.35  ? 28  THR A CA  1 
ATOM   168  C C   . THR A 1 28  ? -13.276 -7.745  10.294  1.00 56.93  ? 28  THR A C   1 
ATOM   169  O O   . THR A 1 28  ? -13.370 -7.830  9.064   1.00 57.85  ? 28  THR A O   1 
ATOM   170  C CB  . THR A 1 28  ? -10.859 -7.858  10.773  1.00 54.07  ? 28  THR A CB  1 
ATOM   171  O OG1 . THR A 1 28  ? -10.725 -8.221  9.397   1.00 60.85  ? 28  THR A OG1 1 
ATOM   172  C CG2 . THR A 1 28  ? -10.947 -9.120  11.580  1.00 50.69  ? 28  THR A CG2 1 
ATOM   173  N N   . TYR A 1 29  ? -14.149 -8.289  11.136  1.00 58.75  ? 29  TYR A N   1 
ATOM   174  C CA  . TYR A 1 29  ? -15.319 -9.029  10.684  1.00 58.36  ? 29  TYR A CA  1 
ATOM   175  C C   . TYR A 1 29  ? -15.000 -10.196 9.769   1.00 58.11  ? 29  TYR A C   1 
ATOM   176  O O   . TYR A 1 29  ? -15.900 -10.829 9.232   1.00 59.50  ? 29  TYR A O   1 
ATOM   177  C CB  . TYR A 1 29  ? -16.313 -8.102  9.985   1.00 55.16  ? 29  TYR A CB  1 
ATOM   178  C CG  . TYR A 1 29  ? -16.995 -7.093  10.892  1.00 61.07  ? 29  TYR A CG  1 
ATOM   179  C CD1 . TYR A 1 29  ? -16.395 -5.877  11.210  1.00 62.72  ? 29  TYR A CD1 1 
ATOM   180  C CD2 . TYR A 1 29  ? -18.236 -7.375  11.438  1.00 62.36  ? 29  TYR A CD2 1 
ATOM   181  C CE1 . TYR A 1 29  ? -17.024 -4.971  12.058  1.00 68.11  ? 29  TYR A CE1 1 
ATOM   182  C CE2 . TYR A 1 29  ? -18.869 -6.484  12.283  1.00 69.45  ? 29  TYR A CE2 1 
ATOM   183  C CZ  . TYR A 1 29  ? -18.261 -5.278  12.592  1.00 73.58  ? 29  TYR A CZ  1 
ATOM   184  O OH  . TYR A 1 29  ? -18.896 -4.371  13.439  1.00 79.17  ? 29  TYR A OH  1 
ATOM   185  N N   . SER A 1 30  ? -13.715 -10.481 9.606   1.00 58.71  ? 30  SER A N   1 
ATOM   186  C CA  . SER A 1 30  ? -13.269 -11.563 8.740   1.00 59.35  ? 30  SER A CA  1 
ATOM   187  C C   . SER A 1 30  ? -11.751 -11.640 8.668   1.00 58.15  ? 30  SER A C   1 
ATOM   188  O O   . SER A 1 30  ? -11.059 -10.645 8.792   1.00 59.03  ? 30  SER A O   1 
ATOM   189  C CB  . SER A 1 30  ? -13.798 -11.357 7.320   1.00 60.17  ? 30  SER A CB  1 
ATOM   190  O OG  . SER A 1 30  ? -13.209 -12.298 6.438   1.00 65.05  ? 30  SER A OG  1 
ATOM   191  N N   . PRO A 1 31  ? -11.218 -12.844 8.485   1.00 55.94  ? 31  PRO A N   1 
ATOM   192  C CA  . PRO A 1 31  ? -9.770  -13.043 8.385   1.00 55.33  ? 31  PRO A CA  1 
ATOM   193  C C   . PRO A 1 31  ? -9.240  -12.264 7.173   1.00 53.93  ? 31  PRO A C   1 
ATOM   194  O O   . PRO A 1 31  ? -9.948  -12.106 6.179   1.00 52.73  ? 31  PRO A O   1 
ATOM   195  C CB  . PRO A 1 31  ? -9.651  -14.551 8.226   1.00 56.94  ? 31  PRO A CB  1 
ATOM   196  C CG  . PRO A 1 31  ? -10.901 -14.937 7.461   1.00 55.01  ? 31  PRO A CG  1 
ATOM   197  N N   . CYS A 1 32  ? -8.011  -11.762 7.245   1.00 52.10  ? 32  CYS A N   1 
ATOM   198  C CA  . CYS A 1 32  ? -7.506  -10.979 6.126   1.00 49.78  ? 32  CYS A CA  1 
ATOM   199  C C   . CYS A 1 32  ? -6.128  -11.373 5.654   1.00 50.01  ? 32  CYS A C   1 
ATOM   200  O O   . CYS A 1 32  ? -5.464  -12.241 6.233   1.00 50.02  ? 32  CYS A O   1 
ATOM   201  C CB  . CYS A 1 32  ? -7.469  -9.492  6.481   1.00 49.90  ? 32  CYS A CB  1 
ATOM   202  S SG  . CYS A 1 32  ? -8.785  -8.949  7.609   1.00 51.66  ? 32  CYS A SG  1 
ATOM   203  N N   . THR A 1 33  ? -5.724  -10.721 4.568   1.00 48.37  ? 33  THR A N   1 
ATOM   204  C CA  . THR A 1 33  ? -4.414  -10.915 3.984   1.00 46.52  ? 33  THR A CA  1 
ATOM   205  C C   . THR A 1 33  ? -3.585  -9.851  4.678   1.00 46.02  ? 33  THR A C   1 
ATOM   206  O O   . THR A 1 33  ? -4.040  -8.720  4.855   1.00 44.09  ? 33  THR A O   1 
ATOM   207  C CB  . THR A 1 33  ? -4.398  -10.613 2.465   1.00 47.32  ? 33  THR A CB  1 
ATOM   208  O OG1 . THR A 1 33  ? -5.295  -11.499 1.783   1.00 39.90  ? 33  THR A OG1 1 
ATOM   209  C CG2 . THR A 1 33  ? -2.975  -10.775 1.901   1.00 45.42  ? 33  THR A CG2 1 
ATOM   210  N N   . THR A 1 34  ? -2.389  -10.219 5.100   1.00 45.76  ? 34  THR A N   1 
ATOM   211  C CA  . THR A 1 34  ? -1.522  -9.265  5.746   1.00 49.07  ? 34  THR A CA  1 
ATOM   212  C C   . THR A 1 34  ? -0.205  -9.217  5.008   1.00 47.21  ? 34  THR A C   1 
ATOM   213  O O   . THR A 1 34  ? 0.485   -10.219 4.893   1.00 49.37  ? 34  THR A O   1 
ATOM   214  C CB  . THR A 1 34  ? -1.278  -9.642  7.188   1.00 52.60  ? 34  THR A CB  1 
ATOM   215  O OG1 . THR A 1 34  ? -2.529  -9.644  7.885   1.00 59.44  ? 34  THR A OG1 1 
ATOM   216  C CG2 . THR A 1 34  ? -0.335  -8.636  7.833   1.00 58.31  ? 34  THR A CG2 1 
ATOM   217  N N   . GLY A 1 35  ? 0.140   -8.050  4.493   1.00 45.95  ? 35  GLY A N   1 
ATOM   218  C CA  . GLY A 1 35  ? 1.388   -7.943  3.771   1.00 47.71  ? 35  GLY A CA  1 
ATOM   219  C C   . GLY A 1 35  ? 2.321   -6.885  4.319   1.00 45.85  ? 35  GLY A C   1 
ATOM   220  O O   . GLY A 1 35  ? 1.958   -6.096  5.198   1.00 46.96  ? 35  GLY A O   1 
ATOM   221  N N   . TRP A 1 36  ? 3.543   -6.889  3.804   1.00 41.54  ? 36  TRP A N   1 
ATOM   222  C CA  . TRP A 1 36  ? 4.526   -5.914  4.204   1.00 38.71  ? 36  TRP A CA  1 
ATOM   223  C C   . TRP A 1 36  ? 5.048   -5.152  3.004   1.00 36.90  ? 36  TRP A C   1 
ATOM   224  O O   . TRP A 1 36  ? 5.478   -5.739  2.020   1.00 34.00  ? 36  TRP A O   1 
ATOM   225  C CB  . TRP A 1 36  ? 5.693   -6.569  4.925   1.00 40.30  ? 36  TRP A CB  1 
ATOM   226  C CG  . TRP A 1 36  ? 5.366   -7.075  6.296   1.00 46.21  ? 36  TRP A CG  1 
ATOM   227  C CD1 . TRP A 1 36  ? 4.961   -8.334  6.636   1.00 49.47  ? 36  TRP A CD1 1 
ATOM   228  C CD2 . TRP A 1 36  ? 5.440   -6.334  7.525   1.00 47.06  ? 36  TRP A CD2 1 
ATOM   229  N NE1 . TRP A 1 36  ? 4.785   -8.426  8.001   1.00 47.50  ? 36  TRP A NE1 1 
ATOM   230  C CE2 . TRP A 1 36  ? 5.071   -7.211  8.566   1.00 46.33  ? 36  TRP A CE2 1 
ATOM   231  C CE3 . TRP A 1 36  ? 5.782   -5.009  7.841   1.00 45.11  ? 36  TRP A CE3 1 
ATOM   232  C CZ2 . TRP A 1 36  ? 5.036   -6.811  9.906   1.00 44.59  ? 36  TRP A CZ2 1 
ATOM   233  C CZ3 . TRP A 1 36  ? 5.747   -4.614  9.173   1.00 45.47  ? 36  TRP A CZ3 1 
ATOM   234  C CH2 . TRP A 1 36  ? 5.375   -5.513  10.187  1.00 46.16  ? 36  TRP A CH2 1 
ATOM   235  N N   . VAL A 1 37  ? 4.976   -3.831  3.077   1.00 37.45  ? 37  VAL A N   1 
ATOM   236  C CA  . VAL A 1 37  ? 5.498   -3.010  1.997   1.00 41.25  ? 37  VAL A CA  1 
ATOM   237  C C   . VAL A 1 37  ? 6.646   -2.174  2.582   1.00 39.48  ? 37  VAL A C   1 
ATOM   238  O O   . VAL A 1 37  ? 6.618   -1.790  3.748   1.00 39.65  ? 37  VAL A O   1 
ATOM   239  C CB  . VAL A 1 37  ? 4.412   -2.064  1.407   1.00 43.01  ? 37  VAL A CB  1 
ATOM   240  C CG1 . VAL A 1 37  ? 3.124   -2.827  1.169   1.00 37.57  ? 37  VAL A CG1 1 
ATOM   241  C CG2 . VAL A 1 37  ? 4.192   -0.889  2.319   1.00 49.88  ? 37  VAL A CG2 1 
ATOM   242  N N   . ARG A 1 38  ? 7.678   -1.924  1.798   1.00 39.39  ? 38  ARG A N   1 
ATOM   243  C CA  . ARG A 1 38  ? 8.763   -1.108  2.315   1.00 40.52  ? 38  ARG A CA  1 
ATOM   244  C C   . ARG A 1 38  ? 9.069   -0.023  1.312   1.00 40.59  ? 38  ARG A C   1 
ATOM   245  O O   . ARG A 1 38  ? 8.775   -0.160  0.128   1.00 41.68  ? 38  ARG A O   1 
ATOM   246  C CB  . ARG A 1 38  ? 10.024  -1.943  2.568   1.00 37.77  ? 38  ARG A CB  1 
ATOM   247  C CG  . ARG A 1 38  ? 10.687  -2.436  1.322   1.00 25.03  ? 38  ARG A CG  1 
ATOM   248  N NE  . ARG A 1 38  ? 12.457  -3.925  0.531   1.00 44.16  ? 38  ARG A NE  1 
ATOM   249  C CZ  . ARG A 1 38  ? 13.469  -4.777  0.606   1.00 46.70  ? 38  ARG A CZ  1 
ATOM   250  N NH1 . ARG A 1 38  ? 13.976  -5.102  1.787   1.00 39.02  ? 38  ARG A NH1 1 
ATOM   251  N NH2 . ARG A 1 38  ? 13.967  -5.300  -0.506  1.00 47.07  ? 38  ARG A NH2 1 
ATOM   252  N N   . GLN A 1 39  ? 9.664   1.056   1.797   1.00 43.51  ? 39  GLN A N   1 
ATOM   253  C CA  . GLN A 1 39  ? 10.031  2.179   0.944   1.00 43.75  ? 39  GLN A CA  1 
ATOM   254  C C   . GLN A 1 39  ? 11.462  2.597   1.234   1.00 43.14  ? 39  GLN A C   1 
ATOM   255  O O   . GLN A 1 39  ? 11.772  3.054   2.331   1.00 40.15  ? 39  GLN A O   1 
ATOM   256  C CB  . GLN A 1 39  ? 9.073   3.345   1.172   1.00 39.13  ? 39  GLN A CB  1 
ATOM   257  C CG  . GLN A 1 39  ? 9.463   4.606   0.456   1.00 41.47  ? 39  GLN A CG  1 
ATOM   258  C CD  . GLN A 1 39  ? 8.362   5.644   0.489   1.00 45.18  ? 39  GLN A CD  1 
ATOM   259  O OE1 . GLN A 1 39  ? 7.807   5.949   1.547   1.00 47.26  ? 39  GLN A OE1 1 
ATOM   260  N NE2 . GLN A 1 39  ? 8.047   6.204   -0.673  1.00 44.06  ? 39  GLN A NE2 1 
ATOM   261  N N   . ALA A 1 40  ? 12.334  2.401   0.251   1.00 45.90  ? 40  ALA A N   1 
ATOM   262  C CA  . ALA A 1 40  ? 13.738  2.763   0.391   1.00 48.64  ? 40  ALA A CA  1 
ATOM   263  C C   . ALA A 1 40  ? 13.848  4.280   0.287   1.00 51.85  ? 40  ALA A C   1 
ATOM   264  O O   . ALA A 1 40  ? 12.974  4.939   -0.290  1.00 50.36  ? 40  ALA A O   1 
ATOM   265  C CB  . ALA A 1 40  ? 14.564  2.099   -0.703  1.00 44.92  ? 40  ALA A CB  1 
ATOM   266  N N   . PRO A 1 41  ? 14.924  4.854   0.850   1.00 55.16  ? 41  PRO A N   1 
ATOM   267  C CA  . PRO A 1 41  ? 15.155  6.305   0.825   1.00 55.47  ? 41  PRO A CA  1 
ATOM   268  C C   . PRO A 1 41  ? 15.042  6.855   -0.593  1.00 55.77  ? 41  PRO A C   1 
ATOM   269  O O   . PRO A 1 41  ? 15.724  6.384   -1.517  1.00 53.13  ? 41  PRO A O   1 
ATOM   270  C CB  . PRO A 1 41  ? 16.563  6.423   1.404   1.00 57.61  ? 41  PRO A CB  1 
ATOM   271  C CG  . PRO A 1 41  ? 16.565  5.288   2.426   1.00 57.35  ? 41  PRO A CG  1 
ATOM   272  C CD  . PRO A 1 41  ? 16.045  4.178   1.533   1.00 55.50  ? 41  PRO A CD  1 
ATOM   273  N N   . GLY A 1 42  ? 14.172  7.846   -0.759  1.00 55.48  ? 42  GLY A N   1 
ATOM   274  C CA  . GLY A 1 42  ? 13.969  8.417   -2.076  1.00 56.45  ? 42  GLY A CA  1 
ATOM   275  C C   . GLY A 1 42  ? 13.658  7.314   -3.074  1.00 56.97  ? 42  GLY A C   1 
ATOM   276  O O   . GLY A 1 42  ? 14.422  7.080   -4.007  1.00 57.19  ? 42  GLY A O   1 
ATOM   277  N N   . LYS A 1 43  ? 12.547  6.614   -2.851  1.00 58.15  ? 43  LYS A N   1 
ATOM   278  C CA  . LYS A 1 43  ? 12.104  5.526   -3.721  1.00 55.94  ? 43  LYS A CA  1 
ATOM   279  C C   . LYS A 1 43  ? 10.639  5.155   -3.525  1.00 54.27  ? 43  LYS A C   1 
ATOM   280  O O   . LYS A 1 43  ? 9.971   5.618   -2.592  1.00 53.15  ? 43  LYS A O   1 
ATOM   281  C CB  . LYS A 1 43  ? 12.964  4.276   -3.526  1.00 55.69  ? 43  LYS A CB  1 
ATOM   282  C CG  . LYS A 1 43  ? 14.340  4.375   -4.145  1.00 61.03  ? 43  LYS A CG  1 
ATOM   283  C CD  . LYS A 1 43  ? 14.241  4.622   -5.647  1.00 61.48  ? 43  LYS A CD  1 
ATOM   284  N N   . GLY A 1 44  ? 10.150  4.302   -4.418  1.00 51.20  ? 44  GLY A N   1 
ATOM   285  C CA  . GLY A 1 44  ? 8.767   3.886   -4.355  1.00 51.97  ? 44  GLY A CA  1 
ATOM   286  C C   . GLY A 1 44  ? 8.495   2.825   -3.311  1.00 50.62  ? 44  GLY A C   1 
ATOM   287  O O   . GLY A 1 44  ? 9.344   2.527   -2.466  1.00 51.56  ? 44  GLY A O   1 
ATOM   288  N N   . LEU A 1 45  ? 7.298   2.254   -3.378  1.00 47.04  ? 45  LEU A N   1 
ATOM   289  C CA  . LEU A 1 45  ? 6.880   1.222   -2.449  1.00 43.58  ? 45  LEU A CA  1 
ATOM   290  C C   . LEU A 1 45  ? 7.105   -0.120  -3.123  1.00 42.91  ? 45  LEU A C   1 
ATOM   291  O O   . LEU A 1 45  ? 7.028   -0.217  -4.343  1.00 42.98  ? 45  LEU A O   1 
ATOM   292  C CB  . LEU A 1 45  ? 5.400   1.392   -2.136  1.00 42.04  ? 45  LEU A CB  1 
ATOM   293  C CG  . LEU A 1 45  ? 5.030   2.817   -1.709  1.00 44.89  ? 45  LEU A CG  1 
ATOM   294  C CD1 . LEU A 1 45  ? 3.524   2.963   -1.606  1.00 39.19  ? 45  LEU A CD1 1 
ATOM   295  C CD2 . LEU A 1 45  ? 5.716   3.146   -0.391  1.00 37.21  ? 45  LEU A CD2 1 
ATOM   296  N N   . GLU A 1 46  ? 7.397   -1.153  -2.343  1.00 42.31  ? 46  GLU A N   1 
ATOM   297  C CA  . GLU A 1 46  ? 7.586   -2.463  -2.931  1.00 42.25  ? 46  GLU A CA  1 
ATOM   298  C C   . GLU A 1 46  ? 7.056   -3.580  -2.029  1.00 40.68  ? 46  GLU A C   1 
ATOM   299  O O   . GLU A 1 46  ? 7.322   -3.613  -0.828  1.00 39.16  ? 46  GLU A O   1 
ATOM   300  C CB  . GLU A 1 46  ? 9.067   -2.701  -3.263  1.00 42.53  ? 46  GLU A CB  1 
ATOM   301  C CG  . GLU A 1 46  ? 9.906   -3.027  -2.072  1.00 41.22  ? 46  GLU A CG  1 
ATOM   302  O OE1 . GLU A 1 46  ? 11.456  -4.293  -3.530  1.00 39.67  ? 46  GLU A OE1 1 
ATOM   303  O OE2 . GLU A 1 46  ? 12.360  -3.019  -1.881  1.00 48.05  ? 46  GLU A OE2 1 
ATOM   304  N N   . TRP A 1 47  ? 6.287   -4.473  -2.637  1.00 42.25  ? 47  TRP A N   1 
ATOM   305  C CA  . TRP A 1 47  ? 5.708   -5.639  -1.980  1.00 44.95  ? 47  TRP A CA  1 
ATOM   306  C C   . TRP A 1 47  ? 6.810   -6.574  -1.495  1.00 41.83  ? 47  TRP A C   1 
ATOM   307  O O   . TRP A 1 47  ? 7.585   -7.072  -2.293  1.00 44.39  ? 47  TRP A O   1 
ATOM   308  C CB  . TRP A 1 47  ? 4.785   -6.336  -2.981  1.00 53.44  ? 47  TRP A CB  1 
ATOM   309  C CG  . TRP A 1 47  ? 4.379   -7.717  -2.621  1.00 68.94  ? 47  TRP A CG  1 
ATOM   310  C CD1 . TRP A 1 47  ? 5.015   -8.888  -2.963  1.00 74.83  ? 47  TRP A CD1 1 
ATOM   311  C CD2 . TRP A 1 47  ? 3.222   -8.088  -1.893  1.00 75.08  ? 47  TRP A CD2 1 
ATOM   312  N NE1 . TRP A 1 47  ? 4.306   -9.970  -2.496  1.00 80.05  ? 47  TRP A NE1 1 
ATOM   313  C CE2 . TRP A 1 47  ? 3.198   -9.493  -1.837  1.00 82.20  ? 47  TRP A CE2 1 
ATOM   314  C CE3 . TRP A 1 47  ? 2.183   -7.364  -1.277  1.00 80.24  ? 47  TRP A CE3 1 
ATOM   315  C CZ2 . TRP A 1 47  ? 2.192   -10.164 -1.213  1.00 87.78  ? 47  TRP A CZ2 1 
ATOM   316  C CZ3 . TRP A 1 47  ? 1.171   -8.054  -0.642  1.00 82.33  ? 47  TRP A CZ3 1 
ATOM   317  C CH2 . TRP A 1 47  ? 1.182   -9.415  -0.617  1.00 85.68  ? 47  TRP A CH2 1 
ATOM   318  N N   . VAL A 1 48  ? 6.875   -6.818  -0.190  1.00 37.92  ? 48  VAL A N   1 
ATOM   319  C CA  . VAL A 1 48  ? 7.928   -7.667  0.371   1.00 39.70  ? 48  VAL A CA  1 
ATOM   320  C C   . VAL A 1 48  ? 7.539   -9.141  0.539   1.00 43.42  ? 48  VAL A C   1 
ATOM   321  O O   . VAL A 1 48  ? 8.195   -10.046 0.002   1.00 43.26  ? 48  VAL A O   1 
ATOM   322  C CB  . VAL A 1 48  ? 8.397   -7.123  1.753   1.00 37.79  ? 48  VAL A CB  1 
ATOM   323  C CG1 . VAL A 1 48  ? 9.423   -8.046  2.365   1.00 33.69  ? 48  VAL A CG1 1 
ATOM   324  C CG2 . VAL A 1 48  ? 8.979   -5.730  1.602   1.00 35.62  ? 48  VAL A CG2 1 
ATOM   325  N N   . SER A 1 49  ? 6.487   -9.377  1.312   1.00 44.90  ? 49  SER A N   1 
ATOM   326  C CA  . SER A 1 49  ? 6.003   -10.723 1.551   1.00 47.34  ? 49  SER A CA  1 
ATOM   327  C C   . SER A 1 49  ? 4.546   -10.608 1.949   1.00 49.90  ? 49  SER A C   1 
ATOM   328  O O   . SER A 1 49  ? 4.088   -9.549  2.387   1.00 48.97  ? 49  SER A O   1 
ATOM   329  C CB  . SER A 1 49  ? 6.773   -11.398 2.691   1.00 46.27  ? 49  SER A CB  1 
ATOM   330  O OG  . SER A 1 49  ? 6.395   -10.856 3.942   1.00 52.01  ? 49  SER A OG  1 
ATOM   331  N N   . SER A 1 50  ? 3.814   -11.703 1.800   1.00 52.01  ? 50  SER A N   1 
ATOM   332  C CA  . SER A 1 50  ? 2.410   -11.712 2.175   1.00 50.79  ? 50  SER A CA  1 
ATOM   333  C C   . SER A 1 50  ? 1.934   -13.055 2.621   1.00 48.77  ? 50  SER A C   1 
ATOM   334  O O   . SER A 1 50  ? 2.465   -14.084 2.219   1.00 47.89  ? 50  SER A O   1 
ATOM   335  C CB  . SER A 1 50  ? 1.595   -11.382 1.003   1.00 51.54  ? 50  SER A CB  1 
ATOM   336  O OG  . SER A 1 50  ? 0.224   -11.176 1.251   1.00 63.84  ? 50  SER A OG  1 
ATOM   337  N N   . ILE A 1 51  ? 0.928   -13.040 3.478   1.00 48.62  ? 51  ILE A N   1 
ATOM   338  C CA  . ILE A 1 51  ? 0.335   -14.274 3.960   1.00 50.16  ? 51  ILE A CA  1 
ATOM   339  C C   . ILE A 1 51  ? -1.166  -14.087 3.812   1.00 51.01  ? 51  ILE A C   1 
ATOM   340  O O   . ILE A 1 51  ? -1.758  -13.208 4.428   1.00 51.23  ? 51  ILE A O   1 
ATOM   341  C CB  . ILE A 1 51  ? 0.703   -14.567 5.435   1.00 49.86  ? 51  ILE A CB  1 
ATOM   342  C CG1 . ILE A 1 51  ? 0.121   -15.925 5.839   1.00 49.26  ? 51  ILE A CG1 1 
ATOM   343  C CG2 . ILE A 1 51  ? 0.182   -13.472 6.340   1.00 49.53  ? 51  ILE A CG2 1 
ATOM   344  C CD1 . ILE A 1 51  ? 0.477   -16.353 7.239   1.00 49.92  ? 51  ILE A CD1 1 
ATOM   345  N N   . SER A 1 52  ? -1.772  -14.896 2.952   1.00 53.63  ? 52  SER A N   1 
ATOM   346  C CA  . SER A 1 52  ? -3.208  -14.815 2.696   1.00 55.46  ? 52  SER A CA  1 
ATOM   347  C C   . SER A 1 52  ? -4.014  -15.266 3.895   1.00 57.07  ? 52  SER A C   1 
ATOM   348  O O   . SER A 1 52  ? -3.473  -15.824 4.856   1.00 54.71  ? 52  SER A O   1 
ATOM   349  C CB  . SER A 1 52  ? -3.577  -15.695 1.513   1.00 55.37  ? 52  SER A CB  1 
ATOM   350  O OG  . SER A 1 52  ? -3.212  -17.040 1.784   1.00 57.37  ? 52  SER A OG  1 
ATOM   351  N N   . SER A 1 53  ? -5.316  -15.020 3.821   1.00 59.27  ? 53  SER A N   1 
ATOM   352  C CA  . SER A 1 53  ? -6.226  -15.411 4.882   1.00 61.78  ? 53  SER A CA  1 
ATOM   353  C C   . SER A 1 53  ? -6.095  -16.904 5.142   1.00 62.64  ? 53  SER A C   1 
ATOM   354  O O   . SER A 1 53  ? -5.889  -17.345 6.270   1.00 62.36  ? 53  SER A O   1 
ATOM   355  C CB  . SER A 1 53  ? -7.668  -15.090 4.478   1.00 62.99  ? 53  SER A CB  1 
ATOM   356  O OG  . SER A 1 53  ? -8.576  -15.498 5.486   1.00 65.90  ? 53  SER A OG  1 
ATOM   357  N N   . PRO A 1 54  ? -6.177  -17.708 4.076   1.00 62.20  ? 54  PRO A N   1 
ATOM   358  C CA  . PRO A 1 54  ? -6.079  -19.169 4.144   1.00 62.50  ? 54  PRO A CA  1 
ATOM   359  C C   . PRO A 1 54  ? -4.792  -19.649 4.810   1.00 62.68  ? 54  PRO A C   1 
ATOM   360  O O   . PRO A 1 54  ? -4.775  -20.693 5.455   1.00 66.34  ? 54  PRO A O   1 
ATOM   361  C CB  . PRO A 1 54  ? -6.161  -19.589 2.688   1.00 62.46  ? 54  PRO A CB  1 
ATOM   362  C CG  . PRO A 1 54  ? -7.132  -18.612 2.091   1.00 56.05  ? 54  PRO A CG  1 
ATOM   363  N N   . GLY A 1 55  ? -3.719  -18.878 4.663   1.00 62.14  ? 55  GLY A N   1 
ATOM   364  C CA  . GLY A 1 55  ? -2.451  -19.243 5.271   1.00 59.41  ? 55  GLY A CA  1 
ATOM   365  C C   . GLY A 1 55  ? -1.347  -19.407 4.248   1.00 59.74  ? 55  GLY A C   1 
ATOM   366  O O   . GLY A 1 55  ? -0.290  -19.954 4.551   1.00 57.69  ? 55  GLY A O   1 
ATOM   367  N N   . THR A 1 56  ? -1.594  -18.923 3.034   1.00 61.89  ? 56  THR A N   1 
ATOM   368  C CA  . THR A 1 56  ? -0.633  -19.019 1.938   1.00 65.18  ? 56  THR A CA  1 
ATOM   369  C C   . THR A 1 56  ? 0.397   -17.890 1.951   1.00 64.45  ? 56  THR A C   1 
ATOM   370  O O   . THR A 1 56  ? 0.039   -16.720 1.845   1.00 66.35  ? 56  THR A O   1 
ATOM   371  C CB  . THR A 1 56  ? -1.360  -18.989 0.584   1.00 68.36  ? 56  THR A CB  1 
ATOM   372  O OG1 . THR A 1 56  ? -2.328  -20.046 0.539   1.00 76.67  ? 56  THR A OG1 1 
ATOM   373  C CG2 . THR A 1 56  ? -0.374  -19.166 -0.558  1.00 70.93  ? 56  THR A CG2 1 
ATOM   374  N N   . ILE A 1 57  ? 1.673   -18.254 2.063   1.00 62.59  ? 57  ILE A N   1 
ATOM   375  C CA  . ILE A 1 57  ? 2.773   -17.293 2.085   1.00 61.42  ? 57  ILE A CA  1 
ATOM   376  C C   . ILE A 1 57  ? 3.302   -16.948 0.685   1.00 59.92  ? 57  ILE A C   1 
ATOM   377  O O   . ILE A 1 57  ? 3.126   -17.707 -0.260  1.00 60.95  ? 57  ILE A O   1 
ATOM   378  C CB  . ILE A 1 57  ? 3.953   -17.829 2.931   1.00 62.30  ? 57  ILE A CB  1 
ATOM   379  C CG1 . ILE A 1 57  ? 3.524   -17.988 4.389   1.00 62.40  ? 57  ILE A CG1 1 
ATOM   380  C CG2 . ILE A 1 57  ? 5.129   -16.877 2.863   1.00 65.88  ? 57  ILE A CG2 1 
ATOM   381  C CD1 . ILE A 1 57  ? 4.664   -18.375 5.307   1.00 62.03  ? 57  ILE A CD1 1 
ATOM   382  N N   . TYR A 1 58  ? 3.949   -15.792 0.563   1.00 58.81  ? 58  TYR A N   1 
ATOM   383  C CA  . TYR A 1 58  ? 4.520   -15.341 -0.702  1.00 57.06  ? 58  TYR A CA  1 
ATOM   384  C C   . TYR A 1 58  ? 5.673   -14.396 -0.403  1.00 56.55  ? 58  TYR A C   1 
ATOM   385  O O   . TYR A 1 58  ? 5.585   -13.589 0.519   1.00 56.63  ? 58  TYR A O   1 
ATOM   386  C CB  . TYR A 1 58  ? 3.468   -14.613 -1.537  1.00 54.29  ? 58  TYR A CB  1 
ATOM   387  N N   . TYR A 1 59  ? 6.759   -14.505 -1.160  1.00 56.41  ? 59  TYR A N   1 
ATOM   388  C CA  . TYR A 1 59  ? 7.902   -13.628 -0.937  1.00 56.23  ? 59  TYR A CA  1 
ATOM   389  C C   . TYR A 1 59  ? 8.445   -12.985 -2.198  1.00 57.23  ? 59  TYR A C   1 
ATOM   390  O O   . TYR A 1 59  ? 8.469   -13.594 -3.265  1.00 55.08  ? 59  TYR A O   1 
ATOM   391  C CB  . TYR A 1 59  ? 9.073   -14.363 -0.278  1.00 53.92  ? 59  TYR A CB  1 
ATOM   392  C CG  . TYR A 1 59  ? 8.817   -14.942 1.088   1.00 54.77  ? 59  TYR A CG  1 
ATOM   393  C CD1 . TYR A 1 59  ? 8.500   -16.287 1.247   1.00 50.97  ? 59  TYR A CD1 1 
ATOM   394  C CD2 . TYR A 1 59  ? 8.920   -14.149 2.231   1.00 54.84  ? 59  TYR A CD2 1 
ATOM   395  C CE1 . TYR A 1 59  ? 8.297   -16.828 2.512   1.00 52.40  ? 59  TYR A CE1 1 
ATOM   396  C CE2 . TYR A 1 59  ? 8.716   -14.682 3.498   1.00 54.11  ? 59  TYR A CE2 1 
ATOM   397  C CZ  . TYR A 1 59  ? 8.405   -16.022 3.630   1.00 53.43  ? 59  TYR A CZ  1 
ATOM   398  O OH  . TYR A 1 59  ? 8.191   -16.554 4.878   1.00 52.89  ? 59  TYR A OH  1 
ATOM   399  N N   . GLN A 1 60  ? 8.884   -11.741 -2.054  1.00 59.64  ? 60  GLN A N   1 
ATOM   400  C CA  . GLN A 1 60  ? 9.506   -11.014 -3.147  1.00 62.90  ? 60  GLN A CA  1 
ATOM   401  C C   . GLN A 1 60  ? 10.764  -11.849 -3.412  1.00 65.60  ? 60  GLN A C   1 
ATOM   402  O O   . GLN A 1 60  ? 11.572  -12.046 -2.509  1.00 65.15  ? 60  GLN A O   1 
ATOM   403  C CB  . GLN A 1 60  ? 9.881   -9.609  -2.662  1.00 62.06  ? 60  GLN A CB  1 
ATOM   404  C CG  . GLN A 1 60  ? 10.546  -8.732  -3.674  1.00 62.77  ? 60  GLN A CG  1 
ATOM   405  O OE1 . GLN A 1 60  ? 8.702   -8.866  -5.347  1.00 78.71  ? 60  GLN A OE1 1 
ATOM   406  N NE2 . GLN A 1 60  ? 9.429   -6.754  -4.746  1.00 64.05  ? 60  GLN A NE2 1 
ATOM   407  N N   . ASP A 1 61  ? 10.916  -12.370 -4.624  1.00 70.03  ? 61  ASP A N   1 
ATOM   408  C CA  . ASP A 1 61  ? 12.090  -13.183 -4.953  1.00 74.72  ? 61  ASP A CA  1 
ATOM   409  C C   . ASP A 1 61  ? 13.354  -12.658 -4.277  1.00 73.86  ? 61  ASP A C   1 
ATOM   410  O O   . ASP A 1 61  ? 14.219  -13.424 -3.861  1.00 74.44  ? 61  ASP A O   1 
ATOM   411  C CB  . ASP A 1 61  ? 12.298  -13.219 -6.470  1.00 81.68  ? 61  ASP A CB  1 
ATOM   412  C CG  . ASP A 1 61  ? 11.244  -14.048 -7.185  1.00 89.99  ? 61  ASP A CG  1 
ATOM   413  O OD1 . ASP A 1 61  ? 10.038  -13.831 -6.937  1.00 95.32  ? 61  ASP A OD1 1 
ATOM   414  O OD2 . ASP A 1 61  ? 11.626  -14.911 -8.006  1.00 95.29  ? 61  ASP A OD2 1 
ATOM   415  N N   . SER A 1 62  ? 13.441  -11.340 -4.169  1.00 73.78  ? 62  SER A N   1 
ATOM   416  C CA  . SER A 1 62  ? 14.580  -10.669 -3.553  1.00 73.14  ? 62  SER A CA  1 
ATOM   417  C C   . SER A 1 62  ? 14.905  -11.079 -2.114  1.00 73.18  ? 62  SER A C   1 
ATOM   418  O O   . SER A 1 62  ? 16.074  -11.251 -1.762  1.00 72.92  ? 62  SER A O   1 
ATOM   419  C CB  . SER A 1 62  ? 14.355  -9.153  -3.598  1.00 73.19  ? 62  SER A CB  1 
ATOM   420  O OG  . SER A 1 62  ? 15.318  -8.463  -2.826  1.00 71.27  ? 62  SER A OG  1 
ATOM   421  N N   . VAL A 1 63  ? 13.876  -11.246 -1.286  1.00 72.88  ? 63  VAL A N   1 
ATOM   422  C CA  . VAL A 1 63  ? 14.077  -11.577 0.122   1.00 70.57  ? 63  VAL A CA  1 
ATOM   423  C C   . VAL A 1 63  ? 13.844  -13.025 0.564   1.00 69.88  ? 63  VAL A C   1 
ATOM   424  O O   . VAL A 1 63  ? 13.774  -13.297 1.765   1.00 69.08  ? 63  VAL A O   1 
ATOM   425  C CB  . VAL A 1 63  ? 13.208  -10.654 1.009   1.00 70.89  ? 63  VAL A CB  1 
ATOM   426  C CG1 . VAL A 1 63  ? 13.465  -9.202  0.654   1.00 70.49  ? 63  VAL A CG1 1 
ATOM   427  C CG2 . VAL A 1 63  ? 11.738  -10.984 0.831   1.00 73.45  ? 63  VAL A CG2 1 
ATOM   428  N N   . LYS A 1 64  ? 13.729  -13.956 -0.378  1.00 68.95  ? 64  LYS A N   1 
ATOM   429  C CA  . LYS A 1 64  ? 13.520  -15.358 -0.003  1.00 69.12  ? 64  LYS A CA  1 
ATOM   430  C C   . LYS A 1 64  ? 14.712  -15.906 0.778   1.00 67.60  ? 64  LYS A C   1 
ATOM   431  O O   . LYS A 1 64  ? 15.865  -15.585 0.481   1.00 67.37  ? 64  LYS A O   1 
ATOM   432  C CB  . LYS A 1 64  ? 13.302  -16.225 -1.238  1.00 69.67  ? 64  LYS A CB  1 
ATOM   433  C CG  . LYS A 1 64  ? 12.107  -15.843 -2.001  1.00 71.73  ? 64  LYS A CG  1 
ATOM   434  C CE  . LYS A 1 64  ? 10.638  -16.410 -4.142  1.00 81.99  ? 64  LYS A CE  1 
ATOM   435  N NZ  . LYS A 1 64  ? 9.442   -16.401 -3.249  1.00 86.91  ? 64  LYS A NZ  1 
ATOM   436  N N   . GLY A 1 65  ? 14.430  -16.730 1.779   1.00 66.63  ? 65  GLY A N   1 
ATOM   437  C CA  . GLY A 1 65  ? 15.498  -17.316 2.571   1.00 65.59  ? 65  GLY A CA  1 
ATOM   438  C C   . GLY A 1 65  ? 16.170  -16.379 3.559   1.00 64.21  ? 65  GLY A C   1 
ATOM   439  O O   . GLY A 1 65  ? 17.070  -16.791 4.290   1.00 64.26  ? 65  GLY A O   1 
ATOM   440  N N   . ARG A 1 66  ? 15.748  -15.120 3.576   1.00 63.39  ? 66  ARG A N   1 
ATOM   441  C CA  . ARG A 1 66  ? 16.307  -14.141 4.498   1.00 61.00  ? 66  ARG A CA  1 
ATOM   442  C C   . ARG A 1 66  ? 15.176  -13.598 5.374   1.00 59.98  ? 66  ARG A C   1 
ATOM   443  O O   . ARG A 1 66  ? 15.366  -13.350 6.574   1.00 57.84  ? 66  ARG A O   1 
ATOM   444  C CB  . ARG A 1 66  ? 16.974  -13.010 3.715   1.00 62.17  ? 66  ARG A CB  1 
ATOM   445  C CG  . ARG A 1 66  ? 18.040  -13.487 2.752   1.00 57.41  ? 66  ARG A CG  1 
ATOM   446  N NE  . ARG A 1 66  ? 18.129  -11.383 1.281   1.00 54.57  ? 66  ARG A NE  1 
ATOM   447  C CZ  . ARG A 1 66  ? 17.687  -10.227 1.760   1.00 59.13  ? 66  ARG A CZ  1 
ATOM   448  N NH1 . ARG A 1 66  ? 16.981  -9.424  0.978   1.00 58.59  ? 66  ARG A NH1 1 
ATOM   449  N NH2 . ARG A 1 66  ? 17.934  -9.881  3.017   1.00 58.40  ? 66  ARG A NH2 1 
ATOM   450  N N   . PHE A 1 67  ? 14.001  -13.432 4.763   1.00 57.75  ? 67  PHE A N   1 
ATOM   451  C CA  . PHE A 1 67  ? 12.807  -12.941 5.458   1.00 55.68  ? 67  PHE A CA  1 
ATOM   452  C C   . PHE A 1 67  ? 11.770  -14.051 5.675   1.00 53.04  ? 67  PHE A C   1 
ATOM   453  O O   . PHE A 1 67  ? 11.451  -14.820 4.767   1.00 51.92  ? 67  PHE A O   1 
ATOM   454  C CB  . PHE A 1 67  ? 12.143  -11.797 4.670   1.00 55.78  ? 67  PHE A CB  1 
ATOM   455  C CG  . PHE A 1 67  ? 12.978  -10.543 4.567   1.00 59.93  ? 67  PHE A CG  1 
ATOM   456  C CD1 . PHE A 1 67  ? 12.468  -9.415  3.932   1.00 57.37  ? 67  PHE A CD1 1 
ATOM   457  C CD2 . PHE A 1 67  ? 14.265  -10.484 5.097   1.00 59.83  ? 67  PHE A CD2 1 
ATOM   458  C CE1 . PHE A 1 67  ? 13.219  -8.249  3.832   1.00 57.61  ? 67  PHE A CE1 1 
ATOM   459  C CE2 . PHE A 1 67  ? 15.024  -9.320  5.001   1.00 58.55  ? 67  PHE A CE2 1 
ATOM   460  C CZ  . PHE A 1 67  ? 14.502  -8.204  4.365   1.00 56.54  ? 67  PHE A CZ  1 
ATOM   461  N N   . THR A 1 68  ? 11.233  -14.115 6.882   1.00 50.72  ? 68  THR A N   1 
ATOM   462  C CA  . THR A 1 68  ? 10.236  -15.115 7.208   1.00 49.64  ? 68  THR A CA  1 
ATOM   463  C C   . THR A 1 68  ? 9.008   -14.407 7.768   1.00 48.06  ? 68  THR A C   1 
ATOM   464  O O   . THR A 1 68  ? 9.132   -13.560 8.646   1.00 48.95  ? 68  THR A O   1 
ATOM   465  C CB  . THR A 1 68  ? 10.793  -16.108 8.252   1.00 52.76  ? 68  THR A CB  1 
ATOM   466  O OG1 . THR A 1 68  ? 11.946  -16.767 7.709   1.00 53.15  ? 68  THR A OG1 1 
ATOM   467  C CG2 . THR A 1 68  ? 9.746   -17.144 8.628   1.00 49.87  ? 68  THR A CG2 1 
ATOM   468  N N   . ILE A 1 69  ? 7.828   -14.747 7.255   1.00 46.33  ? 69  ILE A N   1 
ATOM   469  C CA  . ILE A 1 69  ? 6.590   -14.128 7.721   1.00 45.26  ? 69  ILE A CA  1 
ATOM   470  C C   . ILE A 1 69  ? 5.667   -15.127 8.425   1.00 47.60  ? 69  ILE A C   1 
ATOM   471  O O   . ILE A 1 69  ? 5.313   -16.166 7.874   1.00 48.04  ? 69  ILE A O   1 
ATOM   472  C CB  . ILE A 1 69  ? 5.802   -13.471 6.555   1.00 39.85  ? 69  ILE A CB  1 
ATOM   473  C CG1 . ILE A 1 69  ? 4.606   -12.695 7.109   1.00 36.00  ? 69  ILE A CG1 1 
ATOM   474  C CG2 . ILE A 1 69  ? 5.324   -14.535 5.574   1.00 38.94  ? 69  ILE A CG2 1 
ATOM   475  C CD1 . ILE A 1 69  ? 3.809   -11.949 6.057   1.00 31.52  ? 69  ILE A CD1 1 
ATOM   476  N N   . SER A 1 70  ? 5.276   -14.795 9.648   1.00 48.89  ? 70  SER A N   1 
ATOM   477  C CA  . SER A 1 70  ? 4.392   -15.651 10.422  1.00 48.42  ? 70  SER A CA  1 
ATOM   478  C C   . SER A 1 70  ? 3.229   -14.837 10.969  1.00 48.03  ? 70  SER A C   1 
ATOM   479  O O   . SER A 1 70  ? 3.309   -13.618 11.083  1.00 48.07  ? 70  SER A O   1 
ATOM   480  C CB  . SER A 1 70  ? 5.159   -16.298 11.575  1.00 48.65  ? 70  SER A CB  1 
ATOM   481  O OG  . SER A 1 70  ? 5.737   -15.317 12.417  1.00 49.32  ? 70  SER A OG  1 
ATOM   482  N N   . ARG A 1 71  ? 2.151   -15.527 11.309  1.00 46.56  ? 71  ARG A N   1 
ATOM   483  C CA  . ARG A 1 71  ? 0.971   -14.883 11.839  1.00 47.54  ? 71  ARG A CA  1 
ATOM   484  C C   . ARG A 1 71  ? 0.439   -15.623 13.058  1.00 49.08  ? 71  ARG A C   1 
ATOM   485  O O   . ARG A 1 71  ? 0.290   -16.841 13.047  1.00 47.60  ? 71  ARG A O   1 
ATOM   486  C CB  . ARG A 1 71  ? -0.105  -14.831 10.761  1.00 49.93  ? 71  ARG A CB  1 
ATOM   487  C CG  . ARG A 1 71  ? -1.451  -14.306 11.237  1.00 57.82  ? 71  ARG A CG  1 
ATOM   488  C CD  . ARG A 1 71  ? -2.421  -14.174 10.072  1.00 65.00  ? 71  ARG A CD  1 
ATOM   489  N NE  . ARG A 1 71  ? -2.766  -15.463 9.484   1.00 68.79  ? 71  ARG A NE  1 
ATOM   490  C CZ  . ARG A 1 71  ? -3.450  -15.602 8.352   1.00 75.38  ? 71  ARG A CZ  1 
ATOM   491  N NH1 . ARG A 1 71  ? -3.855  -14.530 7.678   1.00 77.25  ? 71  ARG A NH1 1 
ATOM   492  N NH2 . ARG A 1 71  ? -3.743  -16.813 7.898   1.00 77.76  ? 71  ARG A NH2 1 
ATOM   493  N N   . ASP A 1 72  ? 0.177   -14.887 14.128  1.00 49.01  ? 72  ASP A N   1 
ATOM   494  C CA  . ASP A 1 72  ? -0.382  -15.500 15.316  1.00 47.76  ? 72  ASP A CA  1 
ATOM   495  C C   . ASP A 1 72  ? -1.800  -14.948 15.360  1.00 46.25  ? 72  ASP A C   1 
ATOM   496  O O   . ASP A 1 72  ? -2.024  -13.815 15.780  1.00 43.70  ? 72  ASP A O   1 
ATOM   497  C CB  . ASP A 1 72  ? 0.425   -15.112 16.556  1.00 50.63  ? 72  ASP A CB  1 
ATOM   498  C CG  . ASP A 1 72  ? -0.119  -15.734 17.834  1.00 52.04  ? 72  ASP A CG  1 
ATOM   499  O OD1 . ASP A 1 72  ? 0.620   -15.745 18.832  1.00 56.37  ? 72  ASP A OD1 1 
ATOM   500  O OD2 . ASP A 1 72  ? -1.282  -16.188 17.860  1.00 48.76  ? 72  ASP A OD2 1 
ATOM   501  N N   . ASN A 1 73  ? -2.747  -15.755 14.884  1.00 43.90  ? 73  ASN A N   1 
ATOM   502  C CA  . ASN A 1 73  ? -4.148  -15.363 14.826  1.00 41.61  ? 73  ASN A CA  1 
ATOM   503  C C   . ASN A 1 73  ? -4.741  -15.068 16.180  1.00 38.43  ? 73  ASN A C   1 
ATOM   504  O O   . ASN A 1 73  ? -5.613  -14.208 16.303  1.00 37.93  ? 73  ASN A O   1 
ATOM   505  C CB  . ASN A 1 73  ? -4.973  -16.449 14.148  1.00 47.91  ? 73  ASN A CB  1 
ATOM   506  C CG  . ASN A 1 73  ? -4.440  -16.805 12.780  1.00 54.94  ? 73  ASN A CG  1 
ATOM   507  O OD1 . ASN A 1 73  ? -4.288  -15.939 11.916  1.00 59.24  ? 73  ASN A OD1 1 
ATOM   508  N ND2 . ASN A 1 73  ? -4.154  -18.087 12.572  1.00 59.34  ? 73  ASN A ND2 1 
ATOM   509  N N   . ALA A 1 74  ? -4.285  -15.788 17.197  1.00 36.98  ? 74  ALA A N   1 
ATOM   510  C CA  . ALA A 1 74  ? -4.793  -15.565 18.540  1.00 35.77  ? 74  ALA A CA  1 
ATOM   511  C C   . ALA A 1 74  ? -4.496  -14.115 18.933  1.00 32.72  ? 74  ALA A C   1 
ATOM   512  O O   . ALA A 1 74  ? -5.378  -13.410 19.408  1.00 28.46  ? 74  ALA A O   1 
ATOM   513  C CB  . ALA A 1 74  ? -4.148  -16.544 19.521  1.00 34.43  ? 74  ALA A CB  1 
ATOM   514  N N   . LYS A 1 75  ? -3.261  -13.674 18.716  1.00 33.55  ? 75  LYS A N   1 
ATOM   515  C CA  . LYS A 1 75  ? -2.879  -12.298 19.034  1.00 38.11  ? 75  LYS A CA  1 
ATOM   516  C C   . LYS A 1 75  ? -3.174  -11.325 17.895  1.00 40.44  ? 75  LYS A C   1 
ATOM   517  O O   . LYS A 1 75  ? -2.918  -10.136 18.027  1.00 45.53  ? 75  LYS A O   1 
ATOM   518  C CB  . LYS A 1 75  ? -1.387  -12.187 19.323  1.00 36.39  ? 75  LYS A CB  1 
ATOM   519  C CG  . LYS A 1 75  ? -0.868  -12.997 20.475  1.00 39.90  ? 75  LYS A CG  1 
ATOM   520  C CD  . LYS A 1 75  ? 0.625   -12.745 20.639  1.00 44.13  ? 75  LYS A CD  1 
ATOM   521  N N   . ASN A 1 76  ? -3.688  -11.829 16.776  1.00 42.58  ? 76  ASN A N   1 
ATOM   522  C CA  . ASN A 1 76  ? -3.984  -10.998 15.610  1.00 41.15  ? 76  ASN A CA  1 
ATOM   523  C C   . ASN A 1 76  ? -2.728  -10.168 15.324  1.00 41.76  ? 76  ASN A C   1 
ATOM   524  O O   . ASN A 1 76  ? -2.784  -8.953  15.177  1.00 46.02  ? 76  ASN A O   1 
ATOM   525  C CB  . ASN A 1 76  ? -5.175  -10.070 15.909  1.00 37.90  ? 76  ASN A CB  1 
ATOM   526  C CG  . ASN A 1 76  ? -6.075  -9.873  14.718  1.00 43.11  ? 76  ASN A CG  1 
ATOM   527  O OD1 . ASN A 1 76  ? -6.890  -8.941  14.685  1.00 49.31  ? 76  ASN A OD1 1 
ATOM   528  N ND2 . ASN A 1 76  ? -5.997  -10.789 13.748  1.00 53.80  ? 76  ASN A ND2 1 
ATOM   529  N N   . THR A 1 77  ? -1.589  -10.835 15.261  1.00 39.54  ? 77  THR A N   1 
ATOM   530  C CA  . THR A 1 77  ? -0.343  -10.149 15.002  1.00 40.64  ? 77  THR A CA  1 
ATOM   531  C C   . THR A 1 77  ? 0.459   -10.850 13.905  1.00 41.89  ? 77  THR A C   1 
ATOM   532  O O   . THR A 1 77  ? 0.567   -12.074 13.875  1.00 41.26  ? 77  THR A O   1 
ATOM   533  C CB  . THR A 1 77  ? 0.499   -10.055 16.294  1.00 40.10  ? 77  THR A CB  1 
ATOM   534  O OG1 . THR A 1 77  ? -0.227  -9.297  17.266  1.00 41.21  ? 77  THR A OG1 1 
ATOM   535  C CG2 . THR A 1 77  ? 1.834   -9.389  16.028  1.00 35.35  ? 77  THR A CG2 1 
ATOM   536  N N   . VAL A 1 78  ? 1.013   -10.056 12.998  1.00 42.86  ? 78  VAL A N   1 
ATOM   537  C CA  . VAL A 1 78  ? 1.803   -10.593 11.915  1.00 43.02  ? 78  VAL A CA  1 
ATOM   538  C C   . VAL A 1 78  ? 3.239   -10.200 12.173  1.00 41.96  ? 78  VAL A C   1 
ATOM   539  O O   . VAL A 1 78  ? 3.520   -9.106  12.647  1.00 40.70  ? 78  VAL A O   1 
ATOM   540  C CB  . VAL A 1 78  ? 1.325   -10.046 10.575  1.00 49.21  ? 78  VAL A CB  1 
ATOM   541  C CG1 . VAL A 1 78  ? 2.086   -10.724 9.419   1.00 46.22  ? 78  VAL A CG1 1 
ATOM   542  C CG2 . VAL A 1 78  ? -0.185  -10.265 10.469  1.00 49.38  ? 78  VAL A CG2 1 
ATOM   543  N N   . TYR A 1 79  ? 4.144   -11.111 11.859  1.00 43.10  ? 79  TYR A N   1 
ATOM   544  C CA  . TYR A 1 79  ? 5.558   -10.906 12.101  1.00 43.54  ? 79  TYR A CA  1 
ATOM   545  C C   . TYR A 1 79  ? 6.358   -10.993 10.816  1.00 45.67  ? 79  TYR A C   1 
ATOM   546  O O   . TYR A 1 79  ? 5.927   -11.603 9.840   1.00 46.42  ? 79  TYR A O   1 
ATOM   547  C CB  . TYR A 1 79  ? 6.059   -11.998 13.068  1.00 41.74  ? 79  TYR A CB  1 
ATOM   548  C CG  . TYR A 1 79  ? 5.388   -12.002 14.426  1.00 36.51  ? 79  TYR A CG  1 
ATOM   549  C CD1 . TYR A 1 79  ? 5.722   -11.057 15.386  1.00 37.07  ? 79  TYR A CD1 1 
ATOM   550  C CD2 . TYR A 1 79  ? 4.364   -12.899 14.718  1.00 37.71  ? 79  TYR A CD2 1 
ATOM   551  C CE1 . TYR A 1 79  ? 5.056   -10.990 16.598  1.00 36.20  ? 79  TYR A CE1 1 
ATOM   552  C CE2 . TYR A 1 79  ? 3.685   -12.844 15.930  1.00 39.32  ? 79  TYR A CE2 1 
ATOM   553  C CZ  . TYR A 1 79  ? 4.035   -11.878 16.864  1.00 43.80  ? 79  TYR A CZ  1 
ATOM   554  O OH  . TYR A 1 79  ? 3.324   -11.749 18.039  1.00 51.42  ? 79  TYR A OH  1 
ATOM   555  N N   . LEU A 1 80  ? 7.525   -10.369 10.820  1.00 47.83  ? 80  LEU A N   1 
ATOM   556  C CA  . LEU A 1 80  ? 8.418   -10.455 9.679   1.00 52.17  ? 80  LEU A CA  1 
ATOM   557  C C   . LEU A 1 80  ? 9.816   -10.622 10.271  1.00 55.01  ? 80  LEU A C   1 
ATOM   558  O O   . LEU A 1 80  ? 10.380  -9.691  10.849  1.00 53.40  ? 80  LEU A O   1 
ATOM   559  C CB  . LEU A 1 80  ? 8.347   -9.207  8.783   1.00 48.54  ? 80  LEU A CB  1 
ATOM   560  C CG  . LEU A 1 80  ? 9.116   -9.365  7.449   1.00 49.65  ? 80  LEU A CG  1 
ATOM   561  C CD1 . LEU A 1 80  ? 8.536   -10.545 6.630   1.00 35.65  ? 80  LEU A CD1 1 
ATOM   562  C CD2 . LEU A 1 80  ? 9.038   -8.066  6.638   1.00 46.11  ? 80  LEU A CD2 1 
ATOM   563  N N   . GLN A 1 81  ? 10.344  -11.837 10.160  1.00 57.87  ? 81  GLN A N   1 
ATOM   564  C CA  . GLN A 1 81  ? 11.667  -12.153 10.668  1.00 60.72  ? 81  GLN A CA  1 
ATOM   565  C C   . GLN A 1 81  ? 12.676  -11.770 9.609   1.00 62.57  ? 81  GLN A C   1 
ATOM   566  O O   . GLN A 1 81  ? 12.694  -12.350 8.522   1.00 60.92  ? 81  GLN A O   1 
ATOM   567  C CB  . GLN A 1 81  ? 11.791  -13.649 10.962  1.00 63.95  ? 81  GLN A CB  1 
ATOM   568  C CG  . GLN A 1 81  ? 13.165  -14.042 11.487  1.00 64.20  ? 81  GLN A CG  1 
ATOM   569  C CD  . GLN A 1 81  ? 13.449  -13.470 12.863  1.00 67.09  ? 81  GLN A CD  1 
ATOM   570  O OE1 . GLN A 1 81  ? 14.605  -13.383 13.281  1.00 66.71  ? 81  GLN A OE1 1 
ATOM   571  N NE2 . GLN A 1 81  ? 12.392  -13.099 13.586  1.00 67.17  ? 81  GLN A NE2 1 
ATOM   572  N N   . MET A 1 82  ? 13.508  -10.784 9.924   1.00 66.29  ? 82  MET A N   1 
ATOM   573  C CA  . MET A 1 82  ? 14.519  -10.329 8.985   1.00 70.93  ? 82  MET A CA  1 
ATOM   574  C C   . MET A 1 82  ? 15.911  -10.715 9.453   1.00 72.89  ? 82  MET A C   1 
ATOM   575  O O   . MET A 1 82  ? 16.380  -10.268 10.501  1.00 71.10  ? 82  MET A O   1 
ATOM   576  C CB  . MET A 1 82  ? 14.423  -8.813  8.784   1.00 72.48  ? 82  MET A CB  1 
ATOM   577  C CG  . MET A 1 82  ? 13.132  -8.359  8.112   1.00 72.65  ? 82  MET A CG  1 
ATOM   578  S SD  . MET A 1 82  ? 13.033  -6.572  7.875   1.00 70.67  ? 82  MET A SD  1 
ATOM   579  C CE  . MET A 1 82  ? 13.166  -6.022  9.590   1.00 69.14  ? 82  MET A CE  1 
ATOM   580  N N   . ASN A 1 83  ? 16.553  -11.568 8.662   1.00 76.24  ? 83  ASN A N   1 
ATOM   581  C CA  . ASN A 1 83  ? 17.897  -12.054 8.939   1.00 79.48  ? 83  ASN A CA  1 
ATOM   582  C C   . ASN A 1 83  ? 18.721  -11.745 7.698   1.00 80.81  ? 83  ASN A C   1 
ATOM   583  O O   . ASN A 1 83  ? 18.161  -11.486 6.629   1.00 80.02  ? 83  ASN A O   1 
ATOM   584  C CB  . ASN A 1 83  ? 17.876  -13.566 9.164   1.00 80.68  ? 83  ASN A CB  1 
ATOM   585  C CG  . ASN A 1 83  ? 16.944  -13.983 10.288  1.00 82.04  ? 83  ASN A CG  1 
ATOM   586  O OD1 . ASN A 1 83  ? 16.674  -15.170 10.470  1.00 83.48  ? 83  ASN A OD1 1 
ATOM   587  N ND2 . ASN A 1 83  ? 16.455  -13.012 11.052  1.00 82.77  ? 83  ASN A ND2 1 
ATOM   588  N N   . SER A 1 84  ? 20.043  -11.779 7.832   1.00 82.40  ? 84  SER A N   1 
ATOM   589  C CA  . SER A 1 84  ? 20.914  -11.497 6.696   1.00 83.45  ? 84  SER A CA  1 
ATOM   590  C C   . SER A 1 84  ? 20.581  -10.112 6.153   1.00 82.35  ? 84  SER A C   1 
ATOM   591  O O   . SER A 1 84  ? 20.403  -9.926  4.949   1.00 81.83  ? 84  SER A O   1 
ATOM   592  C CB  . SER A 1 84  ? 20.703  -12.553 5.604   1.00 84.88  ? 84  SER A CB  1 
ATOM   593  O OG  . SER A 1 84  ? 21.433  -12.247 4.428   1.00 88.17  ? 84  SER A OG  1 
ATOM   594  N N   . LEU A 1 85  ? 20.495  -9.139  7.052   1.00 81.37  ? 85  LEU A N   1 
ATOM   595  C CA  . LEU A 1 85  ? 20.166  -7.786  6.642   1.00 81.79  ? 85  LEU A CA  1 
ATOM   596  C C   . LEU A 1 85  ? 21.240  -7.138  5.786   1.00 81.53  ? 85  LEU A C   1 
ATOM   597  O O   . LEU A 1 85  ? 22.398  -7.023  6.190   1.00 81.70  ? 85  LEU A O   1 
ATOM   598  C CB  . LEU A 1 85  ? 19.860  -6.917  7.869   1.00 80.77  ? 85  LEU A CB  1 
ATOM   599  C CG  . LEU A 1 85  ? 18.540  -7.250  8.578   1.00 81.66  ? 85  LEU A CG  1 
ATOM   600  C CD1 . LEU A 1 85  ? 18.353  -6.365  9.802   1.00 79.72  ? 85  LEU A CD1 1 
ATOM   601  C CD2 . LEU A 1 85  ? 17.383  -7.062  7.599   1.00 78.49  ? 85  LEU A CD2 1 
ATOM   602  N N   . GLN A 1 86  ? 20.836  -6.733  4.586   1.00 80.21  ? 86  GLN A N   1 
ATOM   603  C CA  . GLN A 1 86  ? 21.719  -6.071  3.638   1.00 78.14  ? 86  GLN A CA  1 
ATOM   604  C C   . GLN A 1 86  ? 21.407  -4.581  3.721   1.00 78.15  ? 86  GLN A C   1 
ATOM   605  O O   . GLN A 1 86  ? 20.461  -4.176  4.398   1.00 78.16  ? 86  GLN A O   1 
ATOM   606  C CB  . GLN A 1 86  ? 21.446  -6.573  2.218   1.00 77.25  ? 86  GLN A CB  1 
ATOM   607  C CG  . GLN A 1 86  ? 21.561  -8.083  2.051   1.00 74.81  ? 86  GLN A CG  1 
ATOM   608  N N   . ARG A 1 87  ? 22.203  -3.767  3.037   1.00 78.15  ? 87  ARG A N   1 
ATOM   609  C CA  . ARG A 1 87  ? 21.985  -2.326  3.033   1.00 76.50  ? 87  ARG A CA  1 
ATOM   610  C C   . ARG A 1 87  ? 20.740  -2.035  2.198   1.00 75.19  ? 87  ARG A C   1 
ATOM   611  O O   . ARG A 1 87  ? 19.917  -1.189  2.556   1.00 75.53  ? 87  ARG A O   1 
ATOM   612  C CB  . ARG A 1 87  ? 23.197  -1.604  2.439   1.00 75.61  ? 87  ARG A CB  1 
ATOM   613  N N   . GLU A 1 88  ? 20.602  -2.750  1.086   1.00 72.52  ? 88  GLU A N   1 
ATOM   614  C CA  . GLU A 1 88  ? 19.452  -2.573  0.208   1.00 70.44  ? 88  GLU A CA  1 
ATOM   615  C C   . GLU A 1 88  ? 18.151  -2.743  0.985   1.00 68.94  ? 88  GLU A C   1 
ATOM   616  O O   . GLU A 1 88  ? 17.090  -2.319  0.526   1.00 69.25  ? 88  GLU A O   1 
ATOM   617  C CB  . GLU A 1 88  ? 19.498  -3.586  -0.943  1.00 68.08  ? 88  GLU A CB  1 
ATOM   618  N N   . ASP A 1 89  ? 18.231  -3.363  2.160   1.00 67.42  ? 89  ASP A N   1 
ATOM   619  C CA  . ASP A 1 89  ? 17.044  -3.581  2.976   1.00 65.74  ? 89  ASP A CA  1 
ATOM   620  C C   . ASP A 1 89  ? 16.721  -2.394  3.862   1.00 64.28  ? 89  ASP A C   1 
ATOM   621  O O   . ASP A 1 89  ? 15.860  -2.475  4.736   1.00 66.14  ? 89  ASP A O   1 
ATOM   622  C CB  . ASP A 1 89  ? 17.187  -4.842  3.829   1.00 65.18  ? 89  ASP A CB  1 
ATOM   623  C CG  . ASP A 1 89  ? 17.267  -6.102  2.990   1.00 70.95  ? 89  ASP A CG  1 
ATOM   624  O OD1 . ASP A 1 89  ? 16.450  -6.244  2.051   1.00 73.26  ? 89  ASP A OD1 1 
ATOM   625  O OD2 . ASP A 1 89  ? 18.131  -6.960  3.272   1.00 73.50  ? 89  ASP A OD2 1 
ATOM   626  N N   . THR A 1 90  ? 17.410  -1.286  3.628   1.00 61.63  ? 90  THR A N   1 
ATOM   627  C CA  . THR A 1 90  ? 17.169  -0.079  4.402   1.00 57.91  ? 90  THR A CA  1 
ATOM   628  C C   . THR A 1 90  ? 15.899  0.605   3.896   1.00 53.22  ? 90  THR A C   1 
ATOM   629  O O   . THR A 1 90  ? 15.679  0.720   2.690   1.00 51.59  ? 90  THR A O   1 
ATOM   630  C CB  . THR A 1 90  ? 18.356  0.909   4.287   1.00 60.06  ? 90  THR A CB  1 
ATOM   631  O OG1 . THR A 1 90  ? 19.525  0.319   4.867   1.00 61.13  ? 90  THR A OG1 1 
ATOM   632  C CG2 . THR A 1 90  ? 18.042  2.212   5.014   1.00 61.34  ? 90  THR A CG2 1 
ATOM   633  N N   . GLY A 1 91  ? 15.064  1.054   4.827   1.00 48.14  ? 91  GLY A N   1 
ATOM   634  C CA  . GLY A 1 91  ? 13.841  1.726   4.446   1.00 43.60  ? 91  GLY A CA  1 
ATOM   635  C C   . GLY A 1 91  ? 12.809  1.735   5.551   1.00 41.43  ? 91  GLY A C   1 
ATOM   636  O O   . GLY A 1 91  ? 13.067  1.302   6.672   1.00 39.36  ? 91  GLY A O   1 
ATOM   637  N N   . MET A 1 92  ? 11.632  2.248   5.229   1.00 42.75  ? 92  MET A N   1 
ATOM   638  C CA  . MET A 1 92  ? 10.526  2.308   6.177   1.00 45.56  ? 92  MET A CA  1 
ATOM   639  C C   . MET A 1 92  ? 9.633   1.092   5.836   1.00 43.28  ? 92  MET A C   1 
ATOM   640  O O   . MET A 1 92  ? 9.275   0.894   4.671   1.00 38.62  ? 92  MET A O   1 
ATOM   641  C CB  . MET A 1 92  ? 9.762   3.624   5.971   1.00 46.86  ? 92  MET A CB  1 
ATOM   642  C CG  . MET A 1 92  ? 8.680   3.948   6.996   1.00 53.63  ? 92  MET A CG  1 
ATOM   643  S SD  . MET A 1 92  ? 9.293   4.593   8.569   1.00 58.89  ? 92  MET A SD  1 
ATOM   644  C CE  . MET A 1 92  ? 10.209  5.991   7.976   1.00 54.09  ? 92  MET A CE  1 
ATOM   645  N N   . TYR A 1 93  ? 9.317   0.263   6.832   1.00 40.49  ? 93  TYR A N   1 
ATOM   646  C CA  . TYR A 1 93  ? 8.468   -0.908  6.603   1.00 39.98  ? 93  TYR A CA  1 
ATOM   647  C C   . TYR A 1 93  ? 7.041   -0.685  7.099   1.00 37.27  ? 93  TYR A C   1 
ATOM   648  O O   . TYR A 1 93  ? 6.820   -0.237  8.228   1.00 35.16  ? 93  TYR A O   1 
ATOM   649  C CB  . TYR A 1 93  ? 9.052   -2.172  7.272   1.00 42.64  ? 93  TYR A CB  1 
ATOM   650  C CG  . TYR A 1 93  ? 10.305  -2.692  6.610   1.00 39.75  ? 93  TYR A CG  1 
ATOM   651  C CD1 . TYR A 1 93  ? 11.526  -2.049  6.783   1.00 41.63  ? 93  TYR A CD1 1 
ATOM   652  C CD2 . TYR A 1 93  ? 10.246  -3.760  5.713   1.00 42.66  ? 93  TYR A CD2 1 
ATOM   653  C CE1 . TYR A 1 93  ? 12.663  -2.452  6.065   1.00 44.79  ? 93  TYR A CE1 1 
ATOM   654  C CE2 . TYR A 1 93  ? 11.371  -4.170  4.992   1.00 43.96  ? 93  TYR A CE2 1 
ATOM   655  C CZ  . TYR A 1 93  ? 12.574  -3.509  5.170   1.00 44.94  ? 93  TYR A CZ  1 
ATOM   656  O OH  . TYR A 1 93  ? 13.669  -3.883  4.433   1.00 46.95  ? 93  TYR A OH  1 
ATOM   657  N N   . TYR A 1 94  ? 6.077   -1.002  6.243   1.00 35.83  ? 94  TYR A N   1 
ATOM   658  C CA  . TYR A 1 94  ? 4.673   -0.839  6.584   1.00 38.08  ? 94  TYR A CA  1 
ATOM   659  C C   . TYR A 1 94  ? 3.915   -2.146  6.418   1.00 42.14  ? 94  TYR A C   1 
ATOM   660  O O   . TYR A 1 94  ? 4.138   -2.890  5.447   1.00 40.20  ? 94  TYR A O   1 
ATOM   661  C CB  . TYR A 1 94  ? 3.985   0.156   5.658   1.00 33.96  ? 94  TYR A CB  1 
ATOM   662  C CG  . TYR A 1 94  ? 4.638   1.492   5.530   1.00 36.01  ? 94  TYR A CG  1 
ATOM   663  C CD1 . TYR A 1 94  ? 5.806   1.645   4.796   1.00 36.31  ? 94  TYR A CD1 1 
ATOM   664  C CD2 . TYR A 1 94  ? 4.081   2.614   6.132   1.00 33.79  ? 94  TYR A CD2 1 
ATOM   665  C CE1 . TYR A 1 94  ? 6.397   2.877   4.654   1.00 35.86  ? 94  TYR A CE1 1 
ATOM   666  C CE2 . TYR A 1 94  ? 4.663   3.850   5.998   1.00 33.99  ? 94  TYR A CE2 1 
ATOM   667  C CZ  . TYR A 1 94  ? 5.822   3.976   5.262   1.00 36.57  ? 94  TYR A CZ  1 
ATOM   668  O OH  . TYR A 1 94  ? 6.418   5.205   5.128   1.00 45.68  ? 94  TYR A OH  1 
ATOM   669  N N   . CYS A 1 95  ? 3.009   -2.433  7.343   1.00 42.49  ? 95  CYS A N   1 
ATOM   670  C CA  . CYS A 1 95  ? 2.208   -3.622  7.155   1.00 46.90  ? 95  CYS A CA  1 
ATOM   671  C C   . CYS A 1 95  ? 0.872   -3.123  6.633   1.00 45.73  ? 95  CYS A C   1 
ATOM   672  O O   . CYS A 1 95  ? 0.441   -2.012  6.952   1.00 44.50  ? 95  CYS A O   1 
ATOM   673  C CB  . CYS A 1 95  ? 2.017   -4.424  8.445   1.00 50.84  ? 95  CYS A CB  1 
ATOM   674  S SG  . CYS A 1 95  ? 1.091   -3.639  9.790   1.00 59.61  ? 95  CYS A SG  1 
ATOM   675  N N   . GLN A 1 96  ? 0.232   -3.943  5.813   1.00 45.58  ? 96  GLN A N   1 
ATOM   676  C CA  . GLN A 1 96  ? -1.046  -3.597  5.219   1.00 46.64  ? 96  GLN A CA  1 
ATOM   677  C C   . GLN A 1 96  ? -1.974  -4.811  5.262   1.00 47.42  ? 96  GLN A C   1 
ATOM   678  O O   . GLN A 1 96  ? -1.548  -5.926  4.955   1.00 45.81  ? 96  GLN A O   1 
ATOM   679  C CB  . GLN A 1 96  ? -0.812  -3.190  3.770   1.00 47.02  ? 96  GLN A CB  1 
ATOM   680  C CG  . GLN A 1 96  ? -2.064  -3.023  2.941   1.00 53.24  ? 96  GLN A CG  1 
ATOM   681  C CD  . GLN A 1 96  ? -1.780  -3.175  1.458   1.00 54.35  ? 96  GLN A CD  1 
ATOM   682  O OE1 . GLN A 1 96  ? -2.671  -3.041  0.622   1.00 55.45  ? 96  GLN A OE1 1 
ATOM   683  N NE2 . GLN A 1 96  ? -0.530  -3.474  1.127   1.00 56.97  ? 96  GLN A NE2 1 
ATOM   684  N N   . ILE A 1 97  ? -3.229  -4.613  5.653   1.00 47.48  ? 97  ILE A N   1 
ATOM   685  C CA  . ILE A 1 97  ? -4.159  -5.732  5.671   1.00 48.34  ? 97  ILE A CA  1 
ATOM   686  C C   . ILE A 1 97  ? -5.302  -5.474  4.708   1.00 50.10  ? 97  ILE A C   1 
ATOM   687  O O   . ILE A 1 97  ? -5.775  -4.348  4.566   1.00 45.53  ? 97  ILE A O   1 
ATOM   688  C CB  . ILE A 1 97  ? -4.761  -6.016  7.080   1.00 49.06  ? 97  ILE A CB  1 
ATOM   689  C CG1 . ILE A 1 97  ? -5.618  -4.839  7.552   1.00 50.69  ? 97  ILE A CG1 1 
ATOM   690  C CG2 . ILE A 1 97  ? -3.653  -6.323  8.063   1.00 49.74  ? 97  ILE A CG2 1 
ATOM   691  N N   . GLN A 1 98  ? -5.712  -6.539  4.033   1.00 55.43  ? 98  GLN A N   1 
ATOM   692  C CA  . GLN A 1 98  ? -6.815  -6.529  3.078   1.00 58.98  ? 98  GLN A CA  1 
ATOM   693  C C   . GLN A 1 98  ? -7.868  -7.461  3.649   1.00 59.37  ? 98  GLN A C   1 
ATOM   694  O O   . GLN A 1 98  ? -7.646  -8.661  3.765   1.00 58.18  ? 98  GLN A O   1 
ATOM   695  C CB  . GLN A 1 98  ? -6.368  -7.080  1.718   1.00 65.44  ? 98  GLN A CB  1 
ATOM   696  C CG  . GLN A 1 98  ? -5.678  -6.108  0.757   1.00 73.20  ? 98  GLN A CG  1 
ATOM   697  C CD  . GLN A 1 98  ? -6.664  -5.263  -0.040  1.00 79.44  ? 98  GLN A CD  1 
ATOM   698  O OE1 . GLN A 1 98  ? -7.597  -5.789  -0.656  1.00 80.98  ? 98  GLN A OE1 1 
ATOM   699  N NE2 . GLN A 1 98  ? -6.450  -3.950  -0.050  1.00 82.88  ? 98  GLN A NE2 1 
ATOM   700  N N   . CYS A 1 99  ? -9.004  -6.901  4.024   1.00 61.94  ? 99  CYS A N   1 
ATOM   701  C CA  . CYS A 1 99  ? -10.106 -7.684  4.564   1.00 63.46  ? 99  CYS A CA  1 
ATOM   702  C C   . CYS A 1 99  ? -11.252 -7.502  3.577   1.00 66.31  ? 99  CYS A C   1 
ATOM   703  O O   . CYS A 1 99  ? -11.958 -6.493  3.630   1.00 69.16  ? 99  CYS A O   1 
ATOM   704  C CB  . CYS A 1 99  ? -10.522 -7.133  5.925   1.00 59.68  ? 99  CYS A CB  1 
ATOM   705  S SG  . CYS A 1 99  ? -9.156  -7.019  7.114   1.00 51.41  ? 99  CYS A SG  1 
ATOM   706  N N   . GLY A 1 100 ? -11.412 -8.455  2.664   1.00 66.47  ? 100 GLY A N   1 
ATOM   707  N N   . SER A 1 103 ? -16.407 -6.020  -0.880  1.00 87.68  ? 103 SER A N   1 
ATOM   708  C CA  . SER A 1 103 ? -15.860 -4.974  -0.023  1.00 87.42  ? 103 SER A CA  1 
ATOM   709  C C   . SER A 1 103 ? -14.351 -5.148  0.149   1.00 86.34  ? 103 SER A C   1 
ATOM   710  O O   . SER A 1 103 ? -13.895 -6.021  0.894   1.00 85.20  ? 103 SER A O   1 
ATOM   711  C CB  . SER A 1 103 ? -16.553 -4.989  1.350   1.00 87.87  ? 103 SER A CB  1 
ATOM   712  O OG  . SER A 1 103 ? -16.357 -6.217  2.028   1.00 86.86  ? 103 SER A OG  1 
ATOM   713  N N   . ILE A 1 104 ? -13.588 -4.308  -0.551  1.00 84.81  ? 104 ILE A N   1 
ATOM   714  C CA  . ILE A 1 104 ? -12.130 -4.346  -0.507  1.00 81.14  ? 104 ILE A CA  1 
ATOM   715  C C   . ILE A 1 104 ? -11.570 -3.274  0.429   1.00 79.24  ? 104 ILE A C   1 
ATOM   716  O O   . ILE A 1 104 ? -10.964 -2.299  -0.018  1.00 78.96  ? 104 ILE A O   1 
ATOM   717  C CB  . ILE A 1 104 ? -11.534 -4.142  -1.913  1.00 77.93  ? 104 ILE A CB  1 
ATOM   718  N N   . ARG A 1 105 ? -11.774 -3.470  1.731   1.00 76.54  ? 105 ARG A N   1 
ATOM   719  C CA  . ARG A 1 105 ? -11.300 -2.538  2.755   1.00 71.56  ? 105 ARG A CA  1 
ATOM   720  C C   . ARG A 1 105 ? -9.826  -2.775  3.089   1.00 66.72  ? 105 ARG A C   1 
ATOM   721  O O   . ARG A 1 105 ? -9.445  -3.862  3.522   1.00 68.07  ? 105 ARG A O   1 
ATOM   722  C CB  . ARG A 1 105 ? -12.143 -2.695  4.019   1.00 73.91  ? 105 ARG A CB  1 
ATOM   723  C CG  . ARG A 1 105 ? -13.632 -2.464  3.795   1.00 76.20  ? 105 ARG A CG  1 
ATOM   724  N N   . GLU A 1 106 ? -9.007  -1.742  2.904   1.00 60.53  ? 106 GLU A N   1 
ATOM   725  C CA  . GLU A 1 106 ? -7.573  -1.822  3.160   1.00 51.93  ? 106 GLU A CA  1 
ATOM   726  C C   . GLU A 1 106 ? -7.065  -0.870  4.260   1.00 47.04  ? 106 GLU A C   1 
ATOM   727  O O   . GLU A 1 106 ? -7.518  0.269   4.352   1.00 44.37  ? 106 GLU A O   1 
ATOM   728  C CB  . GLU A 1 106 ? -6.831  -1.545  1.864   1.00 51.88  ? 106 GLU A CB  1 
ATOM   729  C CG  . GLU A 1 106 ? -5.344  -1.486  2.054   1.00 54.96  ? 106 GLU A CG  1 
ATOM   730  O OE1 . GLU A 1 106 ? -3.426  -0.812  0.703   1.00 53.29  ? 106 GLU A OE1 1 
ATOM   731  O OE2 . GLU A 1 106 ? -5.344  -1.236  -0.406  1.00 54.14  ? 106 GLU A OE2 1 
ATOM   732  N N   . TYR A 1 107 ? -6.115  -1.336  5.073   1.00 43.47  ? 107 TYR A N   1 
ATOM   733  C CA  . TYR A 1 107 ? -5.567  -0.528  6.173   1.00 40.68  ? 107 TYR A CA  1 
ATOM   734  C C   . TYR A 1 107 ? -4.037  -0.531  6.207   1.00 40.10  ? 107 TYR A C   1 
ATOM   735  O O   . TYR A 1 107 ? -3.392  -1.476  5.779   1.00 40.27  ? 107 TYR A O   1 
ATOM   736  C CB  . TYR A 1 107 ? -6.073  -1.033  7.537   1.00 39.31  ? 107 TYR A CB  1 
ATOM   737  C CG  . TYR A 1 107 ? -7.574  -1.170  7.653   1.00 36.60  ? 107 TYR A CG  1 
ATOM   738  C CD1 . TYR A 1 107 ? -8.230  -2.318  7.200   1.00 35.55  ? 107 TYR A CD1 1 
ATOM   739  C CD2 . TYR A 1 107 ? -8.345  -0.134  8.178   1.00 37.79  ? 107 TYR A CD2 1 
ATOM   740  C CE1 . TYR A 1 107 ? -9.617  -2.431  7.268   1.00 36.45  ? 107 TYR A CE1 1 
ATOM   741  C CE2 . TYR A 1 107 ? -9.737  -0.234  8.248   1.00 39.50  ? 107 TYR A CE2 1 
ATOM   742  C CZ  . TYR A 1 107 ? -10.363 -1.387  7.791   1.00 40.74  ? 107 TYR A CZ  1 
ATOM   743  O OH  . TYR A 1 107 ? -11.731 -1.491  7.860   1.00 45.05  ? 107 TYR A OH  1 
ATOM   744  N N   . TRP A 1 108 ? -3.471  0.552   6.726   1.00 37.90  ? 108 TRP A N   1 
ATOM   745  C CA  . TRP A 1 108 ? -2.038  0.687   6.842   1.00 36.55  ? 108 TRP A CA  1 
ATOM   746  C C   . TRP A 1 108 ? -1.517  1.049   8.211   1.00 37.21  ? 108 TRP A C   1 
ATOM   747  O O   . TRP A 1 108 ? -2.225  1.664   9.019   1.00 37.17  ? 108 TRP A O   1 
ATOM   748  C CB  . TRP A 1 108 ? -1.510  1.741   5.870   1.00 34.00  ? 108 TRP A CB  1 
ATOM   749  C CG  . TRP A 1 108 ? -1.697  1.433   4.445   1.00 36.91  ? 108 TRP A CG  1 
ATOM   750  C CD1 . TRP A 1 108 ? -2.885  1.527   3.732   1.00 37.01  ? 108 TRP A CD1 1 
ATOM   751  C CD2 . TRP A 1 108 ? -0.722  0.944   3.540   1.00 35.75  ? 108 TRP A CD2 1 
ATOM   752  N NE1 . TRP A 1 108 ? -2.688  1.124   2.440   1.00 37.61  ? 108 TRP A NE1 1 
ATOM   753  C CE2 . TRP A 1 108 ? -1.362  0.761   2.294   1.00 33.63  ? 108 TRP A CE2 1 
ATOM   754  C CE3 . TRP A 1 108 ? 0.655   0.635   3.649   1.00 36.71  ? 108 TRP A CE3 1 
ATOM   755  C CZ2 . TRP A 1 108 ? -0.682  0.282   1.144   1.00 33.50  ? 108 TRP A CZ2 1 
ATOM   756  C CZ3 . TRP A 1 108 ? 1.324   0.168   2.550   1.00 33.85  ? 108 TRP A CZ3 1 
ATOM   757  C CH2 . TRP A 1 108 ? 0.664   -0.009  1.300   1.00 36.93  ? 108 TRP A CH2 1 
ATOM   758  N N   . GLY A 1 109 ? -0.277  0.649   8.455   1.00 38.80  ? 109 GLY A N   1 
ATOM   759  C CA  . GLY A 1 109 ? 0.376   1.016   9.694   1.00 45.63  ? 109 GLY A CA  1 
ATOM   760  C C   . GLY A 1 109 ? 1.066   2.345   9.501   1.00 45.51  ? 109 GLY A C   1 
ATOM   761  O O   . GLY A 1 109 ? 0.978   2.927   8.412   1.00 48.77  ? 109 GLY A O   1 
ATOM   762  N N   . GLN A 1 110 ? 1.746   2.791   10.543  1.00 46.65  ? 110 GLN A N   1 
ATOM   763  C CA  . GLN A 1 110 ? 2.465   4.080   10.568  1.00 49.83  ? 110 GLN A CA  1 
ATOM   764  C C   . GLN A 1 110 ? 3.959   3.908   10.295  1.00 48.31  ? 110 GLN A C   1 
ATOM   765  O O   . GLN A 1 110 ? 4.765   4.851   10.539  1.00 54.15  ? 110 GLN A O   1 
ATOM   766  C CB  . GLN A 1 110 ? 2.267   4.710   11.939  1.00 47.55  ? 110 GLN A CB  1 
ATOM   767  N N   . GLY A 1 111 ? 4.283   2.711   9.838   1.00 45.55  ? 111 GLY A N   1 
ATOM   768  C CA  . GLY A 1 111 ? 5.648   2.405   9.550   1.00 41.31  ? 111 GLY A CA  1 
ATOM   769  C C   . GLY A 1 111 ? 6.605   2.358   10.732  1.00 41.45  ? 111 GLY A C   1 
ATOM   770  O O   . GLY A 1 111 ? 6.326   2.714   11.860  1.00 39.30  ? 111 GLY A O   1 
ATOM   771  N N   . THR A 1 112 ? 7.700   1.692   10.447  1.00 43.25  ? 112 THR A N   1 
ATOM   772  C CA  . THR A 1 112 ? 8.803   1.461   11.345  1.00 47.60  ? 112 THR A CA  1 
ATOM   773  C C   . THR A 1 112 ? 10.030  1.563   10.434  1.00 48.96  ? 112 THR A C   1 
ATOM   774  O O   . THR A 1 112 ? 10.047  1.088   9.297   1.00 48.49  ? 112 THR A O   1 
ATOM   775  C CB  . THR A 1 112 ? 8.762   0.088   12.000  1.00 53.56  ? 112 THR A CB  1 
ATOM   776  O OG1 . THR A 1 112 ? 9.739   0.092   13.050  1.00 54.49  ? 112 THR A OG1 1 
ATOM   777  C CG2 . THR A 1 112 ? 9.094   -1.016  11.011  1.00 55.76  ? 112 THR A CG2 1 
ATOM   778  N N   . GLN A 1 113 ? 11.058  2.217   10.950  1.00 52.69  ? 113 GLN A N   1 
ATOM   779  C CA  . GLN A 1 113 ? 12.282  2.451   10.202  1.00 54.20  ? 113 GLN A CA  1 
ATOM   780  C C   . GLN A 1 113 ? 13.312  1.335   10.382  1.00 54.13  ? 113 GLN A C   1 
ATOM   781  O O   . GLN A 1 113 ? 13.439  0.748   11.453  1.00 51.08  ? 113 GLN A O   1 
ATOM   782  C CB  . GLN A 1 113 ? 12.863  3.810   10.619  1.00 57.94  ? 113 GLN A CB  1 
ATOM   783  C CG  . GLN A 1 113 ? 14.080  4.277   9.842   1.00 64.99  ? 113 GLN A CG  1 
ATOM   784  C CD  . GLN A 1 113 ? 13.812  4.401   8.362   1.00 70.00  ? 113 GLN A CD  1 
ATOM   785  O OE1 . GLN A 1 113 ? 12.880  5.091   7.946   1.00 73.72  ? 113 GLN A OE1 1 
ATOM   786  N NE2 . GLN A 1 113 ? 14.634  3.738   7.553   1.00 69.36  ? 113 GLN A NE2 1 
ATOM   787  N N   . VAL A 1 114 ? 14.036  1.041   9.308   1.00 57.68  ? 114 VAL A N   1 
ATOM   788  C CA  . VAL A 1 114 ? 15.060  0.009   9.322   1.00 61.50  ? 114 VAL A CA  1 
ATOM   789  C C   . VAL A 1 114 ? 16.261  0.459   8.503   1.00 66.39  ? 114 VAL A C   1 
ATOM   790  O O   . VAL A 1 114 ? 16.167  0.626   7.285   1.00 66.80  ? 114 VAL A O   1 
ATOM   791  C CB  . VAL A 1 114 ? 14.538  -1.330  8.731   1.00 59.86  ? 114 VAL A CB  1 
ATOM   792  C CG1 . VAL A 1 114 ? 15.685  -2.335  8.635   1.00 53.93  ? 114 VAL A CG1 1 
ATOM   793  C CG2 . VAL A 1 114 ? 13.427  -1.895  9.601   1.00 53.64  ? 114 VAL A CG2 1 
ATOM   794  N N   . THR A 1 115 ? 17.386  0.662   9.181   1.00 70.73  ? 115 THR A N   1 
ATOM   795  C CA  . THR A 1 115 ? 18.612  1.075   8.515   1.00 75.21  ? 115 THR A CA  1 
ATOM   796  C C   . THR A 1 115 ? 19.685  0.029   8.776   1.00 75.98  ? 115 THR A C   1 
ATOM   797  O O   . THR A 1 115 ? 19.927  -0.358  9.921   1.00 74.23  ? 115 THR A O   1 
ATOM   798  C CB  . THR A 1 115 ? 19.106  2.446   9.025   1.00 77.66  ? 115 THR A CB  1 
ATOM   799  O OG1 . THR A 1 115 ? 18.105  3.439   8.772   1.00 81.06  ? 115 THR A OG1 1 
ATOM   800  C CG2 . THR A 1 115 ? 20.391  2.848   8.308   1.00 78.65  ? 115 THR A CG2 1 
ATOM   801  N N   . VAL A 1 116 ? 20.317  -0.428  7.702   1.00 78.12  ? 116 VAL A N   1 
ATOM   802  C CA  . VAL A 1 116 ? 21.357  -1.437  7.795   1.00 81.94  ? 116 VAL A CA  1 
ATOM   803  C C   . VAL A 1 116 ? 22.715  -0.839  7.433   1.00 84.79  ? 116 VAL A C   1 
ATOM   804  O O   . VAL A 1 116 ? 22.953  -0.467  6.282   1.00 86.07  ? 116 VAL A O   1 
ATOM   805  C CB  . VAL A 1 116 ? 21.052  -2.612  6.846   1.00 82.59  ? 116 VAL A CB  1 
ATOM   806  C CG1 . VAL A 1 116 ? 22.100  -3.699  6.999   1.00 81.88  ? 116 VAL A CG1 1 
ATOM   807  C CG2 . VAL A 1 116 ? 19.665  -3.160  7.136   1.00 84.62  ? 116 VAL A CG2 1 
ATOM   808  N N   . SER A 1 117 ? 23.594  -0.745  8.429   1.00 86.60  ? 117 SER A N   1 
ATOM   809  C CA  . SER A 1 117 ? 24.937  -0.198  8.243   1.00 88.03  ? 117 SER A CA  1 
ATOM   810  C C   . SER A 1 117 ? 25.634  -0.796  7.022   1.00 89.77  ? 117 SER A C   1 
ATOM   811  O O   . SER A 1 117 ? 26.772  -1.265  7.110   1.00 90.10  ? 117 SER A O   1 
ATOM   812  C CB  . SER A 1 117 ? 25.781  -0.472  9.485   1.00 87.55  ? 117 SER A CB  1 
ATOM   813  O OG  . SER A 1 117 ? 25.897  -1.868  9.710   1.00 88.68  ? 117 SER A OG  1 
ATOM   814  N N   . ASP B 1 1   ? 6.111   -8.523  -16.633 1.00 87.26  ? 1   ASP B N   1 
ATOM   815  C CA  . ASP B 1 1   ? 6.112   -7.059  -16.366 1.00 85.98  ? 1   ASP B CA  1 
ATOM   816  C C   . ASP B 1 1   ? 4.694   -6.499  -16.284 1.00 84.20  ? 1   ASP B C   1 
ATOM   817  O O   . ASP B 1 1   ? 3.786   -6.950  -16.979 1.00 84.56  ? 1   ASP B O   1 
ATOM   818  C CB  . ASP B 1 1   ? 6.859   -6.299  -17.469 1.00 87.54  ? 1   ASP B CB  1 
ATOM   819  C CG  . ASP B 1 1   ? 8.262   -6.822  -17.705 1.00 90.50  ? 1   ASP B CG  1 
ATOM   820  O OD1 . ASP B 1 1   ? 9.030   -6.932  -16.729 1.00 95.93  ? 1   ASP B OD1 1 
ATOM   821  O OD2 . ASP B 1 1   ? 8.603   -7.100  -18.876 1.00 90.39  ? 1   ASP B OD2 1 
ATOM   822  N N   . VAL B 1 2   ? 4.528   -5.506  -15.421 1.00 80.76  ? 2   VAL B N   1 
ATOM   823  C CA  . VAL B 1 2   ? 3.263   -4.813  -15.228 1.00 75.74  ? 2   VAL B CA  1 
ATOM   824  C C   . VAL B 1 2   ? 3.696   -3.386  -14.974 1.00 72.91  ? 2   VAL B C   1 
ATOM   825  O O   . VAL B 1 2   ? 4.273   -3.088  -13.931 1.00 72.63  ? 2   VAL B O   1 
ATOM   826  C CB  . VAL B 1 2   ? 2.494   -5.312  -13.987 1.00 75.54  ? 2   VAL B CB  1 
ATOM   827  C CG1 . VAL B 1 2   ? 1.164   -4.581  -13.874 1.00 71.29  ? 2   VAL B CG1 1 
ATOM   828  C CG2 . VAL B 1 2   ? 2.271   -6.809  -14.079 1.00 76.50  ? 2   VAL B CG2 1 
ATOM   829  N N   . GLN B 1 3   ? 3.457   -2.513  -15.940 1.00 70.14  ? 3   GLN B N   1 
ATOM   830  C CA  . GLN B 1 3   ? 3.845   -1.126  -15.786 1.00 66.56  ? 3   GLN B CA  1 
ATOM   831  C C   . GLN B 1 3   ? 2.629   -0.276  -15.481 1.00 63.04  ? 3   GLN B C   1 
ATOM   832  O O   . GLN B 1 3   ? 1.672   -0.238  -16.253 1.00 61.48  ? 3   GLN B O   1 
ATOM   833  C CB  . GLN B 1 3   ? 4.536   -0.618  -17.057 1.00 66.39  ? 3   GLN B CB  1 
ATOM   834  N N   . LEU B 1 4   ? 2.669   0.384   -14.330 1.00 61.40  ? 4   LEU B N   1 
ATOM   835  C CA  . LEU B 1 4   ? 1.604   1.282   -13.907 1.00 59.00  ? 4   LEU B CA  1 
ATOM   836  C C   . LEU B 1 4   ? 2.174   2.672   -14.071 1.00 57.95  ? 4   LEU B C   1 
ATOM   837  O O   . LEU B 1 4   ? 3.050   3.081   -13.312 1.00 59.37  ? 4   LEU B O   1 
ATOM   838  C CB  . LEU B 1 4   ? 1.248   1.063   -12.435 1.00 58.92  ? 4   LEU B CB  1 
ATOM   839  C CG  . LEU B 1 4   ? 0.609   -0.257  -12.010 1.00 57.09  ? 4   LEU B CG  1 
ATOM   840  C CD1 . LEU B 1 4   ? 0.419   -0.254  -10.503 1.00 57.00  ? 4   LEU B CD1 1 
ATOM   841  C CD2 . LEU B 1 4   ? -0.726  -0.433  -12.717 1.00 54.71  ? 4   LEU B CD2 1 
ATOM   842  N N   . VAL B 1 5   ? 1.706   3.393   -15.077 1.00 56.93  ? 5   VAL B N   1 
ATOM   843  C CA  . VAL B 1 5   ? 2.202   4.740   -15.290 1.00 57.62  ? 5   VAL B CA  1 
ATOM   844  C C   . VAL B 1 5   ? 1.102   5.691   -14.858 1.00 55.86  ? 5   VAL B C   1 
ATOM   845  O O   . VAL B 1 5   ? 0.017   5.714   -15.447 1.00 56.67  ? 5   VAL B O   1 
ATOM   846  C CB  . VAL B 1 5   ? 2.557   4.990   -16.776 1.00 59.76  ? 5   VAL B CB  1 
ATOM   847  C CG1 . VAL B 1 5   ? 3.171   6.369   -16.940 1.00 57.01  ? 5   VAL B CG1 1 
ATOM   848  C CG2 . VAL B 1 5   ? 3.515   3.914   -17.268 1.00 61.24  ? 5   VAL B CG2 1 
ATOM   849  N N   . GLU B 1 6   ? 1.379   6.458   -13.812 1.00 53.98  ? 6   GLU B N   1 
ATOM   850  C CA  . GLU B 1 6   ? 0.411   7.415   -13.287 1.00 54.53  ? 6   GLU B CA  1 
ATOM   851  C C   . GLU B 1 6   ? 0.792   8.847   -13.627 1.00 56.55  ? 6   GLU B C   1 
ATOM   852  O O   . GLU B 1 6   ? 1.965   9.156   -13.835 1.00 58.15  ? 6   GLU B O   1 
ATOM   853  C CB  . GLU B 1 6   ? 0.276   7.234   -11.778 1.00 49.62  ? 6   GLU B CB  1 
ATOM   854  C CG  . GLU B 1 6   ? 1.569   6.825   -11.128 1.00 44.03  ? 6   GLU B CG  1 
ATOM   855  O OE1 . GLU B 1 6   ? 2.281   5.769   -9.047  1.00 41.00  ? 6   GLU B OE1 1 
ATOM   856  O OE2 . GLU B 1 6   ? 0.130   6.245   -9.194  1.00 74.08  ? 6   GLU B OE2 1 
ATOM   857  N N   . SER B 1 7   ? -0.206  9.720   -13.698 1.00 58.13  ? 7   SER B N   1 
ATOM   858  C CA  . SER B 1 7   ? 0.033   11.118  -14.036 1.00 59.52  ? 7   SER B CA  1 
ATOM   859  C C   . SER B 1 7   ? -1.134  12.020  -13.644 1.00 59.66  ? 7   SER B C   1 
ATOM   860  O O   . SER B 1 7   ? -2.065  11.601  -12.950 1.00 59.76  ? 7   SER B O   1 
ATOM   861  C CB  . SER B 1 7   ? 0.282   11.247  -15.534 1.00 60.03  ? 7   SER B CB  1 
ATOM   862  O OG  . SER B 1 7   ? -0.855  10.809  -16.251 1.00 65.66  ? 7   SER B OG  1 
ATOM   863  N N   . GLY B 1 8   ? -1.084  13.265  -14.099 1.00 58.92  ? 8   GLY B N   1 
ATOM   864  C CA  . GLY B 1 8   ? -2.142  14.196  -13.774 1.00 60.53  ? 8   GLY B CA  1 
ATOM   865  C C   . GLY B 1 8   ? -1.848  14.948  -12.497 1.00 61.45  ? 8   GLY B C   1 
ATOM   866  O O   . GLY B 1 8   ? -2.672  15.740  -12.036 1.00 62.52  ? 8   GLY B O   1 
ATOM   867  N N   . GLY B 1 9   ? -0.671  14.704  -11.926 1.00 61.53  ? 9   GLY B N   1 
ATOM   868  C CA  . GLY B 1 9   ? -0.293  15.376  -10.695 1.00 63.72  ? 9   GLY B CA  1 
ATOM   869  C C   . GLY B 1 9   ? -0.125  16.876  -10.866 1.00 64.49  ? 9   GLY B C   1 
ATOM   870  O O   . GLY B 1 9   ? -0.350  17.412  -11.957 1.00 65.48  ? 9   GLY B O   1 
ATOM   871  N N   . GLY B 1 10  ? 0.266   17.564  -9.798  1.00 64.71  ? 10  GLY B N   1 
ATOM   872  C CA  . GLY B 1 10  ? 0.452   19.000  -9.913  1.00 64.35  ? 10  GLY B CA  1 
ATOM   873  C C   . GLY B 1 10  ? 0.143   19.827  -8.678  1.00 64.32  ? 10  GLY B C   1 
ATOM   874  O O   . GLY B 1 10  ? -0.008  19.307  -7.569  1.00 64.07  ? 10  GLY B O   1 
ATOM   875  N N   . SER B 1 11  ? 0.053   21.139  -8.877  1.00 63.18  ? 11  SER B N   1 
ATOM   876  C CA  . SER B 1 11  ? -0.219  22.056  -7.777  1.00 62.65  ? 11  SER B CA  1 
ATOM   877  C C   . SER B 1 11  ? -1.570  22.712  -7.988  1.00 59.34  ? 11  SER B C   1 
ATOM   878  O O   . SER B 1 11  ? -1.870  23.231  -9.061  1.00 60.34  ? 11  SER B O   1 
ATOM   879  C CB  . SER B 1 11  ? 0.891   23.103  -7.694  1.00 64.70  ? 11  SER B CB  1 
ATOM   880  O OG  . SER B 1 11  ? 0.769   23.874  -6.513  1.00 72.95  ? 11  SER B OG  1 
ATOM   881  N N   . VAL B 1 12  ? -2.397  22.678  -6.954  1.00 56.42  ? 12  VAL B N   1 
ATOM   882  C CA  . VAL B 1 12  ? -3.741  23.236  -7.043  1.00 55.53  ? 12  VAL B CA  1 
ATOM   883  C C   . VAL B 1 12  ? -3.965  24.291  -5.967  1.00 55.90  ? 12  VAL B C   1 
ATOM   884  O O   . VAL B 1 12  ? -3.139  24.488  -5.071  1.00 56.76  ? 12  VAL B O   1 
ATOM   885  C CB  . VAL B 1 12  ? -4.793  22.111  -6.874  1.00 55.18  ? 12  VAL B CB  1 
ATOM   886  C CG1 . VAL B 1 12  ? -6.217  22.639  -7.016  1.00 62.43  ? 12  VAL B CG1 1 
ATOM   887  C CG2 . VAL B 1 12  ? -4.546  21.027  -7.911  1.00 56.28  ? 12  VAL B CG2 1 
ATOM   888  N N   . GLN B 1 13  ? -5.062  25.023  -6.111  1.00 54.60  ? 13  GLN B N   1 
ATOM   889  C CA  . GLN B 1 13  ? -5.436  26.037  -5.151  1.00 54.28  ? 13  GLN B CA  1 
ATOM   890  C C   . GLN B 1 13  ? -6.600  25.434  -4.403  1.00 55.13  ? 13  GLN B C   1 
ATOM   891  O O   . GLN B 1 13  ? -7.455  24.788  -5.006  1.00 55.68  ? 13  GLN B O   1 
ATOM   892  C CB  . GLN B 1 13  ? -5.879  27.317  -5.852  1.00 53.58  ? 13  GLN B CB  1 
ATOM   893  C CG  . GLN B 1 13  ? -6.202  28.436  -4.875  1.00 54.74  ? 13  GLN B CG  1 
ATOM   894  N N   . ALA B 1 14  ? -6.636  25.630  -3.090  1.00 54.82  ? 14  ALA B N   1 
ATOM   895  C CA  . ALA B 1 14  ? -7.721  25.073  -2.299  1.00 55.00  ? 14  ALA B CA  1 
ATOM   896  C C   . ALA B 1 14  ? -9.061  25.346  -2.976  1.00 54.33  ? 14  ALA B C   1 
ATOM   897  O O   . ALA B 1 14  ? -9.281  26.433  -3.510  1.00 54.92  ? 14  ALA B O   1 
ATOM   898  C CB  . ALA B 1 14  ? -7.702  25.658  -0.896  1.00 51.11  ? 14  ALA B CB  1 
ATOM   899  N N   . GLY B 1 15  ? -9.947  24.352  -2.949  1.00 53.36  ? 15  GLY B N   1 
ATOM   900  C CA  . GLY B 1 15  ? -11.250 24.492  -3.579  1.00 51.55  ? 15  GLY B CA  1 
ATOM   901  C C   . GLY B 1 15  ? -11.207 24.031  -5.028  1.00 49.37  ? 15  GLY B C   1 
ATOM   902  O O   . GLY B 1 15  ? -12.233 23.738  -5.634  1.00 46.43  ? 15  GLY B O   1 
ATOM   903  N N   . GLY B 1 16  ? -9.998  23.977  -5.581  1.00 48.12  ? 16  GLY B N   1 
ATOM   904  C CA  . GLY B 1 16  ? -9.813  23.546  -6.950  1.00 46.41  ? 16  GLY B CA  1 
ATOM   905  C C   . GLY B 1 16  ? -10.129 22.073  -7.111  1.00 47.66  ? 16  GLY B C   1 
ATOM   906  O O   . GLY B 1 16  ? -10.612 21.422  -6.180  1.00 50.29  ? 16  GLY B O   1 
ATOM   907  N N   . SER B 1 17  ? -9.837  21.541  -8.293  1.00 47.18  ? 17  SER B N   1 
ATOM   908  C CA  . SER B 1 17  ? -10.110 20.146  -8.612  1.00 44.35  ? 17  SER B CA  1 
ATOM   909  C C   . SER B 1 17  ? -8.941  19.574  -9.400  1.00 42.66  ? 17  SER B C   1 
ATOM   910  O O   . SER B 1 17  ? -8.175  20.317  -10.007 1.00 42.51  ? 17  SER B O   1 
ATOM   911  C CB  . SER B 1 17  ? -11.398 20.056  -9.445  1.00 41.30  ? 17  SER B CB  1 
ATOM   912  O OG  . SER B 1 17  ? -11.802 18.719  -9.655  1.00 51.24  ? 17  SER B OG  1 
ATOM   913  N N   . LEU B 1 18  ? -8.806  18.252  -9.381  1.00 41.06  ? 18  LEU B N   1 
ATOM   914  C CA  . LEU B 1 18  ? -7.733  17.586  -10.098 1.00 39.43  ? 18  LEU B CA  1 
ATOM   915  C C   . LEU B 1 18  ? -8.171  16.169  -10.410 1.00 39.89  ? 18  LEU B C   1 
ATOM   916  O O   . LEU B 1 18  ? -8.915  15.560  -9.642  1.00 39.65  ? 18  LEU B O   1 
ATOM   917  C CB  . LEU B 1 18  ? -6.457  17.527  -9.255  1.00 36.98  ? 18  LEU B CB  1 
ATOM   918  C CG  . LEU B 1 18  ? -5.165  17.978  -9.935  1.00 39.81  ? 18  LEU B CG  1 
ATOM   919  C CD1 . LEU B 1 18  ? -3.998  17.384  -9.167  1.00 42.93  ? 18  LEU B CD1 1 
ATOM   920  C CD2 . LEU B 1 18  ? -5.109  17.512  -11.388 1.00 43.65  ? 18  LEU B CD2 1 
ATOM   921  N N   . ARG B 1 19  ? -7.712  15.656  -11.546 1.00 39.48  ? 19  ARG B N   1 
ATOM   922  C CA  . ARG B 1 19  ? -8.026  14.301  -11.957 1.00 40.14  ? 19  ARG B CA  1 
ATOM   923  C C   . ARG B 1 19  ? -6.740  13.538  -12.223 1.00 39.13  ? 19  ARG B C   1 
ATOM   924  O O   . ARG B 1 19  ? -5.878  14.009  -12.959 1.00 38.52  ? 19  ARG B O   1 
ATOM   925  C CB  . ARG B 1 19  ? -8.917  14.299  -13.204 1.00 44.01  ? 19  ARG B CB  1 
ATOM   926  C CG  . ARG B 1 19  ? -8.846  12.987  -13.978 1.00 49.27  ? 19  ARG B CG  1 
ATOM   927  C CD  . ARG B 1 19  ? -9.953  12.823  -14.993 1.00 50.22  ? 19  ARG B CD  1 
ATOM   928  N NE  . ARG B 1 19  ? -11.186 12.377  -14.359 1.00 56.29  ? 19  ARG B NE  1 
ATOM   929  C CZ  . ARG B 1 19  ? -12.235 11.908  -15.027 1.00 60.52  ? 19  ARG B CZ  1 
ATOM   930  N NH1 . ARG B 1 19  ? -13.329 11.517  -14.383 1.00 57.62  ? 19  ARG B NH1 1 
ATOM   931  N NH2 . ARG B 1 19  ? -12.185 11.824  -16.349 1.00 64.60  ? 19  ARG B NH2 1 
ATOM   932  N N   . LEU B 1 20  ? -6.610  12.363  -11.615 1.00 39.29  ? 20  LEU B N   1 
ATOM   933  C CA  . LEU B 1 20  ? -5.411  11.558  -11.790 1.00 41.73  ? 20  LEU B CA  1 
ATOM   934  C C   . LEU B 1 20  ? -5.676  10.355  -12.689 1.00 42.32  ? 20  LEU B C   1 
ATOM   935  O O   . LEU B 1 20  ? -6.809  9.888   -12.809 1.00 39.47  ? 20  LEU B O   1 
ATOM   936  C CB  . LEU B 1 20  ? -4.879  11.087  -10.426 1.00 43.41  ? 20  LEU B CB  1 
ATOM   937  C CG  . LEU B 1 20  ? -4.475  12.155  -9.398  1.00 45.92  ? 20  LEU B CG  1 
ATOM   938  C CD1 . LEU B 1 20  ? -4.015  11.484  -8.116  1.00 45.96  ? 20  LEU B CD1 1 
ATOM   939  C CD2 . LEU B 1 20  ? -3.353  13.019  -9.948  1.00 49.10  ? 20  LEU B CD2 1 
ATOM   940  N N   . SER B 1 21  ? -4.616  9.864   -13.324 1.00 43.96  ? 21  SER B N   1 
ATOM   941  C CA  . SER B 1 21  ? -4.705  8.716   -14.210 1.00 44.56  ? 21  SER B CA  1 
ATOM   942  C C   . SER B 1 21  ? -3.645  7.687   -13.869 1.00 45.63  ? 21  SER B C   1 
ATOM   943  O O   . SER B 1 21  ? -2.492  8.029   -13.620 1.00 44.42  ? 21  SER B O   1 
ATOM   944  C CB  . SER B 1 21  ? -4.521  9.151   -15.662 1.00 46.31  ? 21  SER B CB  1 
ATOM   945  O OG  . SER B 1 21  ? -5.609  9.947   -16.091 1.00 57.83  ? 21  SER B OG  1 
ATOM   946  N N   . CYS B 1 22  ? -4.057  6.424   -13.849 1.00 47.71  ? 22  CYS B N   1 
ATOM   947  C CA  . CYS B 1 22  ? -3.163  5.303   -13.572 1.00 49.58  ? 22  CYS B CA  1 
ATOM   948  C C   . CYS B 1 22  ? -3.289  4.379   -14.782 1.00 52.56  ? 22  CYS B C   1 
ATOM   949  O O   . CYS B 1 22  ? -4.309  3.698   -14.957 1.00 53.90  ? 22  CYS B O   1 
ATOM   950  C CB  . CYS B 1 22  ? -3.604  4.566   -12.301 1.00 51.12  ? 22  CYS B CB  1 
ATOM   951  S SG  . CYS B 1 22  ? -2.699  3.026   -11.914 1.00 43.38  ? 22  CYS B SG  1 
ATOM   952  N N   . ALA B 1 23  ? -2.263  4.381   -15.629 1.00 52.53  ? 23  ALA B N   1 
ATOM   953  C CA  . ALA B 1 23  ? -2.247  3.553   -16.831 1.00 52.05  ? 23  ALA B CA  1 
ATOM   954  C C   . ALA B 1 23  ? -1.720  2.161   -16.504 1.00 51.80  ? 23  ALA B C   1 
ATOM   955  O O   . ALA B 1 23  ? -0.607  2.015   -15.999 1.00 51.85  ? 23  ALA B O   1 
ATOM   956  C CB  . ALA B 1 23  ? -1.371  4.206   -17.902 1.00 50.06  ? 23  ALA B CB  1 
ATOM   957  N N   . VAL B 1 24  ? -2.514  1.138   -16.795 1.00 52.09  ? 24  VAL B N   1 
ATOM   958  C CA  . VAL B 1 24  ? -2.093  -0.231  -16.514 1.00 55.15  ? 24  VAL B CA  1 
ATOM   959  C C   . VAL B 1 24  ? -1.576  -0.910  -17.785 1.00 56.84  ? 24  VAL B C   1 
ATOM   960  O O   . VAL B 1 24  ? -2.295  -1.038  -18.774 1.00 58.59  ? 24  VAL B O   1 
ATOM   961  C CB  . VAL B 1 24  ? -3.261  -1.045  -15.924 1.00 55.41  ? 24  VAL B CB  1 
ATOM   962  C CG1 . VAL B 1 24  ? -2.759  -2.384  -15.400 1.00 51.96  ? 24  VAL B CG1 1 
ATOM   963  C CG2 . VAL B 1 24  ? -3.926  -0.244  -14.817 1.00 57.61  ? 24  VAL B CG2 1 
ATOM   964  N N   . SER B 1 25  ? -0.323  -1.347  -17.749 1.00 58.92  ? 25  SER B N   1 
ATOM   965  C CA  . SER B 1 25  ? 0.300   -1.985  -18.905 1.00 60.19  ? 25  SER B CA  1 
ATOM   966  C C   . SER B 1 25  ? 0.983   -3.311  -18.559 1.00 61.84  ? 25  SER B C   1 
ATOM   967  O O   . SER B 1 25  ? 1.734   -3.398  -17.586 1.00 62.40  ? 25  SER B O   1 
ATOM   968  C CB  . SER B 1 25  ? 1.322   -1.019  -19.515 1.00 60.31  ? 25  SER B CB  1 
ATOM   969  O OG  . SER B 1 25  ? 2.055   -1.620  -20.563 1.00 64.27  ? 25  SER B OG  1 
ATOM   970  N N   . GLY B 1 26  ? 0.714   -4.342  -19.357 1.00 62.84  ? 26  GLY B N   1 
ATOM   971  C CA  . GLY B 1 26  ? 1.325   -5.642  -19.123 1.00 65.16  ? 26  GLY B CA  1 
ATOM   972  C C   . GLY B 1 26  ? 0.621   -6.543  -18.121 1.00 66.93  ? 26  GLY B C   1 
ATOM   973  O O   . GLY B 1 26  ? 1.252   -7.402  -17.500 1.00 66.06  ? 26  GLY B O   1 
ATOM   974  N N   . SER B 1 27  ? -0.686  -6.353  -17.961 1.00 69.05  ? 27  SER B N   1 
ATOM   975  C CA  . SER B 1 27  ? -1.467  -7.161  -17.031 1.00 71.37  ? 27  SER B CA  1 
ATOM   976  C C   . SER B 1 27  ? -2.036  -8.388  -17.737 1.00 72.43  ? 27  SER B C   1 
ATOM   977  O O   . SER B 1 27  ? -3.014  -8.291  -18.479 1.00 75.18  ? 27  SER B O   1 
ATOM   978  C CB  . SER B 1 27  ? -2.612  -6.334  -16.441 1.00 71.41  ? 27  SER B CB  1 
ATOM   979  N N   . THR B 1 28  ? -1.422  -9.543  -17.498 1.00 70.82  ? 28  THR B N   1 
ATOM   980  C CA  . THR B 1 28  ? -1.867  -10.787 -18.108 1.00 69.48  ? 28  THR B CA  1 
ATOM   981  C C   . THR B 1 28  ? -2.955  -11.458 -17.273 1.00 69.97  ? 28  THR B C   1 
ATOM   982  O O   . THR B 1 28  ? -3.708  -12.292 -17.774 1.00 70.62  ? 28  THR B O   1 
ATOM   983  C CB  . THR B 1 28  ? -0.700  -11.784 -18.246 1.00 69.46  ? 28  THR B CB  1 
ATOM   984  O OG1 . THR B 1 28  ? -0.183  -12.096 -16.944 1.00 67.52  ? 28  THR B OG1 1 
ATOM   985  C CG2 . THR B 1 28  ? 0.410   -11.192 -19.094 1.00 68.51  ? 28  THR B CG2 1 
ATOM   986  N N   . TYR B 1 29  ? -3.040  -11.086 -16.001 1.00 68.70  ? 29  TYR B N   1 
ATOM   987  C CA  . TYR B 1 29  ? -4.011  -11.696 -15.113 1.00 67.31  ? 29  TYR B CA  1 
ATOM   988  C C   . TYR B 1 29  ? -5.355  -10.983 -15.119 1.00 68.97  ? 29  TYR B C   1 
ATOM   989  O O   . TYR B 1 29  ? -5.426  -9.775  -15.323 1.00 67.50  ? 29  TYR B O   1 
ATOM   990  C CB  . TYR B 1 29  ? -3.433  -11.770 -13.701 1.00 63.61  ? 29  TYR B CB  1 
ATOM   991  C CG  . TYR B 1 29  ? -4.110  -12.780 -12.802 1.00 64.95  ? 29  TYR B CG  1 
ATOM   992  C CD1 . TYR B 1 29  ? -5.156  -12.408 -11.950 1.00 64.82  ? 29  TYR B CD1 1 
ATOM   993  C CD2 . TYR B 1 29  ? -3.701  -14.114 -12.803 1.00 63.40  ? 29  TYR B CD2 1 
ATOM   994  C CE1 . TYR B 1 29  ? -5.772  -13.347 -11.111 1.00 63.23  ? 29  TYR B CE1 1 
ATOM   995  C CE2 . TYR B 1 29  ? -4.309  -15.058 -11.974 1.00 65.25  ? 29  TYR B CE2 1 
ATOM   996  C CZ  . TYR B 1 29  ? -5.340  -14.668 -11.129 1.00 63.97  ? 29  TYR B CZ  1 
ATOM   997  O OH  . TYR B 1 29  ? -5.917  -15.592 -10.288 1.00 63.48  ? 29  TYR B OH  1 
ATOM   998  N N   . SER B 1 30  ? -6.406  -11.774 -14.906 1.00 71.98  ? 30  SER B N   1 
ATOM   999  C CA  . SER B 1 30  ? -7.799  -11.338 -14.881 1.00 73.69  ? 30  SER B CA  1 
ATOM   1000 C C   . SER B 1 30  ? -7.976  -10.018 -14.189 1.00 75.51  ? 30  SER B C   1 
ATOM   1001 O O   . SER B 1 30  ? -7.016  -9.374  -13.781 1.00 79.15  ? 30  SER B O   1 
ATOM   1002 C CB  . SER B 1 30  ? -8.661  -12.365 -14.148 1.00 74.99  ? 30  SER B CB  1 
ATOM   1003 O OG  . SER B 1 30  ? -8.284  -12.457 -12.781 1.00 76.20  ? 30  SER B OG  1 
ATOM   1004 N N   . PRO B 1 31  ? -9.229  -9.577  -14.069 1.00 74.96  ? 31  PRO B N   1 
ATOM   1005 C CA  . PRO B 1 31  ? -9.445  -8.297  -13.390 1.00 72.92  ? 31  PRO B CA  1 
ATOM   1006 C C   . PRO B 1 31  ? -8.755  -8.271  -12.026 1.00 69.51  ? 31  PRO B C   1 
ATOM   1007 O O   . PRO B 1 31  ? -8.798  -9.245  -11.267 1.00 66.86  ? 31  PRO B O   1 
ATOM   1008 C CB  . PRO B 1 31  ? -10.960 -8.209  -13.277 1.00 76.28  ? 31  PRO B CB  1 
ATOM   1009 C CG  . PRO B 1 31  ? -11.391 -9.639  -13.183 1.00 75.59  ? 31  PRO B CG  1 
ATOM   1010 N N   . CYS B 1 32  ? -8.072  -7.167  -11.749 1.00 65.66  ? 32  CYS B N   1 
ATOM   1011 C CA  . CYS B 1 32  ? -7.380  -7.007  -10.488 1.00 59.22  ? 32  CYS B CA  1 
ATOM   1012 C C   . CYS B 1 32  ? -8.096  -5.859  -9.823  1.00 54.55  ? 32  CYS B C   1 
ATOM   1013 O O   . CYS B 1 32  ? -9.001  -5.270  -10.409 1.00 55.24  ? 32  CYS B O   1 
ATOM   1014 C CB  . CYS B 1 32  ? -5.924  -6.609  -10.715 1.00 59.78  ? 32  CYS B CB  1 
ATOM   1015 S SG  . CYS B 1 32  ? -5.064  -7.531  -12.021 1.00 55.20  ? 32  CYS B SG  1 
ATOM   1016 N N   . THR B 1 33  ? -7.706  -5.557  -8.597  1.00 50.35  ? 33  THR B N   1 
ATOM   1017 C CA  . THR B 1 33  ? -8.279  -4.438  -7.881  1.00 45.74  ? 33  THR B CA  1 
ATOM   1018 C C   . THR B 1 33  ? -7.295  -3.294  -8.072  1.00 42.14  ? 33  THR B C   1 
ATOM   1019 O O   . THR B 1 33  ? -6.103  -3.440  -7.824  1.00 37.77  ? 33  THR B O   1 
ATOM   1020 C CB  . THR B 1 33  ? -8.430  -4.740  -6.379  1.00 45.48  ? 33  THR B CB  1 
ATOM   1021 O OG1 . THR B 1 33  ? -9.397  -5.778  -6.198  1.00 46.29  ? 33  THR B OG1 1 
ATOM   1022 C CG2 . THR B 1 33  ? -8.887  -3.502  -5.625  1.00 45.17  ? 33  THR B CG2 1 
ATOM   1023 N N   . THR B 1 34  ? -7.790  -2.163  -8.542  1.00 41.61  ? 34  THR B N   1 
ATOM   1024 C CA  . THR B 1 34  ? -6.932  -1.017  -8.737  1.00 44.18  ? 34  THR B CA  1 
ATOM   1025 C C   . THR B 1 34  ? -7.424  0.091   -7.833  1.00 44.73  ? 34  THR B C   1 
ATOM   1026 O O   . THR B 1 34  ? -8.612  0.417   -7.838  1.00 44.99  ? 34  THR B O   1 
ATOM   1027 C CB  . THR B 1 34  ? -6.964  -0.535  -10.184 1.00 44.55  ? 34  THR B CB  1 
ATOM   1028 O OG1 . THR B 1 34  ? -6.563  -1.609  -11.045 1.00 48.36  ? 34  THR B OG1 1 
ATOM   1029 C CG2 . THR B 1 34  ? -6.016  0.649   -10.365 1.00 37.86  ? 34  THR B CG2 1 
ATOM   1030 N N   . GLY B 1 35  ? -6.512  0.654   -7.046  1.00 43.57  ? 35  GLY B N   1 
ATOM   1031 C CA  . GLY B 1 35  ? -6.892  1.726   -6.149  1.00 42.97  ? 35  GLY B CA  1 
ATOM   1032 C C   . GLY B 1 35  ? -5.782  2.737   -5.982  1.00 42.10  ? 35  GLY B C   1 
ATOM   1033 O O   . GLY B 1 35  ? -4.759  2.667   -6.669  1.00 40.14  ? 35  GLY B O   1 
ATOM   1034 N N   . TRP B 1 36  ? -5.980  3.680   -5.067  1.00 38.69  ? 36  TRP B N   1 
ATOM   1035 C CA  . TRP B 1 36  ? -4.970  4.688   -4.826  1.00 38.38  ? 36  TRP B CA  1 
ATOM   1036 C C   . TRP B 1 36  ? -4.659  4.863   -3.350  1.00 38.69  ? 36  TRP B C   1 
ATOM   1037 O O   . TRP B 1 36  ? -5.551  4.845   -2.501  1.00 37.73  ? 36  TRP B O   1 
ATOM   1038 C CB  . TRP B 1 36  ? -5.404  6.046   -5.386  1.00 37.39  ? 36  TRP B CB  1 
ATOM   1039 C CG  . TRP B 1 36  ? -5.637  6.105   -6.868  1.00 36.67  ? 36  TRP B CG  1 
ATOM   1040 C CD1 . TRP B 1 36  ? -6.746  5.680   -7.550  1.00 37.61  ? 36  TRP B CD1 1 
ATOM   1041 C CD2 . TRP B 1 36  ? -4.756  6.658   -7.845  1.00 34.08  ? 36  TRP B CD2 1 
ATOM   1042 N NE1 . TRP B 1 36  ? -6.609  5.941   -8.890  1.00 34.28  ? 36  TRP B NE1 1 
ATOM   1043 C CE2 . TRP B 1 36  ? -5.394  6.541   -9.099  1.00 36.55  ? 36  TRP B CE2 1 
ATOM   1044 C CE3 . TRP B 1 36  ? -3.486  7.241   -7.783  1.00 35.67  ? 36  TRP B CE3 1 
ATOM   1045 C CZ2 . TRP B 1 36  ? -4.806  6.989   -10.280 1.00 36.75  ? 36  TRP B CZ2 1 
ATOM   1046 C CZ3 . TRP B 1 36  ? -2.900  7.688   -8.957  1.00 39.46  ? 36  TRP B CZ3 1 
ATOM   1047 C CH2 . TRP B 1 36  ? -3.561  7.558   -10.190 1.00 42.83  ? 36  TRP B CH2 1 
ATOM   1048 N N   . VAL B 1 37  ? -3.378  5.027   -3.045  1.00 38.08  ? 37  VAL B N   1 
ATOM   1049 C CA  . VAL B 1 37  ? -2.956  5.261   -1.669  1.00 39.21  ? 37  VAL B CA  1 
ATOM   1050 C C   . VAL B 1 37  ? -2.159  6.554   -1.674  1.00 36.68  ? 37  VAL B C   1 
ATOM   1051 O O   . VAL B 1 37  ? -1.401  6.825   -2.614  1.00 35.97  ? 37  VAL B O   1 
ATOM   1052 C CB  . VAL B 1 37  ? -2.049  4.132   -1.118  1.00 37.82  ? 37  VAL B CB  1 
ATOM   1053 C CG1 . VAL B 1 37  ? -2.822  2.837   -1.052  1.00 37.96  ? 37  VAL B CG1 1 
ATOM   1054 C CG2 . VAL B 1 37  ? -0.823  3.971   -1.987  1.00 38.02  ? 37  VAL B CG2 1 
ATOM   1055 N N   . ARG B 1 38  ? -2.346  7.373   -0.655  1.00 33.51  ? 38  ARG B N   1 
ATOM   1056 C CA  . ARG B 1 38  ? -1.587  8.604   -0.614  1.00 37.24  ? 38  ARG B CA  1 
ATOM   1057 C C   . ARG B 1 38  ? -0.711  8.622   0.617   1.00 40.81  ? 38  ARG B C   1 
ATOM   1058 O O   . ARG B 1 38  ? -1.000  7.974   1.624   1.00 43.13  ? 38  ARG B O   1 
ATOM   1059 C CB  . ARG B 1 38  ? -2.505  9.828   -0.641  1.00 35.06  ? 38  ARG B CB  1 
ATOM   1060 C CG  . ARG B 1 38  ? -3.463  9.905   0.499   1.00 24.81  ? 38  ARG B CG  1 
ATOM   1061 N NE  . ARG B 1 38  ? -5.386  11.103  1.388   1.00 36.07  ? 38  ARG B NE  1 
ATOM   1062 C CZ  . ARG B 1 38  ? -6.335  12.020  1.474   1.00 39.14  ? 38  ARG B CZ  1 
ATOM   1063 N NH1 . ARG B 1 38  ? -6.406  12.969  0.555   1.00 42.18  ? 38  ARG B NH1 1 
ATOM   1064 N NH2 . ARG B 1 38  ? -7.206  11.989  2.475   1.00 39.82  ? 38  ARG B NH2 1 
ATOM   1065 N N   . GLN B 1 39  ? 0.384   9.351   0.509   1.00 43.38  ? 39  GLN B N   1 
ATOM   1066 C CA  . GLN B 1 39  ? 1.334   9.480   1.592   1.00 45.88  ? 39  GLN B CA  1 
ATOM   1067 C C   . GLN B 1 39  ? 1.321   10.965  1.857   1.00 45.10  ? 39  GLN B C   1 
ATOM   1068 O O   . GLN B 1 39  ? 1.753   11.753  1.020   1.00 43.59  ? 39  GLN B O   1 
ATOM   1069 C CB  . GLN B 1 39  ? 2.696   9.006   1.109   1.00 46.84  ? 39  GLN B CB  1 
ATOM   1070 C CG  . GLN B 1 39  ? 3.748   8.871   2.165   1.00 49.94  ? 39  GLN B CG  1 
ATOM   1071 C CD  . GLN B 1 39  ? 4.973   8.185   1.605   1.00 56.72  ? 39  GLN B CD  1 
ATOM   1072 O OE1 . GLN B 1 39  ? 5.551   8.643   0.620   1.00 58.71  ? 39  GLN B OE1 1 
ATOM   1073 N NE2 . GLN B 1 39  ? 5.369   7.076   2.219   1.00 56.97  ? 39  GLN B NE2 1 
ATOM   1074 N N   . ALA B 1 40  ? 0.790   11.344  3.011   1.00 47.01  ? 40  ALA B N   1 
ATOM   1075 C CA  . ALA B 1 40  ? 0.682   12.749  3.366   1.00 50.31  ? 40  ALA B CA  1 
ATOM   1076 C C   . ALA B 1 40  ? 1.242   13.086  4.750   1.00 53.98  ? 40  ALA B C   1 
ATOM   1077 O O   . ALA B 1 40  ? 0.968   12.401  5.743   1.00 55.78  ? 40  ALA B O   1 
ATOM   1078 C CB  . ALA B 1 40  ? -0.787  13.176  3.268   1.00 51.91  ? 40  ALA B CB  1 
ATOM   1079 N N   . PRO B 1 41  ? 2.035   14.165  4.834   1.00 56.06  ? 41  PRO B N   1 
ATOM   1080 C CA  . PRO B 1 41  ? 2.630   14.592  6.102   1.00 55.37  ? 41  PRO B CA  1 
ATOM   1081 C C   . PRO B 1 41  ? 1.536   14.917  7.107   1.00 56.59  ? 41  PRO B C   1 
ATOM   1082 O O   . PRO B 1 41  ? 0.627   15.704  6.815   1.00 60.80  ? 41  PRO B O   1 
ATOM   1083 C CB  . PRO B 1 41  ? 3.433   15.820  5.689   1.00 55.83  ? 41  PRO B CB  1 
ATOM   1084 C CG  . PRO B 1 41  ? 2.601   16.371  4.543   1.00 55.26  ? 41  PRO B CG  1 
ATOM   1085 C CD  . PRO B 1 41  ? 2.432   15.090  3.761   1.00 54.36  ? 41  PRO B CD  1 
ATOM   1086 N N   . GLY B 1 42  ? 1.619   14.308  8.285   1.00 53.96  ? 42  GLY B N   1 
ATOM   1087 C CA  . GLY B 1 42  ? 0.617   14.544  9.303   1.00 50.63  ? 42  GLY B CA  1 
ATOM   1088 C C   . GLY B 1 42  ? -0.385  13.410  9.312   1.00 50.82  ? 42  GLY B C   1 
ATOM   1089 O O   . GLY B 1 42  ? -1.289  13.364  10.145  1.00 48.37  ? 42  GLY B O   1 
ATOM   1090 N N   . LYS B 1 43  ? -0.214  12.477  8.379   1.00 50.96  ? 43  LYS B N   1 
ATOM   1091 C CA  . LYS B 1 43  ? -1.128  11.343  8.280   1.00 49.54  ? 43  LYS B CA  1 
ATOM   1092 C C   . LYS B 1 43  ? -0.498  10.021  7.855   1.00 47.29  ? 43  LYS B C   1 
ATOM   1093 O O   . LYS B 1 43  ? -1.090  8.968   8.066   1.00 49.25  ? 43  LYS B O   1 
ATOM   1094 C CB  . LYS B 1 43  ? -2.282  11.688  7.327   1.00 50.36  ? 43  LYS B CB  1 
ATOM   1095 N N   . GLY B 1 44  ? 0.694   10.066  7.271   1.00 45.94  ? 44  GLY B N   1 
ATOM   1096 C CA  . GLY B 1 44  ? 1.348   8.844   6.820   1.00 46.61  ? 44  GLY B CA  1 
ATOM   1097 C C   . GLY B 1 44  ? 0.600   8.209   5.652   1.00 49.82  ? 44  GLY B C   1 
ATOM   1098 O O   . GLY B 1 44  ? -0.248  8.860   5.033   1.00 51.33  ? 44  GLY B O   1 
ATOM   1099 N N   . LEU B 1 45  ? 0.899   6.944   5.344   1.00 49.39  ? 45  LEU B N   1 
ATOM   1100 C CA  . LEU B 1 45  ? 0.234   6.230   4.248   1.00 47.49  ? 45  LEU B CA  1 
ATOM   1101 C C   . LEU B 1 45  ? -1.223  5.907   4.530   1.00 48.95  ? 45  LEU B C   1 
ATOM   1102 O O   . LEU B 1 45  ? -1.561  5.432   5.614   1.00 49.19  ? 45  LEU B O   1 
ATOM   1103 C CB  . LEU B 1 45  ? 0.942   4.915   3.934   1.00 44.00  ? 45  LEU B CB  1 
ATOM   1104 C CG  . LEU B 1 45  ? 2.283   4.961   3.215   1.00 49.56  ? 45  LEU B CG  1 
ATOM   1105 C CD1 . LEU B 1 45  ? 2.827   3.555   3.085   1.00 50.37  ? 45  LEU B CD1 1 
ATOM   1106 C CD2 . LEU B 1 45  ? 2.107   5.589   1.841   1.00 53.94  ? 45  LEU B CD2 1 
ATOM   1107 N N   . GLU B 1 46  ? -2.086  6.159   3.550   1.00 48.27  ? 46  GLU B N   1 
ATOM   1108 C CA  . GLU B 1 46  ? -3.491  5.843   3.719   1.00 49.77  ? 46  GLU B CA  1 
ATOM   1109 C C   . GLU B 1 46  ? -4.170  5.487   2.394   1.00 50.63  ? 46  GLU B C   1 
ATOM   1110 O O   . GLU B 1 46  ? -3.890  6.078   1.341   1.00 52.29  ? 46  GLU B O   1 
ATOM   1111 C CB  . GLU B 1 46  ? -4.236  7.001   4.402   1.00 51.57  ? 46  GLU B CB  1 
ATOM   1112 C CG  . GLU B 1 46  ? -4.560  8.140   3.488   1.00 50.30  ? 46  GLU B CG  1 
ATOM   1113 O OE1 . GLU B 1 46  ? -6.204  8.964   5.177   1.00 50.22  ? 46  GLU B OE1 1 
ATOM   1114 O OE2 . GLU B 1 46  ? -5.047  10.483  4.031   1.00 69.66  ? 46  GLU B OE2 1 
ATOM   1115 N N   . TRP B 1 47  ? -5.053  4.497   2.460   1.00 48.46  ? 47  TRP B N   1 
ATOM   1116 C CA  . TRP B 1 47  ? -5.804  4.036   1.301   1.00 46.28  ? 47  TRP B CA  1 
ATOM   1117 C C   . TRP B 1 47  ? -6.880  5.076   0.970   1.00 46.29  ? 47  TRP B C   1 
ATOM   1118 O O   . TRP B 1 47  ? -7.619  5.508   1.850   1.00 47.05  ? 47  TRP B O   1 
ATOM   1119 C CB  . TRP B 1 47  ? -6.434  2.687   1.630   1.00 45.30  ? 47  TRP B CB  1 
ATOM   1120 C CG  . TRP B 1 47  ? -7.452  2.203   0.651   1.00 52.35  ? 47  TRP B CG  1 
ATOM   1121 C CD1 . TRP B 1 47  ? -7.228  1.695   -0.598  1.00 53.33  ? 47  TRP B CD1 1 
ATOM   1122 C CD2 . TRP B 1 47  ? -8.873  2.192   0.841   1.00 52.04  ? 47  TRP B CD2 1 
ATOM   1123 N NE1 . TRP B 1 47  ? -8.424  1.368   -1.194  1.00 52.39  ? 47  TRP B NE1 1 
ATOM   1124 C CE2 . TRP B 1 47  ? -9.449  1.663   -0.333  1.00 52.05  ? 47  TRP B CE2 1 
ATOM   1125 C CE3 . TRP B 1 47  ? -9.716  2.578   1.891   1.00 51.56  ? 47  TRP B CE3 1 
ATOM   1126 C CZ2 . TRP B 1 47  ? -10.832 1.512   -0.487  1.00 53.87  ? 47  TRP B CZ2 1 
ATOM   1127 C CZ3 . TRP B 1 47  ? -11.090 2.427   1.738   1.00 52.39  ? 47  TRP B CZ3 1 
ATOM   1128 C CH2 . TRP B 1 47  ? -11.632 1.898   0.559   1.00 52.21  ? 47  TRP B CH2 1 
ATOM   1129 N N   . VAL B 1 48  ? -6.957  5.483   -0.294  1.00 45.04  ? 48  VAL B N   1 
ATOM   1130 C CA  . VAL B 1 48  ? -7.940  6.476   -0.715  1.00 44.28  ? 48  VAL B CA  1 
ATOM   1131 C C   . VAL B 1 48  ? -9.210  5.859   -1.288  1.00 43.13  ? 48  VAL B C   1 
ATOM   1132 O O   . VAL B 1 48  ? -10.315 6.110   -0.809  1.00 41.55  ? 48  VAL B O   1 
ATOM   1133 C CB  . VAL B 1 48  ? -7.354  7.430   -1.788  1.00 46.66  ? 48  VAL B CB  1 
ATOM   1134 C CG1 . VAL B 1 48  ? -8.461  8.298   -2.369  1.00 48.42  ? 48  VAL B CG1 1 
ATOM   1135 C CG2 . VAL B 1 48  ? -6.270  8.299   -1.185  1.00 43.78  ? 48  VAL B CG2 1 
ATOM   1136 N N   . SER B 1 49  ? -9.041  5.054   -2.329  1.00 42.07  ? 49  SER B N   1 
ATOM   1137 C CA  . SER B 1 49  ? -10.172 4.437   -2.988  1.00 42.12  ? 49  SER B CA  1 
ATOM   1138 C C   . SER B 1 49  ? -9.697  3.250   -3.814  1.00 41.05  ? 49  SER B C   1 
ATOM   1139 O O   . SER B 1 49  ? -8.523  3.171   -4.174  1.00 35.20  ? 49  SER B O   1 
ATOM   1140 C CB  . SER B 1 49  ? -10.851 5.467   -3.897  1.00 43.91  ? 49  SER B CB  1 
ATOM   1141 O OG  . SER B 1 49  ? -11.979 4.913   -4.548  1.00 52.68  ? 49  SER B OG  1 
ATOM   1142 N N   . SER B 1 50  ? -10.625 2.337   -4.100  1.00 43.49  ? 50  SER B N   1 
ATOM   1143 C CA  . SER B 1 50  ? -10.362 1.132   -4.894  1.00 46.35  ? 50  SER B CA  1 
ATOM   1144 C C   . SER B 1 50  ? -11.570 0.699   -5.714  1.00 47.16  ? 50  SER B C   1 
ATOM   1145 O O   . SER B 1 50  ? -12.720 0.947   -5.349  1.00 48.14  ? 50  SER B O   1 
ATOM   1146 C CB  . SER B 1 50  ? -9.955  -0.045  -4.002  1.00 44.07  ? 50  SER B CB  1 
ATOM   1147 O OG  . SER B 1 50  ? -8.671  0.142   -3.443  1.00 53.32  ? 50  SER B OG  1 
ATOM   1148 N N   . ILE B 1 51  ? -11.287 0.034   -6.825  1.00 49.23  ? 51  ILE B N   1 
ATOM   1149 C CA  . ILE B 1 51  ? -12.310 -0.486  -7.719  1.00 51.30  ? 51  ILE B CA  1 
ATOM   1150 C C   . ILE B 1 51  ? -11.868 -1.947  -7.950  1.00 55.17  ? 51  ILE B C   1 
ATOM   1151 O O   . ILE B 1 51  ? -10.821 -2.219  -8.540  1.00 53.06  ? 51  ILE B O   1 
ATOM   1152 C CB  . ILE B 1 51  ? -12.362 0.377   -9.007  1.00 50.07  ? 51  ILE B CB  1 
ATOM   1153 C CG1 . ILE B 1 51  ? -13.590 0.011   -9.831  1.00 52.34  ? 51  ILE B CG1 1 
ATOM   1154 C CG2 . ILE B 1 51  ? -11.065 0.247   -9.791  1.00 47.15  ? 51  ILE B CG2 1 
ATOM   1155 C CD1 . ILE B 1 51  ? -13.847 0.975   -10.974 1.00 55.07  ? 51  ILE B CD1 1 
ATOM   1156 N N   . SER B 1 52  ? -12.673 -2.879  -7.451  1.00 60.72  ? 52  SER B N   1 
ATOM   1157 C CA  . SER B 1 52  ? -12.350 -4.306  -7.480  1.00 66.02  ? 52  SER B CA  1 
ATOM   1158 C C   . SER B 1 52  ? -12.522 -5.218  -8.690  1.00 68.95  ? 52  SER B C   1 
ATOM   1159 O O   . SER B 1 52  ? -12.228 -6.409  -8.589  1.00 72.65  ? 52  SER B O   1 
ATOM   1160 C CB  . SER B 1 52  ? -13.030 -4.981  -6.288  1.00 65.59  ? 52  SER B CB  1 
ATOM   1161 O OG  . SER B 1 52  ? -14.433 -4.802  -6.342  1.00 72.77  ? 52  SER B OG  1 
ATOM   1162 N N   . SER B 1 53  ? -12.976 -4.717  -9.827  1.00 72.56  ? 53  SER B N   1 
ATOM   1163 C CA  . SER B 1 53  ? -13.123 -5.610  -10.983 1.00 76.80  ? 53  SER B CA  1 
ATOM   1164 C C   . SER B 1 53  ? -14.578 -5.973  -11.274 1.00 78.38  ? 53  SER B C   1 
ATOM   1165 O O   . SER B 1 53  ? -15.089 -5.745  -12.373 1.00 78.74  ? 53  SER B O   1 
ATOM   1166 N N   . PRO B 1 54  ? -15.268 -6.548  -10.279 1.00 76.02  ? 54  PRO B N   1 
ATOM   1167 C CA  . PRO B 1 54  ? -16.669 -6.912  -10.501 1.00 74.50  ? 54  PRO B CA  1 
ATOM   1168 C C   . PRO B 1 54  ? -17.410 -5.589  -10.711 1.00 73.87  ? 54  PRO B C   1 
ATOM   1169 O O   . PRO B 1 54  ? -18.524 -5.542  -11.244 1.00 75.46  ? 54  PRO B O   1 
ATOM   1170 C CB  . PRO B 1 54  ? -17.069 -7.583  -9.195  1.00 73.40  ? 54  PRO B CB  1 
ATOM   1171 C CG  . PRO B 1 54  ? -15.819 -8.221  -8.723  1.00 70.90  ? 54  PRO B CG  1 
ATOM   1172 N N   . GLY B 1 55  ? -16.747 -4.512  -10.293 1.00 71.35  ? 55  GLY B N   1 
ATOM   1173 C CA  . GLY B 1 55  ? -17.300 -3.177  -10.421 1.00 67.63  ? 55  GLY B CA  1 
ATOM   1174 C C   . GLY B 1 55  ? -17.445 -2.492  -9.074  1.00 64.20  ? 55  GLY B C   1 
ATOM   1175 O O   . GLY B 1 55  ? -17.684 -1.290  -9.006  1.00 63.14  ? 55  GLY B O   1 
ATOM   1176 N N   . THR B 1 56  ? -17.309 -3.260  -7.999  1.00 62.12  ? 56  THR B N   1 
ATOM   1177 C CA  . THR B 1 56  ? -17.431 -2.724  -6.652  1.00 60.90  ? 56  THR B CA  1 
ATOM   1178 C C   . THR B 1 56  ? -16.463 -1.569  -6.452  1.00 58.07  ? 56  THR B C   1 
ATOM   1179 O O   . THR B 1 56  ? -15.305 -1.654  -6.853  1.00 58.39  ? 56  THR B O   1 
ATOM   1180 C CB  . THR B 1 56  ? -17.138 -3.813  -5.605  1.00 65.00  ? 56  THR B CB  1 
ATOM   1181 O OG1 . THR B 1 56  ? -18.107 -4.863  -5.734  1.00 70.40  ? 56  THR B OG1 1 
ATOM   1182 C CG2 . THR B 1 56  ? -17.191 -3.233  -4.189  1.00 65.73  ? 56  THR B CG2 1 
ATOM   1183 N N   . ILE B 1 57  ? -16.939 -0.493  -5.833  1.00 54.82  ? 57  ILE B N   1 
ATOM   1184 C CA  . ILE B 1 57  ? -16.111 0.682   -5.585  1.00 52.55  ? 57  ILE B CA  1 
ATOM   1185 C C   . ILE B 1 57  ? -16.106 1.029   -4.105  1.00 51.43  ? 57  ILE B C   1 
ATOM   1186 O O   . ILE B 1 57  ? -17.159 1.171   -3.491  1.00 49.91  ? 57  ILE B O   1 
ATOM   1187 C CB  . ILE B 1 57  ? -16.632 1.903   -6.364  1.00 55.21  ? 57  ILE B CB  1 
ATOM   1188 C CG1 . ILE B 1 57  ? -16.607 1.618   -7.865  1.00 56.16  ? 57  ILE B CG1 1 
ATOM   1189 C CG2 . ILE B 1 57  ? -15.786 3.128   -6.040  1.00 55.69  ? 57  ILE B CG2 1 
ATOM   1190 C CD1 . ILE B 1 57  ? -17.220 2.724   -8.711  1.00 58.19  ? 57  ILE B CD1 1 
ATOM   1191 N N   . TYR B 1 58  ? -14.916 1.167   -3.533  1.00 52.99  ? 58  TYR B N   1 
ATOM   1192 C CA  . TYR B 1 58  ? -14.782 1.508   -2.119  1.00 52.16  ? 58  TYR B CA  1 
ATOM   1193 C C   . TYR B 1 58  ? -14.106 2.866   -1.937  1.00 51.98  ? 58  TYR B C   1 
ATOM   1194 O O   . TYR B 1 58  ? -13.254 3.264   -2.742  1.00 49.77  ? 58  TYR B O   1 
ATOM   1195 C CB  . TYR B 1 58  ? -13.971 0.429   -1.388  1.00 49.79  ? 58  TYR B CB  1 
ATOM   1196 N N   . TYR B 1 59  ? -14.499 3.573   -0.879  1.00 51.62  ? 59  TYR B N   1 
ATOM   1197 C CA  . TYR B 1 59  ? -13.920 4.874   -0.579  1.00 53.45  ? 59  TYR B CA  1 
ATOM   1198 C C   . TYR B 1 59  ? -13.560 5.053   0.883   1.00 54.58  ? 59  TYR B C   1 
ATOM   1199 O O   . TYR B 1 59  ? -14.267 4.576   1.765   1.00 55.69  ? 59  TYR B O   1 
ATOM   1200 C CB  . TYR B 1 59  ? -14.877 6.015   -0.930  1.00 52.84  ? 59  TYR B CB  1 
ATOM   1201 C CG  . TYR B 1 59  ? -15.198 6.192   -2.387  1.00 50.87  ? 59  TYR B CG  1 
ATOM   1202 C CD1 . TYR B 1 59  ? -16.443 5.834   -2.887  1.00 48.68  ? 59  TYR B CD1 1 
ATOM   1203 C CD2 . TYR B 1 59  ? -14.282 6.780   -3.255  1.00 49.66  ? 59  TYR B CD2 1 
ATOM   1204 C CE1 . TYR B 1 59  ? -16.775 6.067   -4.212  1.00 49.09  ? 59  TYR B CE1 1 
ATOM   1205 C CE2 . TYR B 1 59  ? -14.603 7.017   -4.584  1.00 47.84  ? 59  TYR B CE2 1 
ATOM   1206 C CZ  . TYR B 1 59  ? -15.857 6.665   -5.056  1.00 47.49  ? 59  TYR B CZ  1 
ATOM   1207 O OH  . TYR B 1 59  ? -16.211 6.946   -6.356  1.00 41.76  ? 59  TYR B OH  1 
ATOM   1208 N N   . GLN B 1 60  ? -12.461 5.766   1.120   1.00 56.33  ? 60  GLN B N   1 
ATOM   1209 C CA  . GLN B 1 60  ? -12.005 6.112   2.464   1.00 54.70  ? 60  GLN B CA  1 
ATOM   1210 C C   . GLN B 1 60  ? -13.045 7.140   2.936   1.00 56.59  ? 60  GLN B C   1 
ATOM   1211 O O   . GLN B 1 60  ? -13.306 8.118   2.244   1.00 56.27  ? 60  GLN B O   1 
ATOM   1212 C CB  . GLN B 1 60  ? -10.610 6.746   2.376   1.00 52.27  ? 60  GLN B CB  1 
ATOM   1213 C CG  . GLN B 1 60  ? -10.063 7.342   3.644   1.00 47.84  ? 60  GLN B CG  1 
ATOM   1214 O OE1 . GLN B 1 60  ? -10.675 5.493   5.200   1.00 60.08  ? 60  GLN B OE1 1 
ATOM   1215 N NE2 . GLN B 1 60  ? -8.441  6.114   5.110   1.00 79.47  ? 60  GLN B NE2 1 
ATOM   1216 N N   . ASP B 1 61  ? -13.653 6.902   4.094   1.00 59.97  ? 61  ASP B N   1 
ATOM   1217 C CA  . ASP B 1 61  ? -14.672 7.802   4.638   1.00 61.54  ? 61  ASP B CA  1 
ATOM   1218 C C   . ASP B 1 61  ? -14.376 9.299   4.508   1.00 59.68  ? 61  ASP B C   1 
ATOM   1219 O O   . ASP B 1 61  ? -15.278 10.093  4.232   1.00 59.32  ? 61  ASP B O   1 
ATOM   1220 C CB  . ASP B 1 61  ? -14.930 7.475   6.113   1.00 67.06  ? 61  ASP B CB  1 
ATOM   1221 C CG  . ASP B 1 61  ? -15.635 6.146   6.305   1.00 73.38  ? 61  ASP B CG  1 
ATOM   1222 O OD1 . ASP B 1 61  ? -16.775 5.993   5.809   1.00 76.35  ? 61  ASP B OD1 1 
ATOM   1223 O OD2 . ASP B 1 61  ? -15.052 5.255   6.957   1.00 78.83  ? 61  ASP B OD2 1 
ATOM   1224 N N   . SER B 1 62  ? -13.123 9.683   4.708   1.00 55.90  ? 62  SER B N   1 
ATOM   1225 C CA  . SER B 1 62  ? -12.746 11.085  4.625   1.00 53.97  ? 62  SER B CA  1 
ATOM   1226 C C   . SER B 1 62  ? -12.844 11.682  3.219   1.00 53.68  ? 62  SER B C   1 
ATOM   1227 O O   . SER B 1 62  ? -12.828 12.904  3.057   1.00 55.65  ? 62  SER B O   1 
ATOM   1228 C CB  . SER B 1 62  ? -11.327 11.270  5.161   1.00 52.25  ? 62  SER B CB  1 
ATOM   1229 O OG  . SER B 1 62  ? -10.397 10.532  4.395   1.00 58.83  ? 62  SER B OG  1 
ATOM   1230 N N   . VAL B 1 63  ? -12.939 10.836  2.200   1.00 50.53  ? 63  VAL B N   1 
ATOM   1231 C CA  . VAL B 1 63  ? -13.023 11.342  0.837   1.00 49.96  ? 63  VAL B CA  1 
ATOM   1232 C C   . VAL B 1 63  ? -14.320 10.970  0.132   1.00 51.89  ? 63  VAL B C   1 
ATOM   1233 O O   . VAL B 1 63  ? -14.469 11.226  -1.063  1.00 51.67  ? 63  VAL B O   1 
ATOM   1234 C CB  . VAL B 1 63  ? -11.833 10.862  -0.028  1.00 46.17  ? 63  VAL B CB  1 
ATOM   1235 C CG1 . VAL B 1 63  ? -10.544 11.495  0.454   1.00 40.01  ? 63  VAL B CG1 1 
ATOM   1236 C CG2 . VAL B 1 63  ? -11.729 9.344   0.027   1.00 49.89  ? 63  VAL B CG2 1 
ATOM   1237 N N   . LYS B 1 64  ? -15.252 10.354  0.857   1.00 52.80  ? 64  LYS B N   1 
ATOM   1238 C CA  . LYS B 1 64  ? -16.525 10.009  0.240   1.00 54.84  ? 64  LYS B CA  1 
ATOM   1239 C C   . LYS B 1 64  ? -17.208 11.330  -0.052  1.00 56.41  ? 64  LYS B C   1 
ATOM   1240 O O   . LYS B 1 64  ? -17.226 12.232  0.791   1.00 54.72  ? 64  LYS B O   1 
ATOM   1241 C CB  . LYS B 1 64  ? -17.411 9.191   1.174   1.00 54.77  ? 64  LYS B CB  1 
ATOM   1242 C CG  . LYS B 1 64  ? -16.855 7.870   1.488   1.00 57.19  ? 64  LYS B CG  1 
ATOM   1243 C CE  . LYS B 1 64  ? -17.327 5.653   2.914   1.00 83.71  ? 64  LYS B CE  1 
ATOM   1244 N NZ  . LYS B 1 64  ? -18.212 5.006   3.850   1.00 82.98  ? 64  LYS B NZ  1 
ATOM   1245 N N   . GLY B 1 65  ? -17.764 11.446  -1.252  1.00 57.34  ? 65  GLY B N   1 
ATOM   1246 C CA  . GLY B 1 65  ? -18.438 12.670  -1.624  1.00 58.00  ? 65  GLY B CA  1 
ATOM   1247 C C   . GLY B 1 65  ? -17.555 13.586  -2.450  1.00 56.94  ? 65  GLY B C   1 
ATOM   1248 O O   . GLY B 1 65  ? -18.016 14.175  -3.424  1.00 60.71  ? 65  GLY B O   1 
ATOM   1249 N N   . ARG B 1 66  ? -16.287 13.709  -2.068  1.00 53.46  ? 66  ARG B N   1 
ATOM   1250 C CA  . ARG B 1 66  ? -15.352 14.572  -2.787  1.00 50.07  ? 66  ARG B CA  1 
ATOM   1251 C C   . ARG B 1 66  ? -14.616 13.833  -3.889  1.00 48.46  ? 66  ARG B C   1 
ATOM   1252 O O   . ARG B 1 66  ? -14.221 14.436  -4.879  1.00 49.94  ? 66  ARG B O   1 
ATOM   1253 C CB  . ARG B 1 66  ? -14.294 15.151  -1.840  1.00 51.31  ? 66  ARG B CB  1 
ATOM   1254 C CG  . ARG B 1 66  ? -14.819 16.094  -0.777  1.00 50.00  ? 66  ARG B CG  1 
ATOM   1255 N NE  . ARG B 1 66  ? -12.588 15.877  0.394   1.00 53.92  ? 66  ARG B NE  1 
ATOM   1256 C CZ  . ARG B 1 66  ? -11.282 16.087  0.504   1.00 55.40  ? 66  ARG B CZ  1 
ATOM   1257 N NH1 . ARG B 1 66  ? -10.507 15.174  1.079   1.00 54.07  ? 66  ARG B NH1 1 
ATOM   1258 N NH2 . ARG B 1 66  ? -10.763 17.222  0.064   1.00 47.46  ? 66  ARG B NH2 1 
ATOM   1259 N N   . PHE B 1 67  ? -14.397 12.535  -3.701  1.00 46.08  ? 67  PHE B N   1 
ATOM   1260 C CA  . PHE B 1 67  ? -13.662 11.745  -4.684  1.00 45.81  ? 67  PHE B CA  1 
ATOM   1261 C C   . PHE B 1 67  ? -14.492 10.727  -5.453  1.00 46.57  ? 67  PHE B C   1 
ATOM   1262 O O   . PHE B 1 67  ? -15.456 10.164  -4.938  1.00 47.75  ? 67  PHE B O   1 
ATOM   1263 C CB  . PHE B 1 67  ? -12.481 11.007  -4.031  1.00 41.27  ? 67  PHE B CB  1 
ATOM   1264 C CG  . PHE B 1 67  ? -11.383 11.912  -3.522  1.00 37.38  ? 67  PHE B CG  1 
ATOM   1265 C CD1 . PHE B 1 67  ? -10.138 11.383  -3.209  1.00 38.12  ? 67  PHE B CD1 1 
ATOM   1266 C CD2 . PHE B 1 67  ? -11.582 13.282  -3.357  1.00 36.99  ? 67  PHE B CD2 1 
ATOM   1267 C CE1 . PHE B 1 67  ? -9.101  12.200  -2.748  1.00 40.01  ? 67  PHE B CE1 1 
ATOM   1268 C CE2 . PHE B 1 67  ? -10.556 14.111  -2.893  1.00 34.77  ? 67  PHE B CE2 1 
ATOM   1269 C CZ  . PHE B 1 67  ? -9.314  13.569  -2.590  1.00 38.08  ? 67  PHE B CZ  1 
ATOM   1270 N N   . THR B 1 68  ? -14.096 10.500  -6.699  1.00 46.95  ? 68  THR B N   1 
ATOM   1271 C CA  . THR B 1 68  ? -14.763 9.545   -7.570  1.00 46.46  ? 68  THR B CA  1 
ATOM   1272 C C   . THR B 1 68  ? -13.725 8.771   -8.358  1.00 45.23  ? 68  THR B C   1 
ATOM   1273 O O   . THR B 1 68  ? -12.848 9.352   -8.996  1.00 44.25  ? 68  THR B O   1 
ATOM   1274 C CB  . THR B 1 68  ? -15.696 10.235  -8.570  1.00 48.50  ? 68  THR B CB  1 
ATOM   1275 O OG1 . THR B 1 68  ? -16.794 10.830  -7.874  1.00 51.59  ? 68  THR B OG1 1 
ATOM   1276 C CG2 . THR B 1 68  ? -16.225 9.231   -9.574  1.00 50.85  ? 68  THR B CG2 1 
ATOM   1277 N N   . ILE B 1 69  ? -13.818 7.452   -8.300  1.00 43.68  ? 69  ILE B N   1 
ATOM   1278 C CA  . ILE B 1 69  ? -12.888 6.619   -9.026  1.00 45.57  ? 69  ILE B CA  1 
ATOM   1279 C C   . ILE B 1 69  ? -13.674 5.979   -10.175 1.00 48.45  ? 69  ILE B C   1 
ATOM   1280 O O   . ILE B 1 69  ? -14.831 5.602   -10.011 1.00 46.66  ? 69  ILE B O   1 
ATOM   1281 C CB  . ILE B 1 69  ? -12.281 5.549   -8.092  1.00 43.22  ? 69  ILE B CB  1 
ATOM   1282 C CG1 . ILE B 1 69  ? -11.093 4.869   -8.776  1.00 42.65  ? 69  ILE B CG1 1 
ATOM   1283 C CG2 . ILE B 1 69  ? -13.348 4.542   -7.705  1.00 39.64  ? 69  ILE B CG2 1 
ATOM   1284 C CD1 . ILE B 1 69  ? -10.313 3.948   -7.872  1.00 39.95  ? 69  ILE B CD1 1 
ATOM   1285 N N   . SER B 1 70  ? -13.060 5.894   -11.348 1.00 52.40  ? 70  SER B N   1 
ATOM   1286 C CA  . SER B 1 70  ? -13.729 5.309   -12.505 1.00 56.12  ? 70  SER B CA  1 
ATOM   1287 C C   . SER B 1 70  ? -12.728 4.506   -13.313 1.00 60.08  ? 70  SER B C   1 
ATOM   1288 O O   . SER B 1 70  ? -11.523 4.587   -13.076 1.00 58.56  ? 70  SER B O   1 
ATOM   1289 C CB  . SER B 1 70  ? -14.345 6.398   -13.384 1.00 53.16  ? 70  SER B CB  1 
ATOM   1290 O OG  . SER B 1 70  ? -13.343 7.250   -13.904 1.00 56.75  ? 70  SER B OG  1 
ATOM   1291 N N   . ARG B 1 71  ? -13.225 3.741   -14.278 1.00 66.80  ? 71  ARG B N   1 
ATOM   1292 C CA  . ARG B 1 71  ? -12.345 2.909   -15.085 1.00 72.28  ? 71  ARG B CA  1 
ATOM   1293 C C   . ARG B 1 71  ? -12.779 2.743   -16.532 1.00 74.61  ? 71  ARG B C   1 
ATOM   1294 O O   . ARG B 1 71  ? -13.967 2.724   -16.845 1.00 77.36  ? 71  ARG B O   1 
ATOM   1295 C CB  . ARG B 1 71  ? -12.215 1.538   -14.412 1.00 74.16  ? 71  ARG B CB  1 
ATOM   1296 C CG  . ARG B 1 71  ? -11.442 0.493   -15.185 1.00 79.20  ? 71  ARG B CG  1 
ATOM   1297 C CD  . ARG B 1 71  ? -11.194 -0.740  -14.316 1.00 84.44  ? 71  ARG B CD  1 
ATOM   1298 N NE  . ARG B 1 71  ? -12.426 -1.315  -13.777 1.00 86.73  ? 71  ARG B NE  1 
ATOM   1299 C CZ  . ARG B 1 71  ? -12.464 -2.347  -12.936 1.00 89.92  ? 71  ARG B CZ  1 
ATOM   1300 N NH1 . ARG B 1 71  ? -11.336 -2.922  -12.529 1.00 89.45  ? 71  ARG B NH1 1 
ATOM   1301 N NH2 . ARG B 1 71  ? -13.631 -2.804  -12.496 1.00 90.59  ? 71  ARG B NH2 1 
ATOM   1302 N N   . ASP B 1 72  ? -11.794 2.643   -17.414 1.00 77.19  ? 72  ASP B N   1 
ATOM   1303 C CA  . ASP B 1 72  ? -12.041 2.431   -18.831 1.00 78.69  ? 72  ASP B CA  1 
ATOM   1304 C C   . ASP B 1 72  ? -11.292 1.148   -19.167 1.00 78.56  ? 72  ASP B C   1 
ATOM   1305 O O   . ASP B 1 72  ? -10.072 1.156   -19.325 1.00 78.17  ? 72  ASP B O   1 
ATOM   1306 C CB  . ASP B 1 72  ? -11.484 3.585   -19.667 1.00 80.83  ? 72  ASP B CB  1 
ATOM   1307 C CG  . ASP B 1 72  ? -11.792 3.431   -21.148 1.00 83.76  ? 72  ASP B CG  1 
ATOM   1308 O OD1 . ASP B 1 72  ? -11.300 4.246   -21.949 1.00 84.03  ? 72  ASP B OD1 1 
ATOM   1309 O OD2 . ASP B 1 72  ? -12.534 2.497   -21.517 1.00 88.31  ? 72  ASP B OD2 1 
ATOM   1310 N N   . ASN B 1 73  ? -12.021 0.044   -19.255 1.00 79.22  ? 73  ASN B N   1 
ATOM   1311 C CA  . ASN B 1 73  ? -11.406 -1.239  -19.555 1.00 79.38  ? 73  ASN B CA  1 
ATOM   1312 C C   . ASN B 1 73  ? -10.789 -1.229  -20.939 1.00 78.40  ? 73  ASN B C   1 
ATOM   1313 O O   . ASN B 1 73  ? -9.911  -2.035  -21.240 1.00 77.43  ? 73  ASN B O   1 
ATOM   1314 C CB  . ASN B 1 73  ? -12.444 -2.346  -19.435 1.00 81.90  ? 73  ASN B CB  1 
ATOM   1315 C CG  . ASN B 1 73  ? -13.018 -2.436  -18.041 1.00 84.64  ? 73  ASN B CG  1 
ATOM   1316 O OD1 . ASN B 1 73  ? -12.294 -2.701  -17.082 1.00 84.49  ? 73  ASN B OD1 1 
ATOM   1317 N ND2 . ASN B 1 73  ? -14.320 -2.201  -17.915 1.00 88.15  ? 73  ASN B ND2 1 
ATOM   1318 N N   . ALA B 1 74  ? -11.250 -0.310  -21.782 1.00 77.80  ? 74  ALA B N   1 
ATOM   1319 C CA  . ALA B 1 74  ? -10.713 -0.191  -23.129 1.00 76.72  ? 74  ALA B CA  1 
ATOM   1320 C C   . ALA B 1 74  ? -9.265  0.266   -23.006 1.00 76.21  ? 74  ALA B C   1 
ATOM   1321 O O   . ALA B 1 74  ? -8.340  -0.474  -23.347 1.00 75.86  ? 74  ALA B O   1 
ATOM   1322 C CB  . ALA B 1 74  ? -11.519 0.822   -23.935 1.00 75.03  ? 74  ALA B CB  1 
ATOM   1323 N N   . LYS B 1 75  ? -9.075  1.482   -22.497 1.00 75.55  ? 75  LYS B N   1 
ATOM   1324 C CA  . LYS B 1 75  ? -7.741  2.046   -22.321 1.00 73.25  ? 75  LYS B CA  1 
ATOM   1325 C C   . LYS B 1 75  ? -6.985  1.421   -21.150 1.00 69.23  ? 75  LYS B C   1 
ATOM   1326 O O   . LYS B 1 75  ? -5.843  1.793   -20.886 1.00 70.07  ? 75  LYS B O   1 
ATOM   1327 C CB  . LYS B 1 75  ? -7.816  3.562   -22.102 1.00 77.33  ? 75  LYS B CB  1 
ATOM   1328 C CG  . LYS B 1 75  ? -8.322  4.378   -23.280 1.00 81.80  ? 75  LYS B CG  1 
ATOM   1329 C CD  . LYS B 1 75  ? -8.259  5.862   -22.948 1.00 86.70  ? 75  LYS B CD  1 
ATOM   1330 C CE  . LYS B 1 75  ? -8.814  6.687   -24.075 1.00 88.37  ? 75  LYS B CE  1 
ATOM   1331 N NZ  . LYS B 1 75  ? -8.843  8.142   -23.666 1.00 87.97  ? 75  LYS B NZ  1 
ATOM   1332 N N   . ASN B 1 76  ? -7.617  0.484   -20.447 1.00 64.46  ? 76  ASN B N   1 
ATOM   1333 C CA  . ASN B 1 76  ? -6.969  -0.158  -19.305 1.00 59.60  ? 76  ASN B CA  1 
ATOM   1334 C C   . ASN B 1 76  ? -6.442  0.963   -18.403 1.00 55.84  ? 76  ASN B C   1 
ATOM   1335 O O   . ASN B 1 76  ? -5.291  0.948   -17.981 1.00 55.84  ? 76  ASN B O   1 
ATOM   1336 C CB  . ASN B 1 76  ? -5.817  -1.046  -19.799 1.00 57.05  ? 76  ASN B CB  1 
ATOM   1337 C CG  . ASN B 1 76  ? -5.201  -1.870  -18.697 1.00 58.55  ? 76  ASN B CG  1 
ATOM   1338 N N   . THR B 1 77  ? -7.307  1.933   -18.120 1.00 53.29  ? 77  THR B N   1 
ATOM   1339 C CA  . THR B 1 77  ? -6.956  3.095   -17.308 1.00 50.80  ? 77  THR B CA  1 
ATOM   1340 C C   . THR B 1 77  ? -7.929  3.365   -16.162 1.00 51.37  ? 77  THR B C   1 
ATOM   1341 O O   . THR B 1 77  ? -9.145  3.232   -16.318 1.00 52.36  ? 77  THR B O   1 
ATOM   1342 C CB  . THR B 1 77  ? -6.915  4.377   -18.176 1.00 50.42  ? 77  THR B CB  1 
ATOM   1343 O OG1 . THR B 1 77  ? -5.931  4.233   -19.205 1.00 52.90  ? 77  THR B OG1 1 
ATOM   1344 C CG2 . THR B 1 77  ? -6.574  5.587   -17.328 1.00 48.72  ? 77  THR B CG2 1 
ATOM   1345 N N   . VAL B 1 78  ? -7.386  3.770   -15.015 1.00 50.29  ? 78  VAL B N   1 
ATOM   1346 C CA  . VAL B 1 78  ? -8.202  4.094   -13.849 1.00 48.79  ? 78  VAL B CA  1 
ATOM   1347 C C   . VAL B 1 78  ? -8.033  5.568   -13.520 1.00 46.94  ? 78  VAL B C   1 
ATOM   1348 O O   . VAL B 1 78  ? -6.923  6.094   -13.540 1.00 48.37  ? 78  VAL B O   1 
ATOM   1349 C CB  . VAL B 1 78  ? -7.809  3.235   -12.626 1.00 51.47  ? 78  VAL B CB  1 
ATOM   1350 C CG1 . VAL B 1 78  ? -8.523  3.736   -11.377 1.00 44.52  ? 78  VAL B CG1 1 
ATOM   1351 C CG2 . VAL B 1 78  ? -8.178  1.764   -12.893 1.00 50.55  ? 78  VAL B CG2 1 
ATOM   1352 N N   . TYR B 1 79  ? -9.146  6.231   -13.228 1.00 46.36  ? 79  TYR B N   1 
ATOM   1353 C CA  . TYR B 1 79  ? -9.148  7.653   -12.916 1.00 45.01  ? 79  TYR B CA  1 
ATOM   1354 C C   . TYR B 1 79  ? -9.664  7.949   -11.519 1.00 42.77  ? 79  TYR B C   1 
ATOM   1355 O O   . TYR B 1 79  ? -10.524 7.236   -10.994 1.00 42.89  ? 79  TYR B O   1 
ATOM   1356 C CB  . TYR B 1 79  ? -10.046 8.400   -13.898 1.00 49.01  ? 79  TYR B CB  1 
ATOM   1357 C CG  . TYR B 1 79  ? -9.692  8.206   -15.350 1.00 56.67  ? 79  TYR B CG  1 
ATOM   1358 C CD1 . TYR B 1 79  ? -8.493  8.693   -15.869 1.00 55.69  ? 79  TYR B CD1 1 
ATOM   1359 C CD2 . TYR B 1 79  ? -10.569 7.545   -16.213 1.00 58.64  ? 79  TYR B CD2 1 
ATOM   1360 C CE1 . TYR B 1 79  ? -8.179  8.533   -17.210 1.00 61.69  ? 79  TYR B CE1 1 
ATOM   1361 C CE2 . TYR B 1 79  ? -10.264 7.379   -17.558 1.00 61.03  ? 79  TYR B CE2 1 
ATOM   1362 C CZ  . TYR B 1 79  ? -9.069  7.875   -18.052 1.00 62.02  ? 79  TYR B CZ  1 
ATOM   1363 O OH  . TYR B 1 79  ? -8.767  7.725   -19.386 1.00 64.20  ? 79  TYR B OH  1 
ATOM   1364 N N   . LEU B 1 80  ? -9.141  9.019   -10.931 1.00 39.34  ? 80  LEU B N   1 
ATOM   1365 C CA  . LEU B 1 80  ? -9.579  9.465   -9.620  1.00 35.69  ? 80  LEU B CA  1 
ATOM   1366 C C   . LEU B 1 80  ? -9.868  10.964  -9.714  1.00 34.15  ? 80  LEU B C   1 
ATOM   1367 O O   . LEU B 1 80  ? -8.971  11.768  -9.911  1.00 33.25  ? 80  LEU B O   1 
ATOM   1368 C CB  . LEU B 1 80  ? -8.510  9.188   -8.544  1.00 34.37  ? 80  LEU B CB  1 
ATOM   1369 C CG  . LEU B 1 80  ? -8.926  9.565   -7.106  1.00 31.59  ? 80  LEU B CG  1 
ATOM   1370 C CD1 . LEU B 1 80  ? -10.206 8.852   -6.751  1.00 27.74  ? 80  LEU B CD1 1 
ATOM   1371 C CD2 . LEU B 1 80  ? -7.850  9.221   -6.106  1.00 26.01  ? 80  LEU B CD2 1 
ATOM   1372 N N   . GLN B 1 81  ? -11.139 11.321  -9.599  1.00 34.66  ? 81  GLN B N   1 
ATOM   1373 C CA  . GLN B 1 81  ? -11.565 12.712  -9.637  1.00 35.20  ? 81  GLN B CA  1 
ATOM   1374 C C   . GLN B 1 81  ? -11.512 13.255  -8.204  1.00 39.05  ? 81  GLN B C   1 
ATOM   1375 O O   . GLN B 1 81  ? -12.152 12.705  -7.301  1.00 40.16  ? 81  GLN B O   1 
ATOM   1376 C CB  . GLN B 1 81  ? -13.002 12.800  -10.159 1.00 29.47  ? 81  GLN B CB  1 
ATOM   1377 C CG  . GLN B 1 81  ? -13.509 14.228  -10.303 1.00 31.69  ? 81  GLN B CG  1 
ATOM   1378 C CD  . GLN B 1 81  ? -12.694 15.029  -11.301 1.00 32.78  ? 81  GLN B CD  1 
ATOM   1379 O OE1 . GLN B 1 81  ? -12.726 16.261  -11.298 1.00 30.32  ? 81  GLN B OE1 1 
ATOM   1380 N NE2 . GLN B 1 81  ? -11.963 14.328  -12.175 1.00 32.64  ? 81  GLN B NE2 1 
ATOM   1381 N N   . MET B 1 82  ? -10.756 14.325  -7.984  1.00 41.25  ? 82  MET B N   1 
ATOM   1382 C CA  . MET B 1 82  ? -10.633 14.901  -6.643  1.00 41.25  ? 82  MET B CA  1 
ATOM   1383 C C   . MET B 1 82  ? -11.186 16.313  -6.606  1.00 43.09  ? 82  MET B C   1 
ATOM   1384 O O   . MET B 1 82  ? -10.601 17.234  -7.177  1.00 44.32  ? 82  MET B O   1 
ATOM   1385 C CB  . MET B 1 82  ? -9.167  14.912  -6.208  1.00 40.59  ? 82  MET B CB  1 
ATOM   1386 C CG  . MET B 1 82  ? -8.525  13.532  -6.152  1.00 46.97  ? 82  MET B CG  1 
ATOM   1387 S SD  . MET B 1 82  ? -6.761  13.572  -5.769  1.00 52.46  ? 82  MET B SD  1 
ATOM   1388 C CE  . MET B 1 82  ? -6.106  14.347  -7.183  1.00 58.59  ? 82  MET B CE  1 
ATOM   1389 N N   . ASN B 1 83  ? -12.309 16.479  -5.916  1.00 44.45  ? 83  ASN B N   1 
ATOM   1390 C CA  . ASN B 1 83  ? -12.968 17.778  -5.809  1.00 45.14  ? 83  ASN B CA  1 
ATOM   1391 C C   . ASN B 1 83  ? -12.704 18.452  -4.475  1.00 48.38  ? 83  ASN B C   1 
ATOM   1392 O O   . ASN B 1 83  ? -12.370 17.781  -3.498  1.00 54.25  ? 83  ASN B O   1 
ATOM   1393 C CB  . ASN B 1 83  ? -14.468 17.587  -5.992  1.00 42.07  ? 83  ASN B CB  1 
ATOM   1394 C CG  . ASN B 1 83  ? -14.808 16.975  -7.330  1.00 34.20  ? 83  ASN B CG  1 
ATOM   1395 O OD1 . ASN B 1 83  ? -15.907 16.479  -7.524  1.00 32.98  ? 83  ASN B OD1 1 
ATOM   1396 N ND2 . ASN B 1 83  ? -13.870 17.027  -8.268  1.00 28.47  ? 83  ASN B ND2 1 
ATOM   1397 N N   . SER B 1 84  ? -12.865 19.776  -4.438  1.00 48.51  ? 84  SER B N   1 
ATOM   1398 C CA  . SER B 1 84  ? -12.648 20.561  -3.220  1.00 48.36  ? 84  SER B CA  1 
ATOM   1399 C C   . SER B 1 84  ? -11.332 20.210  -2.550  1.00 49.12  ? 84  SER B C   1 
ATOM   1400 O O   . SER B 1 84  ? -11.286 20.043  -1.330  1.00 45.90  ? 84  SER B O   1 
ATOM   1401 C CB  . SER B 1 84  ? -13.767 20.323  -2.202  1.00 48.85  ? 84  SER B CB  1 
ATOM   1402 O OG  . SER B 1 84  ? -15.026 20.710  -2.706  1.00 51.21  ? 84  SER B OG  1 
ATOM   1403 N N   . LEU B 1 85  ? -10.265 20.081  -3.328  1.00 49.63  ? 85  LEU B N   1 
ATOM   1404 C CA  . LEU B 1 85  ? -8.989  19.749  -2.726  1.00 50.76  ? 85  LEU B CA  1 
ATOM   1405 C C   . LEU B 1 85  ? -8.677  20.656  -1.549  1.00 52.00  ? 85  LEU B C   1 
ATOM   1406 O O   . LEU B 1 85  ? -8.484  21.864  -1.703  1.00 52.13  ? 85  LEU B O   1 
ATOM   1407 C CB  . LEU B 1 85  ? -7.863  19.806  -3.759  1.00 48.44  ? 85  LEU B CB  1 
ATOM   1408 C CG  . LEU B 1 85  ? -8.003  18.667  -4.770  1.00 50.46  ? 85  LEU B CG  1 
ATOM   1409 C CD1 . LEU B 1 85  ? -6.821  18.660  -5.719  1.00 52.56  ? 85  LEU B CD1 1 
ATOM   1410 C CD2 . LEU B 1 85  ? -8.084  17.346  -4.021  1.00 50.40  ? 85  LEU B CD2 1 
ATOM   1411 N N   . GLN B 1 86  ? -8.663  20.048  -0.366  1.00 52.59  ? 86  GLN B N   1 
ATOM   1412 C CA  . GLN B 1 86  ? -8.361  20.742  0.872   1.00 52.29  ? 86  GLN B CA  1 
ATOM   1413 C C   . GLN B 1 86  ? -6.853  20.618  1.066   1.00 53.79  ? 86  GLN B C   1 
ATOM   1414 O O   . GLN B 1 86  ? -6.227  19.766  0.444   1.00 52.33  ? 86  GLN B O   1 
ATOM   1415 C CB  . GLN B 1 86  ? -9.111  20.081  2.022   1.00 50.57  ? 86  GLN B CB  1 
ATOM   1416 C CG  . GLN B 1 86  ? -10.597 20.092  1.835   1.00 42.03  ? 86  GLN B CG  1 
ATOM   1417 O OE1 . GLN B 1 86  ? -10.665 18.047  3.294   1.00 50.56  ? 86  GLN B OE1 1 
ATOM   1418 N NE2 . GLN B 1 86  ? -12.684 18.896  2.643   1.00 58.49  ? 86  GLN B NE2 1 
ATOM   1419 N N   . ARG B 1 87  ? -6.271  21.472  1.906   1.00 59.03  ? 87  ARG B N   1 
ATOM   1420 C CA  . ARG B 1 87  ? -4.823  21.459  2.174   1.00 63.21  ? 87  ARG B CA  1 
ATOM   1421 C C   . ARG B 1 87  ? -4.363  20.093  2.704   1.00 63.21  ? 87  ARG B C   1 
ATOM   1422 O O   . ARG B 1 87  ? -3.233  19.659  2.446   1.00 61.29  ? 87  ARG B O   1 
ATOM   1423 C CB  . ARG B 1 87  ? -4.467  22.543  3.196   1.00 68.29  ? 87  ARG B CB  1 
ATOM   1424 C CG  . ARG B 1 87  ? -2.973  22.725  3.434   1.00 76.50  ? 87  ARG B CG  1 
ATOM   1425 C CD  . ARG B 1 87  ? -2.699  23.610  4.658   1.00 86.60  ? 87  ARG B CD  1 
ATOM   1426 N NE  . ARG B 1 87  ? -3.242  24.963  4.542   1.00 91.48  ? 87  ARG B NE  1 
ATOM   1427 C CZ  . ARG B 1 87  ? -2.771  25.897  3.720   1.00 94.37  ? 87  ARG B CZ  1 
ATOM   1428 N NH1 . ARG B 1 87  ? -3.336  27.099  3.686   1.00 93.67  ? 87  ARG B NH1 1 
ATOM   1429 N NH2 . ARG B 1 87  ? -1.726  25.637  2.943   1.00 93.84  ? 87  ARG B NH2 1 
ATOM   1430 N N   . GLU B 1 88  ? -5.244  19.438  3.459   1.00 60.92  ? 88  GLU B N   1 
ATOM   1431 C CA  . GLU B 1 88  ? -4.979  18.119  4.020   1.00 58.71  ? 88  GLU B CA  1 
ATOM   1432 C C   . GLU B 1 88  ? -4.885  17.018  2.970   1.00 58.53  ? 88  GLU B C   1 
ATOM   1433 O O   . GLU B 1 88  ? -4.497  15.895  3.288   1.00 60.90  ? 88  GLU B O   1 
ATOM   1434 C CB  . GLU B 1 88  ? -6.056  17.776  5.048   1.00 58.18  ? 88  GLU B CB  1 
ATOM   1435 C CG  . GLU B 1 88  ? -7.321  18.612  4.935   1.00 59.20  ? 88  GLU B CG  1 
ATOM   1436 N N   . ASP B 1 89  ? -5.242  17.339  1.725   1.00 55.29  ? 89  ASP B N   1 
ATOM   1437 C CA  . ASP B 1 89  ? -5.192  16.368  0.627   1.00 52.63  ? 89  ASP B CA  1 
ATOM   1438 C C   . ASP B 1 89  ? -3.837  16.367  -0.060  1.00 50.98  ? 89  ASP B C   1 
ATOM   1439 O O   . ASP B 1 89  ? -3.618  15.623  -1.014  1.00 50.04  ? 89  ASP B O   1 
ATOM   1440 C CB  . ASP B 1 89  ? -6.262  16.674  -0.426  1.00 51.50  ? 89  ASP B CB  1 
ATOM   1441 C CG  . ASP B 1 89  ? -7.664  16.559  0.116   1.00 51.93  ? 89  ASP B CG  1 
ATOM   1442 O OD1 . ASP B 1 89  ? -8.047  15.451  0.548   1.00 50.35  ? 89  ASP B OD1 1 
ATOM   1443 O OD2 . ASP B 1 89  ? -8.383  17.579  0.104   1.00 51.11  ? 89  ASP B OD2 1 
ATOM   1444 N N   . THR B 1 90  ? -2.941  17.221  0.421   1.00 49.32  ? 90  THR B N   1 
ATOM   1445 C CA  . THR B 1 90  ? -1.602  17.331  -0.146  1.00 47.30  ? 90  THR B CA  1 
ATOM   1446 C C   . THR B 1 90  ? -0.818  16.061  0.104   1.00 44.93  ? 90  THR B C   1 
ATOM   1447 O O   . THR B 1 90  ? -0.985  15.426  1.142   1.00 46.34  ? 90  THR B O   1 
ATOM   1448 C CB  . THR B 1 90  ? -0.809  18.479  0.499   1.00 47.87  ? 90  THR B CB  1 
ATOM   1449 O OG1 . THR B 1 90  ? -1.518  19.713  0.329   1.00 50.39  ? 90  THR B OG1 1 
ATOM   1450 C CG2 . THR B 1 90  ? 0.570   18.586  -0.135  1.00 45.52  ? 90  THR B CG2 1 
ATOM   1451 N N   . GLY B 1 91  ? 0.043   15.697  -0.838  1.00 43.25  ? 91  GLY B N   1 
ATOM   1452 C CA  . GLY B 1 91  ? 0.839   14.501  -0.659  1.00 40.76  ? 91  GLY B CA  1 
ATOM   1453 C C   . GLY B 1 91  ? 1.245   13.802  -1.935  1.00 40.15  ? 91  GLY B C   1 
ATOM   1454 O O   . GLY B 1 91  ? 1.051   14.314  -3.032  1.00 39.46  ? 91  GLY B O   1 
ATOM   1455 N N   . MET B 1 92  ? 1.823   12.620  -1.777  1.00 42.25  ? 92  MET B N   1 
ATOM   1456 C CA  . MET B 1 92  ? 2.270   11.814  -2.907  1.00 44.14  ? 92  MET B CA  1 
ATOM   1457 C C   . MET B 1 92  ? 1.179   10.747  -3.138  1.00 42.72  ? 92  MET B C   1 
ATOM   1458 O O   . MET B 1 92  ? 0.772   10.054  -2.201  1.00 39.26  ? 92  MET B O   1 
ATOM   1459 C CB  . MET B 1 92  ? 3.604   11.150  -2.547  1.00 47.80  ? 92  MET B CB  1 
ATOM   1460 C CG  . MET B 1 92  ? 4.458   10.693  -3.719  1.00 52.23  ? 92  MET B CG  1 
ATOM   1461 S SD  . MET B 1 92  ? 5.332   12.050  -4.515  1.00 58.12  ? 92  MET B SD  1 
ATOM   1462 C CE  . MET B 1 92  ? 6.220   11.184  -5.812  1.00 48.18  ? 92  MET B CE  1 
ATOM   1463 N N   . TYR B 1 93  ? 0.683   10.626  -4.366  1.00 42.70  ? 93  TYR B N   1 
ATOM   1464 C CA  . TYR B 1 93  ? -0.359  9.633   -4.652  1.00 42.27  ? 93  TYR B CA  1 
ATOM   1465 C C   . TYR B 1 93  ? 0.147   8.513   -5.528  1.00 41.91  ? 93  TYR B C   1 
ATOM   1466 O O   . TYR B 1 93  ? 0.761   8.754   -6.564  1.00 44.53  ? 93  TYR B O   1 
ATOM   1467 C CB  . TYR B 1 93  ? -1.579  10.267  -5.332  1.00 38.06  ? 93  TYR B CB  1 
ATOM   1468 C CG  . TYR B 1 93  ? -2.409  11.162  -4.436  1.00 35.32  ? 93  TYR B CG  1 
ATOM   1469 C CD1 . TYR B 1 93  ? -1.879  12.337  -3.895  1.00 33.42  ? 93  TYR B CD1 1 
ATOM   1470 C CD2 . TYR B 1 93  ? -3.736  10.836  -4.135  1.00 32.92  ? 93  TYR B CD2 1 
ATOM   1471 C CE1 . TYR B 1 93  ? -2.648  13.163  -3.074  1.00 32.16  ? 93  TYR B CE1 1 
ATOM   1472 C CE2 . TYR B 1 93  ? -4.517  11.653  -3.315  1.00 27.60  ? 93  TYR B CE2 1 
ATOM   1473 C CZ  . TYR B 1 93  ? -3.965  12.810  -2.786  1.00 34.70  ? 93  TYR B CZ  1 
ATOM   1474 O OH  . TYR B 1 93  ? -4.711  13.584  -1.925  1.00 38.33  ? 93  TYR B OH  1 
ATOM   1475 N N   . TYR B 1 94  ? -0.096  7.281   -5.104  1.00 41.75  ? 94  TYR B N   1 
ATOM   1476 C CA  . TYR B 1 94  ? 0.336   6.139   -5.895  1.00 41.43  ? 94  TYR B CA  1 
ATOM   1477 C C   . TYR B 1 94  ? -0.853  5.242   -6.165  1.00 41.00  ? 94  TYR B C   1 
ATOM   1478 O O   . TYR B 1 94  ? -1.714  5.064   -5.303  1.00 38.77  ? 94  TYR B O   1 
ATOM   1479 C CB  . TYR B 1 94  ? 1.359   5.282   -5.159  1.00 40.02  ? 94  TYR B CB  1 
ATOM   1480 C CG  . TYR B 1 94  ? 2.483   6.009   -4.481  1.00 41.05  ? 94  TYR B CG  1 
ATOM   1481 C CD1 . TYR B 1 94  ? 2.271   6.697   -3.288  1.00 37.43  ? 94  TYR B CD1 1 
ATOM   1482 C CD2 . TYR B 1 94  ? 3.782   5.940   -4.987  1.00 40.77  ? 94  TYR B CD2 1 
ATOM   1483 C CE1 . TYR B 1 94  ? 3.322   7.285   -2.611  1.00 40.28  ? 94  TYR B CE1 1 
ATOM   1484 C CE2 . TYR B 1 94  ? 4.841   6.526   -4.318  1.00 39.55  ? 94  TYR B CE2 1 
ATOM   1485 C CZ  . TYR B 1 94  ? 4.606   7.194   -3.128  1.00 42.75  ? 94  TYR B CZ  1 
ATOM   1486 O OH  . TYR B 1 94  ? 5.663   7.745   -2.443  1.00 45.73  ? 94  TYR B OH  1 
ATOM   1487 N N   . CYS B 1 95  ? -0.918  4.684   -7.361  1.00 41.12  ? 95  CYS B N   1 
ATOM   1488 C CA  . CYS B 1 95  ? -1.985  3.749   -7.617  1.00 45.23  ? 95  CYS B CA  1 
ATOM   1489 C C   . CYS B 1 95  ? -1.300  2.398   -7.505  1.00 41.21  ? 95  CYS B C   1 
ATOM   1490 O O   . CYS B 1 95  ? -0.095  2.277   -7.743  1.00 38.47  ? 95  CYS B O   1 
ATOM   1491 C CB  . CYS B 1 95  ? -2.594  3.890   -9.017  1.00 48.47  ? 95  CYS B CB  1 
ATOM   1492 S SG  . CYS B 1 95  ? -1.464  3.500   -10.383 1.00 63.81  ? 95  CYS B SG  1 
ATOM   1493 N N   . GLN B 1 96  ? -2.067  1.400   -7.100  1.00 38.78  ? 96  GLN B N   1 
ATOM   1494 C CA  . GLN B 1 96  ? -1.546  0.060   -6.996  1.00 41.01  ? 96  GLN B CA  1 
ATOM   1495 C C   . GLN B 1 96  ? -2.576  -0.863  -7.595  1.00 41.45  ? 96  GLN B C   1 
ATOM   1496 O O   . GLN B 1 96  ? -3.759  -0.507  -7.711  1.00 39.74  ? 96  GLN B O   1 
ATOM   1497 C CB  . GLN B 1 96  ? -1.323  -0.329  -5.544  1.00 42.08  ? 96  GLN B CB  1 
ATOM   1498 C CG  . GLN B 1 96  ? -2.546  -0.135  -4.688  1.00 48.23  ? 96  GLN B CG  1 
ATOM   1499 C CD  . GLN B 1 96  ? -2.413  -0.809  -3.350  1.00 49.44  ? 96  GLN B CD  1 
ATOM   1500 O OE1 . GLN B 1 96  ? -2.391  -2.033  -3.272  1.00 55.94  ? 96  GLN B OE1 1 
ATOM   1501 N NE2 . GLN B 1 96  ? -2.303  -0.021  -2.289  1.00 46.22  ? 96  GLN B NE2 1 
ATOM   1502 N N   . ILE B 1 97  ? -2.113  -2.038  -7.998  1.00 39.54  ? 97  ILE B N   1 
ATOM   1503 C CA  . ILE B 1 97  ? -2.993  -3.050  -8.542  1.00 40.03  ? 97  ILE B CA  1 
ATOM   1504 C C   . ILE B 1 97  ? -2.708  -4.325  -7.797  1.00 40.20  ? 97  ILE B C   1 
ATOM   1505 O O   . ILE B 1 97  ? -1.560  -4.610  -7.441  1.00 32.32  ? 97  ILE B O   1 
ATOM   1506 C CB  . ILE B 1 97  ? -2.769  -3.292  -10.039 1.00 39.25  ? 97  ILE B CB  1 
ATOM   1507 C CG1 . ILE B 1 97  ? -1.284  -3.546  -10.308 1.00 38.84  ? 97  ILE B CG1 1 
ATOM   1508 C CG2 . ILE B 1 97  ? -3.320  -2.122  -10.831 1.00 46.06  ? 97  ILE B CG2 1 
ATOM   1509 N N   . GLN B 1 98  ? -3.773  -5.073  -7.540  1.00 43.78  ? 98  GLN B N   1 
ATOM   1510 C CA  . GLN B 1 98  ? -3.661  -6.336  -6.849  1.00 49.69  ? 98  GLN B CA  1 
ATOM   1511 C C   . GLN B 1 98  ? -4.345  -7.385  -7.688  1.00 52.55  ? 98  GLN B C   1 
ATOM   1512 O O   . GLN B 1 98  ? -5.564  -7.377  -7.836  1.00 54.04  ? 98  GLN B O   1 
ATOM   1513 C CB  . GLN B 1 98  ? -4.321  -6.245  -5.487  1.00 53.64  ? 98  GLN B CB  1 
ATOM   1514 C CG  . GLN B 1 98  ? -3.659  -5.241  -4.580  1.00 63.51  ? 98  GLN B CG  1 
ATOM   1515 C CD  . GLN B 1 98  ? -4.360  -5.129  -3.253  1.00 72.48  ? 98  GLN B CD  1 
ATOM   1516 O OE1 . GLN B 1 98  ? -3.963  -4.339  -2.394  1.00 79.65  ? 98  GLN B OE1 1 
ATOM   1517 N NE2 . GLN B 1 98  ? -5.414  -5.923  -3.071  1.00 71.78  ? 98  GLN B NE2 1 
ATOM   1518 N N   . CYS B 1 99  ? -3.544  -8.279  -8.253  1.00 55.76  ? 99  CYS B N   1 
ATOM   1519 C CA  . CYS B 1 99  ? -4.055  -9.357  -9.079  1.00 60.23  ? 99  CYS B CA  1 
ATOM   1520 C C   . CYS B 1 99  ? -3.806  -10.647 -8.294  1.00 63.66  ? 99  CYS B C   1 
ATOM   1521 O O   . CYS B 1 99  ? -2.656  -10.975 -8.006  1.00 67.60  ? 99  CYS B O   1 
ATOM   1522 C CB  . CYS B 1 99  ? -3.282  -9.389  -10.394 1.00 59.81  ? 99  CYS B CB  1 
ATOM   1523 S SG  . CYS B 1 99  ? -3.196  -7.791  -11.266 1.00 60.45  ? 99  CYS B SG  1 
ATOM   1524 N N   . GLY B 1 100 ? -4.861  -11.371 -7.930  1.00 64.25  ? 100 GLY B N   1 
ATOM   1525 C CA  . GLY B 1 100 ? -4.648  -12.602 -7.188  1.00 64.29  ? 100 GLY B CA  1 
ATOM   1526 C C   . GLY B 1 100 ? -5.845  -13.215 -6.492  1.00 64.06  ? 100 GLY B C   1 
ATOM   1527 O O   . GLY B 1 100 ? -6.836  -12.545 -6.224  1.00 63.07  ? 100 GLY B O   1 
ATOM   1528 N N   . VAL B 1 101 ? -5.730  -14.511 -6.207  1.00 65.54  ? 101 VAL B N   1 
ATOM   1529 C CA  . VAL B 1 101 ? -6.761  -15.298 -5.524  1.00 64.86  ? 101 VAL B CA  1 
ATOM   1530 C C   . VAL B 1 101 ? -6.098  -16.513 -4.870  1.00 65.79  ? 101 VAL B C   1 
ATOM   1531 O O   . VAL B 1 101 ? -5.970  -16.588 -3.647  1.00 65.74  ? 101 VAL B O   1 
ATOM   1532 C CB  . VAL B 1 101 ? -7.842  -15.826 -6.504  1.00 62.72  ? 101 VAL B CB  1 
ATOM   1533 C CG1 . VAL B 1 101 ? -8.845  -16.679 -5.753  1.00 60.87  ? 101 VAL B CG1 1 
ATOM   1534 C CG2 . VAL B 1 101 ? -8.560  -14.677 -7.178  1.00 62.25  ? 101 VAL B CG2 1 
ATOM   1535 N N   . ILE B 1 104 ? -1.689  -13.164 -3.082  1.00 64.44  ? 104 ILE B N   1 
ATOM   1536 C CA  . ILE B 1 104 ? -1.936  -11.797 -3.532  1.00 64.80  ? 104 ILE B CA  1 
ATOM   1537 C C   . ILE B 1 104 ? -0.647  -11.082 -3.941  1.00 62.97  ? 104 ILE B C   1 
ATOM   1538 O O   . ILE B 1 104 ? 0.325   -11.039 -3.190  1.00 62.53  ? 104 ILE B O   1 
ATOM   1539 C CB  . ILE B 1 104 ? -2.632  -10.965 -2.432  1.00 65.08  ? 104 ILE B CB  1 
ATOM   1540 N N   . ARG B 1 105 ? -0.640  -10.535 -5.150  1.00 61.29  ? 105 ARG B N   1 
ATOM   1541 C CA  . ARG B 1 105 ? 0.523   -9.812  -5.645  1.00 59.20  ? 105 ARG B CA  1 
ATOM   1542 C C   . ARG B 1 105 ? 0.090   -8.399  -6.008  1.00 56.53  ? 105 ARG B C   1 
ATOM   1543 O O   . ARG B 1 105 ? -0.861  -8.219  -6.769  1.00 56.76  ? 105 ARG B O   1 
ATOM   1544 C CB  . ARG B 1 105 ? 1.106   -10.507 -6.883  1.00 60.34  ? 105 ARG B CB  1 
ATOM   1545 C CG  . ARG B 1 105 ? 1.663   -11.899 -6.626  1.00 58.00  ? 105 ARG B CG  1 
ATOM   1546 N N   . GLU B 1 106 ? 0.773   -7.401  -5.458  1.00 52.53  ? 106 GLU B N   1 
ATOM   1547 C CA  . GLU B 1 106 ? 0.423   -6.022  -5.762  1.00 52.58  ? 106 GLU B CA  1 
ATOM   1548 C C   . GLU B 1 106 ? 1.609   -5.188  -6.245  1.00 50.61  ? 106 GLU B C   1 
ATOM   1549 O O   . GLU B 1 106 ? 2.747   -5.378  -5.827  1.00 49.50  ? 106 GLU B O   1 
ATOM   1550 C CB  . GLU B 1 106 ? -0.246  -5.348  -4.555  1.00 54.99  ? 106 GLU B CB  1 
ATOM   1551 C CG  . GLU B 1 106 ? 0.648   -5.266  -3.353  1.00 52.29  ? 106 GLU B CG  1 
ATOM   1552 O OE1 . GLU B 1 106 ? -1.096  -3.971  -2.157  1.00 51.48  ? 106 GLU B OE1 1 
ATOM   1553 O OE2 . GLU B 1 106 ? -0.164  -5.667  -1.012  1.00 68.00  ? 106 GLU B OE2 1 
ATOM   1554 N N   . TYR B 1 107 ? 1.322   -4.256  -7.142  1.00 49.61  ? 107 TYR B N   1 
ATOM   1555 C CA  . TYR B 1 107 ? 2.346   -3.406  -7.707  1.00 48.32  ? 107 TYR B CA  1 
ATOM   1556 C C   . TYR B 1 107 ? 1.961   -1.946  -7.522  1.00 45.93  ? 107 TYR B C   1 
ATOM   1557 O O   . TYR B 1 107 ? 0.784   -1.613  -7.386  1.00 43.18  ? 107 TYR B O   1 
ATOM   1558 C CB  . TYR B 1 107 ? 2.519   -3.735  -9.191  1.00 54.66  ? 107 TYR B CB  1 
ATOM   1559 C CG  . TYR B 1 107 ? 2.532   -5.224  -9.469  1.00 62.22  ? 107 TYR B CG  1 
ATOM   1560 C CD1 . TYR B 1 107 ? 1.347   -5.967  -9.437  1.00 63.73  ? 107 TYR B CD1 1 
ATOM   1561 C CD2 . TYR B 1 107 ? 3.730   -5.907  -9.690  1.00 65.72  ? 107 TYR B CD2 1 
ATOM   1562 C CE1 . TYR B 1 107 ? 1.352   -7.351  -9.611  1.00 67.73  ? 107 TYR B CE1 1 
ATOM   1563 C CE2 . TYR B 1 107 ? 3.749   -7.294  -9.865  1.00 71.16  ? 107 TYR B CE2 1 
ATOM   1564 C CZ  . TYR B 1 107 ? 2.553   -8.009  -9.821  1.00 71.57  ? 107 TYR B CZ  1 
ATOM   1565 O OH  . TYR B 1 107 ? 2.560   -9.381  -9.970  1.00 77.35  ? 107 TYR B OH  1 
ATOM   1566 N N   . TRP B 1 108 ? 2.968   -1.084  -7.515  1.00 45.08  ? 108 TRP B N   1 
ATOM   1567 C CA  . TRP B 1 108 ? 2.773   0.344   -7.333  1.00 44.34  ? 108 TRP B CA  1 
ATOM   1568 C C   . TRP B 1 108 ? 3.440   1.143   -8.414  1.00 44.43  ? 108 TRP B C   1 
ATOM   1569 O O   . TRP B 1 108 ? 4.426   0.705   -8.988  1.00 43.11  ? 108 TRP B O   1 
ATOM   1570 C CB  . TRP B 1 108 ? 3.373   0.790   -6.014  1.00 44.32  ? 108 TRP B CB  1 
ATOM   1571 C CG  . TRP B 1 108 ? 2.538   0.509   -4.852  1.00 44.58  ? 108 TRP B CG  1 
ATOM   1572 C CD1 . TRP B 1 108 ? 1.502   1.269   -4.373  1.00 42.40  ? 108 TRP B CD1 1 
ATOM   1573 C CD2 . TRP B 1 108 ? 2.636   -0.626  -4.001  1.00 40.87  ? 108 TRP B CD2 1 
ATOM   1574 N NE1 . TRP B 1 108 ? 0.952   0.670   -3.266  1.00 41.04  ? 108 TRP B NE1 1 
ATOM   1575 C CE2 . TRP B 1 108 ? 1.630   -0.495  -3.017  1.00 42.96  ? 108 TRP B CE2 1 
ATOM   1576 C CE3 . TRP B 1 108 ? 3.478   -1.742  -3.974  1.00 34.79  ? 108 TRP B CE3 1 
ATOM   1577 C CZ2 . TRP B 1 108 ? 1.443   -1.446  -2.012  1.00 46.89  ? 108 TRP B CZ2 1 
ATOM   1578 C CZ3 . TRP B 1 108 ? 3.295   -2.683  -2.978  1.00 42.74  ? 108 TRP B CZ3 1 
ATOM   1579 C CH2 . TRP B 1 108 ? 2.283   -2.531  -2.007  1.00 47.05  ? 108 TRP B CH2 1 
ATOM   1580 N N   . GLY B 1 109 ? 2.906   2.332   -8.665  1.00 46.26  ? 109 GLY B N   1 
ATOM   1581 C CA  . GLY B 1 109 ? 3.495   3.207   -9.657  1.00 47.35  ? 109 GLY B CA  1 
ATOM   1582 C C   . GLY B 1 109 ? 4.592   4.024   -8.993  1.00 49.25  ? 109 GLY B C   1 
ATOM   1583 O O   . GLY B 1 109 ? 4.901   3.839   -7.813  1.00 50.40  ? 109 GLY B O   1 
ATOM   1584 N N   . GLN B 1 110 ? 5.187   4.940   -9.744  1.00 50.50  ? 110 GLN B N   1 
ATOM   1585 C CA  . GLN B 1 110 ? 6.254   5.765   -9.200  1.00 49.46  ? 110 GLN B CA  1 
ATOM   1586 C C   . GLN B 1 110 ? 5.685   6.801   -8.243  1.00 48.92  ? 110 GLN B C   1 
ATOM   1587 O O   . GLN B 1 110 ? 6.326   7.176   -7.261  1.00 51.27  ? 110 GLN B O   1 
ATOM   1588 C CB  . GLN B 1 110 ? 7.020   6.444   -10.336 1.00 50.61  ? 110 GLN B CB  1 
ATOM   1589 C CG  . GLN B 1 110 ? 7.630   5.467   -11.311 1.00 57.50  ? 110 GLN B CG  1 
ATOM   1590 O OE1 . GLN B 1 110 ? 9.612   4.844   -9.890  1.00 90.85  ? 110 GLN B OE1 1 
ATOM   1591 N NE2 . GLN B 1 110 ? 10.066  5.561   -12.057 1.00 105.53 ? 110 GLN B NE2 1 
ATOM   1592 N N   . GLY B 1 111 ? 4.472   7.255   -8.524  1.00 48.87  ? 111 GLY B N   1 
ATOM   1593 C CA  . GLY B 1 111 ? 3.847   8.239   -7.667  1.00 48.20  ? 111 GLY B CA  1 
ATOM   1594 C C   . GLY B 1 111 ? 3.718   9.571   -8.368  1.00 50.02  ? 111 GLY B C   1 
ATOM   1595 O O   . GLY B 1 111 ? 4.467   9.870   -9.293  1.00 52.59  ? 111 GLY B O   1 
ATOM   1596 N N   . THR B 1 112 ? 2.762   10.376  -7.930  1.00 50.18  ? 112 THR B N   1 
ATOM   1597 C CA  . THR B 1 112 ? 2.546   11.684  -8.525  1.00 50.21  ? 112 THR B CA  1 
ATOM   1598 C C   . THR B 1 112 ? 2.238   12.664  -7.392  1.00 50.31  ? 112 THR B C   1 
ATOM   1599 O O   . THR B 1 112 ? 1.359   12.424  -6.557  1.00 51.43  ? 112 THR B O   1 
ATOM   1600 C CB  . THR B 1 112 ? 1.394   11.624  -9.575  1.00 49.39  ? 112 THR B CB  1 
ATOM   1601 O OG1 . THR B 1 112 ? 1.207   12.912  -10.168 1.00 55.50  ? 112 THR B OG1 1 
ATOM   1602 C CG2 . THR B 1 112 ? 0.102   11.171  -8.937  1.00 50.81  ? 112 THR B CG2 1 
ATOM   1603 N N   . GLN B 1 113 ? 2.986   13.761  -7.358  1.00 50.05  ? 113 GLN B N   1 
ATOM   1604 C CA  . GLN B 1 113 ? 2.841   14.773  -6.316  1.00 48.54  ? 113 GLN B CA  1 
ATOM   1605 C C   . GLN B 1 113 ? 1.623   15.670  -6.519  1.00 45.37  ? 113 GLN B C   1 
ATOM   1606 O O   . GLN B 1 113 ? 1.318   16.080  -7.640  1.00 45.39  ? 113 GLN B O   1 
ATOM   1607 C CB  . GLN B 1 113 ? 4.124   15.614  -6.263  1.00 51.74  ? 113 GLN B CB  1 
ATOM   1608 C CG  . GLN B 1 113 ? 4.135   16.731  -5.246  1.00 60.47  ? 113 GLN B CG  1 
ATOM   1609 C CD  . GLN B 1 113 ? 4.069   16.233  -3.819  1.00 66.37  ? 113 GLN B CD  1 
ATOM   1610 O OE1 . GLN B 1 113 ? 4.922   15.460  -3.383  1.00 72.13  ? 113 GLN B OE1 1 
ATOM   1611 N NE2 . GLN B 1 113 ? 3.059   16.683  -3.077  1.00 66.59  ? 113 GLN B NE2 1 
ATOM   1612 N N   . VAL B 1 114 ? 0.920   15.950  -5.427  1.00 41.98  ? 114 VAL B N   1 
ATOM   1613 C CA  . VAL B 1 114 ? -0.254  16.813  -5.457  1.00 44.76  ? 114 VAL B CA  1 
ATOM   1614 C C   . VAL B 1 114 ? -0.131  17.773  -4.278  1.00 49.40  ? 114 VAL B C   1 
ATOM   1615 O O   . VAL B 1 114 ? -0.268  17.372  -3.122  1.00 49.07  ? 114 VAL B O   1 
ATOM   1616 C CB  . VAL B 1 114 ? -1.580  16.011  -5.325  1.00 42.88  ? 114 VAL B CB  1 
ATOM   1617 C CG1 . VAL B 1 114 ? -2.771  16.953  -5.407  1.00 36.87  ? 114 VAL B CG1 1 
ATOM   1618 C CG2 . VAL B 1 114 ? -1.677  14.973  -6.420  1.00 41.24  ? 114 VAL B CG2 1 
ATOM   1619 N N   . THR B 1 115 ? 0.138   19.039  -4.586  1.00 53.27  ? 115 THR B N   1 
ATOM   1620 C CA  . THR B 1 115 ? 0.315   20.076  -3.575  1.00 54.09  ? 115 THR B CA  1 
ATOM   1621 C C   . THR B 1 115 ? -0.879  21.024  -3.537  1.00 55.33  ? 115 THR B C   1 
ATOM   1622 O O   . THR B 1 115 ? -1.042  21.853  -4.423  1.00 54.45  ? 115 THR B O   1 
ATOM   1623 C CB  . THR B 1 115 ? 1.576   20.908  -3.873  1.00 53.49  ? 115 THR B CB  1 
ATOM   1624 O OG1 . THR B 1 115 ? 2.705   20.037  -4.009  1.00 57.82  ? 115 THR B OG1 1 
ATOM   1625 C CG2 . THR B 1 115 ? 1.843   21.880  -2.750  1.00 51.17  ? 115 THR B CG2 1 
ATOM   1626 N N   . VAL B 1 116 ? -1.704  20.905  -2.505  1.00 57.74  ? 116 VAL B N   1 
ATOM   1627 C CA  . VAL B 1 116 ? -2.877  21.758  -2.363  1.00 61.87  ? 116 VAL B CA  1 
ATOM   1628 C C   . VAL B 1 116 ? -2.575  23.029  -1.573  1.00 65.87  ? 116 VAL B C   1 
ATOM   1629 O O   . VAL B 1 116 ? -2.639  23.036  -0.338  1.00 66.40  ? 116 VAL B O   1 
ATOM   1630 C CB  . VAL B 1 116 ? -4.020  21.014  -1.655  1.00 62.65  ? 116 VAL B CB  1 
ATOM   1631 C CG1 . VAL B 1 116 ? -5.192  21.963  -1.427  1.00 62.13  ? 116 VAL B CG1 1 
ATOM   1632 C CG2 . VAL B 1 116 ? -4.455  19.819  -2.490  1.00 61.90  ? 116 VAL B CG2 1 
ATOM   1633 N N   . SER B 1 117 ? -2.265  24.106  -2.289  1.00 68.64  ? 117 SER B N   1 
ATOM   1634 C CA  . SER B 1 117 ? -1.951  25.390  -1.661  1.00 70.62  ? 117 SER B CA  1 
ATOM   1635 C C   . SER B 1 117 ? -3.142  25.934  -0.878  1.00 70.51  ? 117 SER B C   1 
ATOM   1636 O O   . SER B 1 117 ? -3.261  27.142  -0.669  1.00 72.32  ? 117 SER B O   1 
ATOM   1637 C CB  . SER B 1 117 ? -1.542  26.402  -2.731  1.00 72.17  ? 117 SER B CB  1 
ATOM   1638 O OG  . SER B 1 117 ? -0.519  25.872  -3.558  1.00 75.49  ? 117 SER B OG  1 
HETATM 1639 O O   . HOH C 2 .   ? -12.778 1.748   9.595   1.00 76.26  ? 125 HOH A O   1 
HETATM 1640 O O   . HOH C 2 .   ? 29.183  -2.015  7.379   1.00 79.17  ? 126 HOH A O   1 
HETATM 1641 O O   . HOH C 2 .   ? -13.507 -16.777 5.989   1.00 60.38  ? 127 HOH A O   1 
HETATM 1642 O O   . HOH C 2 .   ? 9.044   -10.938 -7.873  1.00 64.71  ? 128 HOH A O   1 
HETATM 1643 O O   . HOH C 2 .   ? 12.127  -15.678 17.737  1.00 68.08  ? 129 HOH A O   1 
HETATM 1644 O O   . HOH C 2 .   ? 23.244  -4.405  0.239   1.00 75.13  ? 130 HOH A O   1 
HETATM 1645 O O   . HOH C 2 .   ? 6.414   -17.021 -4.175  1.00 61.00  ? 131 HOH A O   1 
HETATM 1646 O O   . HOH D 2 .   ? -15.694 -2.923  -14.725 1.00 56.05  ? 125 HOH B O   1 
HETATM 1647 O O   . HOH D 2 .   ? -5.215  3.645   5.682   1.00 52.79  ? 126 HOH B O   1 
HETATM 1648 O O   . HOH D 2 .   ? 1.331   14.618  -15.921 1.00 53.56  ? 127 HOH B O   1 
HETATM 1649 O O   . HOH D 2 .   ? 5.433   14.217  -9.279  1.00 55.54  ? 128 HOH B O   1 
HETATM 1650 O O   . HOH D 2 .   ? -15.974 11.489  -13.136 1.00 52.77  ? 129 HOH B O   1 
HETATM 1651 O O   . HOH D 2 .   ? -18.063 3.227   0.417   1.00 56.18  ? 130 HOH B O   1 
HETATM 1652 O O   . HOH D 2 .   ? -7.758  -2.956  -15.019 1.00 66.18  ? 131 HOH B O   1 
HETATM 1653 O O   . HOH D 2 .   ? -2.755  -16.469 -2.932  1.00 54.81  ? 132 HOH B O   1 
HETATM 1654 O O   . HOH D 2 .   ? -3.990  -17.702 -7.907  1.00 37.44  ? 133 HOH B O   1 
HETATM 1655 O O   . HOH D 2 .   ? -14.383 1.343   -20.754 1.00 69.65  ? 134 HOH B O   1 
# 
